data_1TJK
# 
_entry.id   1TJK 
# 
_audit_conform.dict_name       mmcif_pdbx.dic 
_audit_conform.dict_version    5.398 
_audit_conform.dict_location   http://mmcif.pdb.org/dictionaries/ascii/mmcif_pdbx.dic 
# 
loop_
_database_2.database_id 
_database_2.database_code 
_database_2.pdbx_database_accession 
_database_2.pdbx_DOI 
PDB   1TJK         pdb_00001tjk 10.2210/pdb1tjk/pdb 
RCSB  RCSB022690   ?            ?                   
WWPDB D_1000022690 ?            ?                   
# 
loop_
_pdbx_audit_revision_history.ordinal 
_pdbx_audit_revision_history.data_content_type 
_pdbx_audit_revision_history.major_revision 
_pdbx_audit_revision_history.minor_revision 
_pdbx_audit_revision_history.revision_date 
1 'Structure model' 1 0 2004-06-15 
2 'Structure model' 1 1 2008-04-30 
3 'Structure model' 1 2 2011-07-13 
4 'Structure model' 1 3 2017-10-11 
5 'Structure model' 1 4 2023-08-23 
6 'Structure model' 1 5 2024-11-06 
# 
_pdbx_audit_revision_details.ordinal             1 
_pdbx_audit_revision_details.revision_ordinal    1 
_pdbx_audit_revision_details.data_content_type   'Structure model' 
_pdbx_audit_revision_details.provider            repository 
_pdbx_audit_revision_details.type                'Initial release' 
_pdbx_audit_revision_details.description         ? 
_pdbx_audit_revision_details.details             ? 
# 
loop_
_pdbx_audit_revision_group.ordinal 
_pdbx_audit_revision_group.revision_ordinal 
_pdbx_audit_revision_group.data_content_type 
_pdbx_audit_revision_group.group 
1 2 'Structure model' 'Version format compliance' 
2 3 'Structure model' 'Version format compliance' 
3 4 'Structure model' 'Refinement description'    
4 5 'Structure model' 'Data collection'           
5 5 'Structure model' 'Database references'       
6 5 'Structure model' 'Derived calculations'      
7 5 'Structure model' 'Refinement description'    
8 6 'Structure model' 'Structure summary'         
# 
loop_
_pdbx_audit_revision_category.ordinal 
_pdbx_audit_revision_category.revision_ordinal 
_pdbx_audit_revision_category.data_content_type 
_pdbx_audit_revision_category.category 
1  4 'Structure model' software                      
2  5 'Structure model' chem_comp_atom                
3  5 'Structure model' chem_comp_bond                
4  5 'Structure model' database_2                    
5  5 'Structure model' diffrn_source                 
6  5 'Structure model' pdbx_initial_refinement_model 
7  5 'Structure model' struct_ref_seq_dif            
8  5 'Structure model' struct_site                   
9  6 'Structure model' pdbx_entry_details            
10 6 'Structure model' pdbx_modification_feature     
# 
loop_
_pdbx_audit_revision_item.ordinal 
_pdbx_audit_revision_item.revision_ordinal 
_pdbx_audit_revision_item.data_content_type 
_pdbx_audit_revision_item.item 
1 4 'Structure model' '_software.classification'             
2 4 'Structure model' '_software.name'                       
3 5 'Structure model' '_database_2.pdbx_DOI'                 
4 5 'Structure model' '_database_2.pdbx_database_accession'  
5 5 'Structure model' '_diffrn_source.pdbx_synchrotron_site' 
6 5 'Structure model' '_struct_ref_seq_dif.details'          
7 5 'Structure model' '_struct_site.pdbx_auth_asym_id'       
8 5 'Structure model' '_struct_site.pdbx_auth_comp_id'       
9 5 'Structure model' '_struct_site.pdbx_auth_seq_id'        
# 
_pdbx_database_status.status_code                     REL 
_pdbx_database_status.entry_id                        1TJK 
_pdbx_database_status.recvd_initial_deposition_date   2004-06-06 
_pdbx_database_status.deposit_site                    RCSB 
_pdbx_database_status.process_site                    RCSB 
_pdbx_database_status.SG_entry                        . 
_pdbx_database_status.pdb_format_compatible           Y 
_pdbx_database_status.status_code_mr                  ? 
_pdbx_database_status.status_code_sf                  ? 
_pdbx_database_status.status_code_cs                  ? 
_pdbx_database_status.methods_development_category    ? 
_pdbx_database_status.status_code_nmr_data            ? 
# 
loop_
_pdbx_database_related.db_name 
_pdbx_database_related.db_id 
_pdbx_database_related.details 
_pdbx_database_related.content_type 
PDB 1SXK 
;Crystal Structure Of A Complex Formed Between Phospholipase A2 and A Non-Specific Anti-Inflammatory Amino Salicylic Acid At 1.2 A Resolution
;
unspecified 
PDB 1SV9 
;Crystal Structure Of The Complex Formed Between Groupii Phospholipase A2 and Anti-Inflammatory Agent 2-[(2,6- Dichlorophenyl)Amino] Benzeneacetic Acid At 2.7A Resolution  
Toxin
;
unspecified 
PDB 1TG1 . unspecified 
PDB 1TG4 . unspecified 
PDB 1TGM . unspecified 
PDB 1TH6 . unspecified 
PDB 1TI0 . unspecified 
PDB 1TJ9 . unspecified 
# 
loop_
_audit_author.name 
_audit_author.pdbx_ordinal 
'Singh, N.'       1 
'Jabeen, T.'      2 
'Somvanshi, R.K.' 3 
'Sharma, S.'      4 
'Perbandt, M.'    5 
'Dey, S.'         6 
'Betzel, C.'      7 
'Singh, T.P.'     8 
# 
_citation.id                        primary 
_citation.title                     
;Crystal structure of the complex formed between group II phospholipase A2 with a designed pentapeptide, Phe - Leu - Ser - Thr - Lys at 1.2 A resolution
;
_citation.journal_abbrev            'To be Published' 
_citation.journal_volume            ? 
_citation.page_first                ? 
_citation.page_last                 ? 
_citation.year                      ? 
_citation.journal_id_ASTM           ? 
_citation.country                   ? 
_citation.journal_id_ISSN           ? 
_citation.journal_id_CSD            0353 
_citation.book_publisher            ? 
_citation.pdbx_database_id_PubMed   ? 
_citation.pdbx_database_id_DOI      ? 
# 
loop_
_citation_author.citation_id 
_citation_author.name 
_citation_author.ordinal 
_citation_author.identifier_ORCID 
primary 'Singh, N.'       1 ? 
primary 'Jabeen, T.'      2 ? 
primary 'Somvanshi, R.K.' 3 ? 
primary 'Sharma, S.'      4 ? 
primary 'Perbandt, M.'    5 ? 
primary 'Dey, S.'         6 ? 
primary 'Betzel, C.'      7 ? 
primary 'Singh, T.P.'     8 ? 
# 
loop_
_entity.id 
_entity.type 
_entity.src_method 
_entity.pdbx_description 
_entity.formula_weight 
_entity.pdbx_number_of_molecules 
_entity.pdbx_ec 
_entity.pdbx_mutation 
_entity.pdbx_fragment 
_entity.details 
1 polymer     nat 'Phospholipase A2'  13587.664 1   3.1.1.4 ? ? ? 
2 polymer     syn 'synthetic peptide' 595.708   1   ?       ? ? ? 
3 non-polymer syn 'SULFATE ION'       96.063    4   ?       ? ? ? 
4 water       nat water               18.015    232 ?       ? ? ? 
# 
_entity_name_com.entity_id   1 
_entity_name_com.name        'Phosphatidylcholine 2- acylhydrolase, DPLA2' 
# 
loop_
_entity_poly.entity_id 
_entity_poly.type 
_entity_poly.nstd_linkage 
_entity_poly.nstd_monomer 
_entity_poly.pdbx_seq_one_letter_code 
_entity_poly.pdbx_seq_one_letter_code_can 
_entity_poly.pdbx_strand_id 
_entity_poly.pdbx_target_identifier 
1 'polypeptide(L)' no no 
;SLLEFGKMILEETGKLAIPSYSSYGCYCGWGGSGTPKDATDRCCFVHDCCYGNLPDCNPKSDRYKYKRVNGAIVCEKGTS
CENRICECDKAAAICFRQNLNTYSKKYMLYPDFLCKGELKC
;
;SLLEFGKMILEETGKLAIPSYSSYGCYCGWGGSGTPKDATDRCCFVHDCCYGNLPDCNPKSDRYKYKRVNGAIVCEKGTS
CENRICECDKAAAICFRQNLNTYSKKYMLYPDFLCKGELKC
;
A ? 
2 'polypeptide(L)' no no FLSTK FLSTK I ? 
# 
loop_
_pdbx_entity_nonpoly.entity_id 
_pdbx_entity_nonpoly.name 
_pdbx_entity_nonpoly.comp_id 
3 'SULFATE ION' SO4 
4 water         HOH 
# 
loop_
_entity_poly_seq.entity_id 
_entity_poly_seq.num 
_entity_poly_seq.mon_id 
_entity_poly_seq.hetero 
1 1   SER n 
1 2   LEU n 
1 3   LEU n 
1 4   GLU n 
1 5   PHE n 
1 6   GLY n 
1 7   LYS n 
1 8   MET n 
1 9   ILE n 
1 10  LEU n 
1 11  GLU n 
1 12  GLU n 
1 13  THR n 
1 14  GLY n 
1 15  LYS n 
1 16  LEU n 
1 17  ALA n 
1 18  ILE n 
1 19  PRO n 
1 20  SER n 
1 21  TYR n 
1 22  SER n 
1 23  SER n 
1 24  TYR n 
1 25  GLY n 
1 26  CYS n 
1 27  TYR n 
1 28  CYS n 
1 29  GLY n 
1 30  TRP n 
1 31  GLY n 
1 32  GLY n 
1 33  SER n 
1 34  GLY n 
1 35  THR n 
1 36  PRO n 
1 37  LYS n 
1 38  ASP n 
1 39  ALA n 
1 40  THR n 
1 41  ASP n 
1 42  ARG n 
1 43  CYS n 
1 44  CYS n 
1 45  PHE n 
1 46  VAL n 
1 47  HIS n 
1 48  ASP n 
1 49  CYS n 
1 50  CYS n 
1 51  TYR n 
1 52  GLY n 
1 53  ASN n 
1 54  LEU n 
1 55  PRO n 
1 56  ASP n 
1 57  CYS n 
1 58  ASN n 
1 59  PRO n 
1 60  LYS n 
1 61  SER n 
1 62  ASP n 
1 63  ARG n 
1 64  TYR n 
1 65  LYS n 
1 66  TYR n 
1 67  LYS n 
1 68  ARG n 
1 69  VAL n 
1 70  ASN n 
1 71  GLY n 
1 72  ALA n 
1 73  ILE n 
1 74  VAL n 
1 75  CYS n 
1 76  GLU n 
1 77  LYS n 
1 78  GLY n 
1 79  THR n 
1 80  SER n 
1 81  CYS n 
1 82  GLU n 
1 83  ASN n 
1 84  ARG n 
1 85  ILE n 
1 86  CYS n 
1 87  GLU n 
1 88  CYS n 
1 89  ASP n 
1 90  LYS n 
1 91  ALA n 
1 92  ALA n 
1 93  ALA n 
1 94  ILE n 
1 95  CYS n 
1 96  PHE n 
1 97  ARG n 
1 98  GLN n 
1 99  ASN n 
1 100 LEU n 
1 101 ASN n 
1 102 THR n 
1 103 TYR n 
1 104 SER n 
1 105 LYS n 
1 106 LYS n 
1 107 TYR n 
1 108 MET n 
1 109 LEU n 
1 110 TYR n 
1 111 PRO n 
1 112 ASP n 
1 113 PHE n 
1 114 LEU n 
1 115 CYS n 
1 116 LYS n 
1 117 GLY n 
1 118 GLU n 
1 119 LEU n 
1 120 LYS n 
1 121 CYS n 
2 1   PHE n 
2 2   LEU n 
2 3   SER n 
2 4   THR n 
2 5   LYS n 
# 
_entity_src_nat.entity_id                  1 
_entity_src_nat.pdbx_src_id                1 
_entity_src_nat.pdbx_alt_source_flag       sample 
_entity_src_nat.pdbx_beg_seq_num           ? 
_entity_src_nat.pdbx_end_seq_num           ? 
_entity_src_nat.common_name                ? 
_entity_src_nat.pdbx_organism_scientific   'Daboia russellii pulchella' 
_entity_src_nat.pdbx_ncbi_taxonomy_id      97228 
_entity_src_nat.genus                      Daboia 
_entity_src_nat.species                    'Daboia russellii' 
_entity_src_nat.strain                     pulchella 
_entity_src_nat.tissue                     Venom 
_entity_src_nat.tissue_fraction            ? 
_entity_src_nat.pdbx_secretion             ? 
_entity_src_nat.pdbx_fragment              ? 
_entity_src_nat.pdbx_variant               ? 
_entity_src_nat.pdbx_cell_line             ? 
_entity_src_nat.pdbx_atcc                  ? 
_entity_src_nat.pdbx_cellular_location     ? 
_entity_src_nat.pdbx_organ                 ? 
_entity_src_nat.pdbx_organelle             ? 
_entity_src_nat.pdbx_cell                  ? 
_entity_src_nat.pdbx_plasmid_name          ? 
_entity_src_nat.pdbx_plasmid_details       ? 
_entity_src_nat.details                    ? 
# 
loop_
_chem_comp.id 
_chem_comp.type 
_chem_comp.mon_nstd_flag 
_chem_comp.name 
_chem_comp.pdbx_synonyms 
_chem_comp.formula 
_chem_comp.formula_weight 
ALA 'L-peptide linking' y ALANINE         ? 'C3 H7 N O2'     89.093  
ARG 'L-peptide linking' y ARGININE        ? 'C6 H15 N4 O2 1' 175.209 
ASN 'L-peptide linking' y ASPARAGINE      ? 'C4 H8 N2 O3'    132.118 
ASP 'L-peptide linking' y 'ASPARTIC ACID' ? 'C4 H7 N O4'     133.103 
CYS 'L-peptide linking' y CYSTEINE        ? 'C3 H7 N O2 S'   121.158 
GLN 'L-peptide linking' y GLUTAMINE       ? 'C5 H10 N2 O3'   146.144 
GLU 'L-peptide linking' y 'GLUTAMIC ACID' ? 'C5 H9 N O4'     147.129 
GLY 'peptide linking'   y GLYCINE         ? 'C2 H5 N O2'     75.067  
HIS 'L-peptide linking' y HISTIDINE       ? 'C6 H10 N3 O2 1' 156.162 
HOH non-polymer         . WATER           ? 'H2 O'           18.015  
ILE 'L-peptide linking' y ISOLEUCINE      ? 'C6 H13 N O2'    131.173 
LEU 'L-peptide linking' y LEUCINE         ? 'C6 H13 N O2'    131.173 
LYS 'L-peptide linking' y LYSINE          ? 'C6 H15 N2 O2 1' 147.195 
MET 'L-peptide linking' y METHIONINE      ? 'C5 H11 N O2 S'  149.211 
PHE 'L-peptide linking' y PHENYLALANINE   ? 'C9 H11 N O2'    165.189 
PRO 'L-peptide linking' y PROLINE         ? 'C5 H9 N O2'     115.130 
SER 'L-peptide linking' y SERINE          ? 'C3 H7 N O3'     105.093 
SO4 non-polymer         . 'SULFATE ION'   ? 'O4 S -2'        96.063  
THR 'L-peptide linking' y THREONINE       ? 'C4 H9 N O3'     119.119 
TRP 'L-peptide linking' y TRYPTOPHAN      ? 'C11 H12 N2 O2'  204.225 
TYR 'L-peptide linking' y TYROSINE        ? 'C9 H11 N O3'    181.189 
VAL 'L-peptide linking' y VALINE          ? 'C5 H11 N O2'    117.146 
# 
loop_
_pdbx_poly_seq_scheme.asym_id 
_pdbx_poly_seq_scheme.entity_id 
_pdbx_poly_seq_scheme.seq_id 
_pdbx_poly_seq_scheme.mon_id 
_pdbx_poly_seq_scheme.ndb_seq_num 
_pdbx_poly_seq_scheme.pdb_seq_num 
_pdbx_poly_seq_scheme.auth_seq_num 
_pdbx_poly_seq_scheme.pdb_mon_id 
_pdbx_poly_seq_scheme.auth_mon_id 
_pdbx_poly_seq_scheme.pdb_strand_id 
_pdbx_poly_seq_scheme.pdb_ins_code 
_pdbx_poly_seq_scheme.hetero 
A 1 1   SER 1   1   1   SER SER A . n 
A 1 2   LEU 2   2   2   LEU LEU A . n 
A 1 3   LEU 3   3   3   LEU LEU A . n 
A 1 4   GLU 4   4   4   GLU GLU A . n 
A 1 5   PHE 5   5   5   PHE PHE A . n 
A 1 6   GLY 6   6   6   GLY GLY A . n 
A 1 7   LYS 7   7   7   LYS LYS A . n 
A 1 8   MET 8   8   8   MET MET A . n 
A 1 9   ILE 9   9   9   ILE ILE A . n 
A 1 10  LEU 10  10  10  LEU LEU A . n 
A 1 11  GLU 11  11  11  GLU GLU A . n 
A 1 12  GLU 12  12  12  GLU GLU A . n 
A 1 13  THR 13  13  13  THR THR A . n 
A 1 14  GLY 14  14  14  GLY GLY A . n 
A 1 15  LYS 15  16  16  LYS LYS A . n 
A 1 16  LEU 16  17  17  LEU LEU A . n 
A 1 17  ALA 17  18  18  ALA ALA A . n 
A 1 18  ILE 18  19  19  ILE ILE A . n 
A 1 19  PRO 19  20  20  PRO PRO A . n 
A 1 20  SER 20  21  21  SER SER A . n 
A 1 21  TYR 21  22  22  TYR TYR A . n 
A 1 22  SER 22  23  23  SER SER A . n 
A 1 23  SER 23  24  24  SER SER A . n 
A 1 24  TYR 24  25  25  TYR TYR A . n 
A 1 25  GLY 25  26  26  GLY GLY A . n 
A 1 26  CYS 26  27  27  CYS CYS A . n 
A 1 27  TYR 27  28  28  TYR TYR A . n 
A 1 28  CYS 28  29  29  CYS CYS A . n 
A 1 29  GLY 29  30  30  GLY GLY A . n 
A 1 30  TRP 30  31  31  TRP TRP A . n 
A 1 31  GLY 31  32  32  GLY GLY A . n 
A 1 32  GLY 32  33  33  GLY GLY A . n 
A 1 33  SER 33  34  34  SER SER A . n 
A 1 34  GLY 34  35  35  GLY GLY A . n 
A 1 35  THR 35  36  36  THR THR A . n 
A 1 36  PRO 36  37  37  PRO PRO A . n 
A 1 37  LYS 37  38  38  LYS LYS A . n 
A 1 38  ASP 38  39  39  ASP ASP A . n 
A 1 39  ALA 39  40  40  ALA ALA A . n 
A 1 40  THR 40  41  41  THR THR A . n 
A 1 41  ASP 41  42  42  ASP ASP A . n 
A 1 42  ARG 42  43  43  ARG ARG A . n 
A 1 43  CYS 43  44  44  CYS CYS A . n 
A 1 44  CYS 44  45  45  CYS CYS A . n 
A 1 45  PHE 45  46  46  PHE PHE A . n 
A 1 46  VAL 46  47  47  VAL VAL A . n 
A 1 47  HIS 47  48  48  HIS HIS A . n 
A 1 48  ASP 48  49  49  ASP ASP A . n 
A 1 49  CYS 49  50  50  CYS CYS A . n 
A 1 50  CYS 50  51  51  CYS CYS A . n 
A 1 51  TYR 51  52  52  TYR TYR A . n 
A 1 52  GLY 52  53  53  GLY GLY A . n 
A 1 53  ASN 53  54  54  ASN ASN A . n 
A 1 54  LEU 54  55  55  LEU LEU A . n 
A 1 55  PRO 55  56  56  PRO PRO A . n 
A 1 56  ASP 56  59  59  ASP ASP A . n 
A 1 57  CYS 57  61  61  CYS CYS A . n 
A 1 58  ASN 58  67  67  ASN ASN A . n 
A 1 59  PRO 59  68  68  PRO PRO A . n 
A 1 60  LYS 60  69  69  LYS LYS A . n 
A 1 61  SER 61  70  70  SER SER A . n 
A 1 62  ASP 62  71  71  ASP ASP A . n 
A 1 63  ARG 63  72  72  ARG ARG A . n 
A 1 64  TYR 64  73  73  TYR TYR A . n 
A 1 65  LYS 65  74  74  LYS LYS A . n 
A 1 66  TYR 66  75  75  TYR TYR A . n 
A 1 67  LYS 67  76  76  LYS LYS A . n 
A 1 68  ARG 68  77  77  ARG ARG A . n 
A 1 69  VAL 69  78  78  VAL VAL A . n 
A 1 70  ASN 70  79  79  ASN ASN A . n 
A 1 71  GLY 71  80  80  GLY GLY A . n 
A 1 72  ALA 72  81  81  ALA ALA A . n 
A 1 73  ILE 73  82  82  ILE ILE A . n 
A 1 74  VAL 74  83  83  VAL VAL A . n 
A 1 75  CYS 75  84  84  CYS CYS A . n 
A 1 76  GLU 76  85  85  GLU GLU A . n 
A 1 77  LYS 77  86  86  LYS LYS A . n 
A 1 78  GLY 78  88  88  GLY GLY A . n 
A 1 79  THR 79  89  89  THR THR A . n 
A 1 80  SER 80  90  90  SER SER A . n 
A 1 81  CYS 81  91  91  CYS CYS A . n 
A 1 82  GLU 82  92  92  GLU GLU A . n 
A 1 83  ASN 83  93  93  ASN ASN A . n 
A 1 84  ARG 84  94  94  ARG ARG A . n 
A 1 85  ILE 85  95  95  ILE ILE A . n 
A 1 86  CYS 86  96  96  CYS CYS A . n 
A 1 87  GLU 87  97  97  GLU GLU A . n 
A 1 88  CYS 88  98  98  CYS CYS A . n 
A 1 89  ASP 89  99  99  ASP ASP A . n 
A 1 90  LYS 90  100 100 LYS LYS A . n 
A 1 91  ALA 91  101 101 ALA ALA A . n 
A 1 92  ALA 92  102 102 ALA ALA A . n 
A 1 93  ALA 93  103 103 ALA ALA A . n 
A 1 94  ILE 94  104 104 ILE ILE A . n 
A 1 95  CYS 95  105 105 CYS CYS A . n 
A 1 96  PHE 96  106 106 PHE PHE A . n 
A 1 97  ARG 97  107 107 ARG ARG A . n 
A 1 98  GLN 98  108 108 GLN GLN A . n 
A 1 99  ASN 99  109 109 ASN ASN A . n 
A 1 100 LEU 100 110 110 LEU LEU A . n 
A 1 101 ASN 101 111 111 ASN ASN A . n 
A 1 102 THR 102 112 112 THR THR A . n 
A 1 103 TYR 103 113 113 TYR TYR A . n 
A 1 104 SER 104 114 114 SER SER A . n 
A 1 105 LYS 105 115 115 LYS LYS A . n 
A 1 106 LYS 106 116 116 LYS LYS A . n 
A 1 107 TYR 107 117 117 TYR TYR A . n 
A 1 108 MET 108 118 118 MET MET A . n 
A 1 109 LEU 109 119 119 LEU LEU A . n 
A 1 110 TYR 110 120 120 TYR TYR A . n 
A 1 111 PRO 111 121 121 PRO PRO A . n 
A 1 112 ASP 112 122 122 ASP ASP A . n 
A 1 113 PHE 113 124 124 PHE PHE A . n 
A 1 114 LEU 114 125 125 LEU LEU A . n 
A 1 115 CYS 115 126 126 CYS CYS A . n 
A 1 116 LYS 116 127 127 LYS LYS A . n 
A 1 117 GLY 117 128 128 GLY GLY A . n 
A 1 118 GLU 118 129 129 GLU GLU A . n 
A 1 119 LEU 119 130 130 LEU LEU A . n 
A 1 120 LYS 120 131 131 LYS LYS A . n 
A 1 121 CYS 121 133 133 CYS CYS A . n 
B 2 1   PHE 1   1   1   PHE PHE I . n 
B 2 2   LEU 2   2   2   LEU LEU I . n 
B 2 3   SER 3   3   3   SER SER I . n 
B 2 4   THR 4   4   4   THR THR I . n 
B 2 5   LYS 5   5   5   LYS LYS I . n 
# 
loop_
_pdbx_nonpoly_scheme.asym_id 
_pdbx_nonpoly_scheme.entity_id 
_pdbx_nonpoly_scheme.mon_id 
_pdbx_nonpoly_scheme.ndb_seq_num 
_pdbx_nonpoly_scheme.pdb_seq_num 
_pdbx_nonpoly_scheme.auth_seq_num 
_pdbx_nonpoly_scheme.pdb_mon_id 
_pdbx_nonpoly_scheme.auth_mon_id 
_pdbx_nonpoly_scheme.pdb_strand_id 
_pdbx_nonpoly_scheme.pdb_ins_code 
C 3 SO4 1   301 1   SO4 SO4 A . 
D 3 SO4 1   302 2   SO4 SO4 A . 
E 3 SO4 1   303 3   SO4 SO4 A . 
F 3 SO4 1   304 4   SO4 SO4 A . 
G 4 HOH 1   305 1   HOH WAT A . 
G 4 HOH 2   306 2   HOH WAT A . 
G 4 HOH 3   307 3   HOH WAT A . 
G 4 HOH 4   308 4   HOH WAT A . 
G 4 HOH 5   309 5   HOH WAT A . 
G 4 HOH 6   310 6   HOH WAT A . 
G 4 HOH 7   311 7   HOH WAT A . 
G 4 HOH 8   312 8   HOH WAT A . 
G 4 HOH 9   313 9   HOH WAT A . 
G 4 HOH 10  314 10  HOH WAT A . 
G 4 HOH 11  315 11  HOH WAT A . 
G 4 HOH 12  316 12  HOH WAT A . 
G 4 HOH 13  317 13  HOH WAT A . 
G 4 HOH 14  318 14  HOH WAT A . 
G 4 HOH 15  319 15  HOH WAT A . 
G 4 HOH 16  320 16  HOH WAT A . 
G 4 HOH 17  321 17  HOH WAT A . 
G 4 HOH 18  322 18  HOH WAT A . 
G 4 HOH 19  323 19  HOH WAT A . 
G 4 HOH 20  324 20  HOH WAT A . 
G 4 HOH 21  325 21  HOH WAT A . 
G 4 HOH 22  326 22  HOH WAT A . 
G 4 HOH 23  327 23  HOH WAT A . 
G 4 HOH 24  328 24  HOH WAT A . 
G 4 HOH 25  329 25  HOH WAT A . 
G 4 HOH 26  330 26  HOH WAT A . 
G 4 HOH 27  331 27  HOH WAT A . 
G 4 HOH 28  332 28  HOH WAT A . 
G 4 HOH 29  333 29  HOH WAT A . 
G 4 HOH 30  334 30  HOH WAT A . 
G 4 HOH 31  335 31  HOH WAT A . 
G 4 HOH 32  336 32  HOH WAT A . 
G 4 HOH 33  337 33  HOH WAT A . 
G 4 HOH 34  338 34  HOH WAT A . 
G 4 HOH 35  339 35  HOH WAT A . 
G 4 HOH 36  340 36  HOH WAT A . 
G 4 HOH 37  341 37  HOH WAT A . 
G 4 HOH 38  342 38  HOH WAT A . 
G 4 HOH 39  343 39  HOH WAT A . 
G 4 HOH 40  344 40  HOH WAT A . 
G 4 HOH 41  345 41  HOH WAT A . 
G 4 HOH 42  346 42  HOH WAT A . 
G 4 HOH 43  347 43  HOH WAT A . 
G 4 HOH 44  348 44  HOH WAT A . 
G 4 HOH 45  349 45  HOH WAT A . 
G 4 HOH 46  350 46  HOH WAT A . 
G 4 HOH 47  351 47  HOH WAT A . 
G 4 HOH 48  352 48  HOH WAT A . 
G 4 HOH 49  353 49  HOH WAT A . 
G 4 HOH 50  354 50  HOH WAT A . 
G 4 HOH 51  355 51  HOH WAT A . 
G 4 HOH 52  356 52  HOH WAT A . 
G 4 HOH 53  357 53  HOH WAT A . 
G 4 HOH 54  358 54  HOH WAT A . 
G 4 HOH 55  359 55  HOH WAT A . 
G 4 HOH 56  360 56  HOH WAT A . 
G 4 HOH 57  361 57  HOH WAT A . 
G 4 HOH 58  362 58  HOH WAT A . 
G 4 HOH 59  363 59  HOH WAT A . 
G 4 HOH 60  364 60  HOH WAT A . 
G 4 HOH 61  365 61  HOH WAT A . 
G 4 HOH 62  366 62  HOH WAT A . 
G 4 HOH 63  367 63  HOH WAT A . 
G 4 HOH 64  368 64  HOH WAT A . 
G 4 HOH 65  369 65  HOH WAT A . 
G 4 HOH 66  370 66  HOH WAT A . 
G 4 HOH 67  371 67  HOH WAT A . 
G 4 HOH 68  372 68  HOH WAT A . 
G 4 HOH 69  373 69  HOH WAT A . 
G 4 HOH 70  374 70  HOH WAT A . 
G 4 HOH 71  375 71  HOH WAT A . 
G 4 HOH 72  376 72  HOH WAT A . 
G 4 HOH 73  377 73  HOH WAT A . 
G 4 HOH 74  378 74  HOH WAT A . 
G 4 HOH 75  379 75  HOH WAT A . 
G 4 HOH 76  380 76  HOH WAT A . 
G 4 HOH 77  381 77  HOH WAT A . 
G 4 HOH 78  382 78  HOH WAT A . 
G 4 HOH 79  383 79  HOH WAT A . 
G 4 HOH 80  384 80  HOH WAT A . 
G 4 HOH 81  385 81  HOH WAT A . 
G 4 HOH 82  386 82  HOH WAT A . 
G 4 HOH 83  387 83  HOH WAT A . 
G 4 HOH 84  388 84  HOH WAT A . 
G 4 HOH 85  389 85  HOH WAT A . 
G 4 HOH 86  390 86  HOH WAT A . 
G 4 HOH 87  391 87  HOH WAT A . 
G 4 HOH 88  392 88  HOH WAT A . 
G 4 HOH 89  393 89  HOH WAT A . 
G 4 HOH 90  394 90  HOH WAT A . 
G 4 HOH 91  395 91  HOH WAT A . 
G 4 HOH 92  396 92  HOH WAT A . 
G 4 HOH 93  397 93  HOH WAT A . 
G 4 HOH 94  398 94  HOH WAT A . 
G 4 HOH 95  399 95  HOH WAT A . 
G 4 HOH 96  400 96  HOH WAT A . 
G 4 HOH 97  401 97  HOH WAT A . 
G 4 HOH 98  402 98  HOH WAT A . 
G 4 HOH 99  403 99  HOH WAT A . 
G 4 HOH 100 404 100 HOH WAT A . 
G 4 HOH 101 405 101 HOH WAT A . 
G 4 HOH 102 406 102 HOH WAT A . 
G 4 HOH 103 407 103 HOH WAT A . 
G 4 HOH 104 408 104 HOH WAT A . 
G 4 HOH 105 409 105 HOH WAT A . 
G 4 HOH 106 410 106 HOH WAT A . 
G 4 HOH 107 411 107 HOH WAT A . 
G 4 HOH 108 412 108 HOH WAT A . 
G 4 HOH 109 413 109 HOH WAT A . 
G 4 HOH 110 414 110 HOH WAT A . 
G 4 HOH 111 415 111 HOH WAT A . 
G 4 HOH 112 416 112 HOH WAT A . 
G 4 HOH 113 417 113 HOH WAT A . 
G 4 HOH 114 418 114 HOH WAT A . 
G 4 HOH 115 419 115 HOH WAT A . 
G 4 HOH 116 420 116 HOH WAT A . 
G 4 HOH 117 421 117 HOH WAT A . 
G 4 HOH 118 422 118 HOH WAT A . 
G 4 HOH 119 423 119 HOH WAT A . 
G 4 HOH 120 424 120 HOH WAT A . 
G 4 HOH 121 425 121 HOH WAT A . 
G 4 HOH 122 426 122 HOH WAT A . 
G 4 HOH 123 427 123 HOH WAT A . 
G 4 HOH 124 428 124 HOH WAT A . 
G 4 HOH 125 429 125 HOH WAT A . 
G 4 HOH 126 430 127 HOH WAT A . 
G 4 HOH 127 431 128 HOH WAT A . 
G 4 HOH 128 432 129 HOH WAT A . 
G 4 HOH 129 433 130 HOH WAT A . 
G 4 HOH 130 434 131 HOH WAT A . 
G 4 HOH 131 435 132 HOH WAT A . 
G 4 HOH 132 436 133 HOH WAT A . 
G 4 HOH 133 437 134 HOH WAT A . 
G 4 HOH 134 438 135 HOH WAT A . 
G 4 HOH 135 439 136 HOH WAT A . 
G 4 HOH 136 440 137 HOH WAT A . 
G 4 HOH 137 441 138 HOH WAT A . 
G 4 HOH 138 442 139 HOH WAT A . 
G 4 HOH 139 443 140 HOH WAT A . 
G 4 HOH 140 444 141 HOH WAT A . 
G 4 HOH 141 445 142 HOH WAT A . 
G 4 HOH 142 446 143 HOH WAT A . 
G 4 HOH 143 447 144 HOH WAT A . 
G 4 HOH 144 448 145 HOH WAT A . 
G 4 HOH 145 449 146 HOH WAT A . 
G 4 HOH 146 450 147 HOH WAT A . 
G 4 HOH 147 451 148 HOH WAT A . 
G 4 HOH 148 452 149 HOH WAT A . 
G 4 HOH 149 453 150 HOH WAT A . 
G 4 HOH 150 454 151 HOH WAT A . 
G 4 HOH 151 455 152 HOH WAT A . 
G 4 HOH 152 456 153 HOH WAT A . 
G 4 HOH 153 457 154 HOH WAT A . 
G 4 HOH 154 458 155 HOH WAT A . 
G 4 HOH 155 459 156 HOH WAT A . 
G 4 HOH 156 460 157 HOH WAT A . 
G 4 HOH 157 461 158 HOH WAT A . 
G 4 HOH 158 462 159 HOH WAT A . 
G 4 HOH 159 463 160 HOH WAT A . 
G 4 HOH 160 464 161 HOH WAT A . 
G 4 HOH 161 465 162 HOH WAT A . 
G 4 HOH 162 466 163 HOH WAT A . 
G 4 HOH 163 467 164 HOH WAT A . 
G 4 HOH 164 468 165 HOH WAT A . 
G 4 HOH 165 469 166 HOH WAT A . 
G 4 HOH 166 470 167 HOH WAT A . 
G 4 HOH 167 471 168 HOH WAT A . 
G 4 HOH 168 472 169 HOH WAT A . 
G 4 HOH 169 473 170 HOH WAT A . 
G 4 HOH 170 474 171 HOH WAT A . 
G 4 HOH 171 475 172 HOH WAT A . 
G 4 HOH 172 476 173 HOH WAT A . 
G 4 HOH 173 477 174 HOH WAT A . 
G 4 HOH 174 478 175 HOH WAT A . 
G 4 HOH 175 479 176 HOH WAT A . 
G 4 HOH 176 480 177 HOH WAT A . 
G 4 HOH 177 481 178 HOH WAT A . 
G 4 HOH 178 482 179 HOH WAT A . 
G 4 HOH 179 483 180 HOH WAT A . 
G 4 HOH 180 484 181 HOH WAT A . 
G 4 HOH 181 485 182 HOH WAT A . 
G 4 HOH 182 486 183 HOH WAT A . 
G 4 HOH 183 487 184 HOH WAT A . 
G 4 HOH 184 488 185 HOH WAT A . 
G 4 HOH 185 489 186 HOH WAT A . 
G 4 HOH 186 490 187 HOH WAT A . 
G 4 HOH 187 491 188 HOH WAT A . 
G 4 HOH 188 492 189 HOH WAT A . 
G 4 HOH 189 493 190 HOH WAT A . 
G 4 HOH 190 494 191 HOH WAT A . 
G 4 HOH 191 495 192 HOH WAT A . 
G 4 HOH 192 496 193 HOH WAT A . 
G 4 HOH 193 497 194 HOH WAT A . 
G 4 HOH 194 498 195 HOH WAT A . 
G 4 HOH 195 499 196 HOH WAT A . 
G 4 HOH 196 500 197 HOH WAT A . 
G 4 HOH 197 501 198 HOH WAT A . 
G 4 HOH 198 502 199 HOH WAT A . 
G 4 HOH 199 503 200 HOH WAT A . 
G 4 HOH 200 504 201 HOH WAT A . 
G 4 HOH 201 505 202 HOH WAT A . 
G 4 HOH 202 506 203 HOH WAT A . 
G 4 HOH 203 507 204 HOH WAT A . 
G 4 HOH 204 508 205 HOH WAT A . 
G 4 HOH 205 509 206 HOH WAT A . 
G 4 HOH 206 510 207 HOH WAT A . 
G 4 HOH 207 511 208 HOH WAT A . 
G 4 HOH 208 512 209 HOH WAT A . 
G 4 HOH 209 513 210 HOH WAT A . 
G 4 HOH 210 514 211 HOH WAT A . 
G 4 HOH 211 515 212 HOH WAT A . 
G 4 HOH 212 516 213 HOH WAT A . 
G 4 HOH 213 517 214 HOH WAT A . 
G 4 HOH 214 518 215 HOH WAT A . 
G 4 HOH 215 519 216 HOH WAT A . 
G 4 HOH 216 520 217 HOH WAT A . 
G 4 HOH 217 521 218 HOH WAT A . 
G 4 HOH 218 522 219 HOH WAT A . 
G 4 HOH 219 523 220 HOH WAT A . 
G 4 HOH 220 524 221 HOH WAT A . 
G 4 HOH 221 525 222 HOH WAT A . 
G 4 HOH 222 526 223 HOH WAT A . 
G 4 HOH 223 527 225 HOH WAT A . 
G 4 HOH 224 528 229 HOH WAT A . 
G 4 HOH 225 529 230 HOH WAT A . 
G 4 HOH 226 530 231 HOH WAT A . 
G 4 HOH 227 531 232 HOH WAT A . 
H 4 HOH 1   126 126 HOH WAT I . 
H 4 HOH 2   224 224 HOH WAT I . 
H 4 HOH 3   226 226 HOH WAT I . 
H 4 HOH 4   227 227 HOH WAT I . 
H 4 HOH 5   228 228 HOH WAT I . 
# 
loop_
_software.name 
_software.classification 
_software.version 
_software.citation_id 
_software.pdbx_ordinal 
REFMAC    refinement        5.0 ? 1 
MAR345    'data collection' .   ? 2 
SCALEPACK 'data scaling'    .   ? 3 
AMoRE     phasing           .   ? 4 
# 
_cell.entry_id           1TJK 
_cell.length_a           52.293 
_cell.length_b           52.293 
_cell.length_c           47.830 
_cell.angle_alpha        90.00 
_cell.angle_beta         90.00 
_cell.angle_gamma        90.00 
_cell.Z_PDB              4 
_cell.pdbx_unique_axis   ? 
# 
_symmetry.entry_id                         1TJK 
_symmetry.space_group_name_H-M             'P 43' 
_symmetry.pdbx_full_space_group_name_H-M   ? 
_symmetry.cell_setting                     ? 
_symmetry.Int_Tables_number                78 
_symmetry.space_group_name_Hall            ? 
# 
_exptl.entry_id          1TJK 
_exptl.method            'X-RAY DIFFRACTION' 
_exptl.crystals_number   1 
# 
_exptl_crystal.id                    1 
_exptl_crystal.density_meas          ? 
_exptl_crystal.density_Matthews      2.4 
_exptl_crystal.density_percent_sol   47 
_exptl_crystal.description           ? 
_exptl_crystal.F_000                 ? 
_exptl_crystal.preparation           ? 
# 
_exptl_crystal_grow.crystal_id      1 
_exptl_crystal_grow.method          'VAPOR DIFFUSION, SITTING DROP' 
_exptl_crystal_grow.temp            293 
_exptl_crystal_grow.temp_details    ? 
_exptl_crystal_grow.pH              6.0 
_exptl_crystal_grow.pdbx_details    
'Ammonium Sulphate, Polyethylene glycol, pH 6.0, VAPOR DIFFUSION, SITTING DROP, temperature 293K' 
_exptl_crystal_grow.pdbx_pH_range   . 
# 
_diffrn.id                     1 
_diffrn.ambient_temp           200 
_diffrn.ambient_temp_details   ? 
_diffrn.crystal_id             1 
# 
_diffrn_detector.diffrn_id              1 
_diffrn_detector.detector               CCD 
_diffrn_detector.type                   MARRESEARCH 
_diffrn_detector.pdbx_collection_date   2004-04-20 
_diffrn_detector.details                mirror 
# 
_diffrn_radiation.diffrn_id                        1 
_diffrn_radiation.wavelength_id                    1 
_diffrn_radiation.pdbx_monochromatic_or_laue_m_l   M 
_diffrn_radiation.monochromator                    Graphite 
_diffrn_radiation.pdbx_diffrn_protocol             'SINGLE WAVELENGTH' 
_diffrn_radiation.pdbx_scattering_type             x-ray 
# 
_diffrn_radiation_wavelength.id           1 
_diffrn_radiation_wavelength.wavelength   0.8030 
_diffrn_radiation_wavelength.wt           1.0 
# 
_diffrn_source.diffrn_id                   1 
_diffrn_source.source                      SYNCHROTRON 
_diffrn_source.type                        'EMBL/DESY, HAMBURG BEAMLINE X11' 
_diffrn_source.pdbx_synchrotron_site       'EMBL/DESY, HAMBURG' 
_diffrn_source.pdbx_synchrotron_beamline   X11 
_diffrn_source.pdbx_wavelength             ? 
_diffrn_source.pdbx_wavelength_list        0.8030 
# 
_reflns.entry_id                     1TJK 
_reflns.observed_criterion_sigma_F   0 
_reflns.observed_criterion_sigma_I   0 
_reflns.d_resolution_high            1.25 
_reflns.d_resolution_low             20.0 
_reflns.number_all                   35680 
_reflns.number_obs                   35680 
_reflns.percent_possible_obs         100 
_reflns.pdbx_Rmerge_I_obs            ? 
_reflns.pdbx_Rsym_value              ? 
_reflns.pdbx_netI_over_sigmaI        ? 
_reflns.B_iso_Wilson_estimate        ? 
_reflns.pdbx_redundancy              ? 
_reflns.R_free_details               ? 
_reflns.limit_h_max                  ? 
_reflns.limit_h_min                  ? 
_reflns.limit_k_max                  ? 
_reflns.limit_k_min                  ? 
_reflns.limit_l_max                  ? 
_reflns.limit_l_min                  ? 
_reflns.observed_criterion_F_max     ? 
_reflns.observed_criterion_F_min     ? 
_reflns.pdbx_chi_squared             ? 
_reflns.pdbx_scaling_rejects         ? 
_reflns.pdbx_diffrn_id               1 
_reflns.pdbx_ordinal                 1 
# 
_reflns_shell.d_res_high             1.25 
_reflns_shell.d_res_low              1.28 
_reflns_shell.percent_possible_all   99 
_reflns_shell.Rmerge_I_obs           ? 
_reflns_shell.pdbx_Rsym_value        ? 
_reflns_shell.meanI_over_sigI_obs    ? 
_reflns_shell.pdbx_redundancy        ? 
_reflns_shell.percent_possible_obs   ? 
_reflns_shell.number_unique_all      ? 
_reflns_shell.number_measured_all    ? 
_reflns_shell.number_measured_obs    ? 
_reflns_shell.number_unique_obs      ? 
_reflns_shell.pdbx_chi_squared       ? 
_reflns_shell.pdbx_diffrn_id         ? 
_reflns_shell.pdbx_ordinal           1 
# 
_refine.entry_id                                 1TJK 
_refine.ls_number_reflns_obs                     34764 
_refine.ls_number_reflns_all                     35680 
_refine.pdbx_ls_sigma_I                          ? 
_refine.pdbx_ls_sigma_F                          0 
_refine.pdbx_data_cutoff_high_absF               ? 
_refine.pdbx_data_cutoff_low_absF                ? 
_refine.pdbx_data_cutoff_high_rms_absF           ? 
_refine.ls_d_res_low                             51.99 
_refine.ls_d_res_high                            1.25 
_refine.ls_percent_reflns_obs                    99.98 
_refine.ls_R_factor_obs                          0.18454 
_refine.ls_R_factor_all                          ? 
_refine.ls_R_factor_R_work                       0.18406 
_refine.ls_R_factor_R_free                       0.20273 
_refine.ls_R_factor_R_free_error                 ? 
_refine.ls_R_factor_R_free_error_details         ? 
_refine.ls_percent_reflns_R_free                 2.6 
_refine.ls_number_reflns_R_free                  916 
_refine.ls_number_parameters                     ? 
_refine.ls_number_restraints                     ? 
_refine.occupancy_min                            ? 
_refine.occupancy_max                            ? 
_refine.correlation_coeff_Fo_to_Fc               0.963 
_refine.correlation_coeff_Fo_to_Fc_free          0.957 
_refine.B_iso_mean                               14.014 
_refine.aniso_B[1][1]                            0.04 
_refine.aniso_B[2][2]                            0.04 
_refine.aniso_B[3][3]                            -0.07 
_refine.aniso_B[1][2]                            0.00 
_refine.aniso_B[1][3]                            0.00 
_refine.aniso_B[2][3]                            0.00 
_refine.solvent_model_details                    'BABINET MODEL WITH MASK' 
_refine.solvent_model_param_ksol                 ? 
_refine.solvent_model_param_bsol                 ? 
_refine.pdbx_solvent_vdw_probe_radii             1.40 
_refine.pdbx_solvent_ion_probe_radii             0.80 
_refine.pdbx_solvent_shrinkage_radii             0.80 
_refine.pdbx_ls_cross_valid_method               THROUGHOUT 
_refine.details                                  'HYDROGENS HAVE BEEN ADDED IN THE RIDING POSITIONS' 
_refine.pdbx_starting_model                      'pdb entry 1SKG' 
_refine.pdbx_method_to_determine_struct          'MOLECULAR REPLACEMENT' 
_refine.pdbx_isotropic_thermal_model             ? 
_refine.pdbx_stereochemistry_target_values       'MAXIMUM LIKELIHOOD' 
_refine.pdbx_stereochem_target_val_spec_case     ? 
_refine.pdbx_R_Free_selection_details            RANDOM 
_refine.pdbx_overall_ESU_R                       0.047 
_refine.pdbx_overall_ESU_R_Free                  0.048 
_refine.overall_SU_ML                            0.041 
_refine.overall_SU_B                             0.915 
_refine.ls_redundancy_reflns_obs                 ? 
_refine.B_iso_min                                ? 
_refine.B_iso_max                                ? 
_refine.overall_SU_R_Cruickshank_DPI             ? 
_refine.overall_SU_R_free                        ? 
_refine.ls_wR_factor_R_free                      ? 
_refine.ls_wR_factor_R_work                      ? 
_refine.overall_FOM_free_R_set                   ? 
_refine.overall_FOM_work_R_set                   ? 
_refine.pdbx_refine_id                           'X-RAY DIFFRACTION' 
_refine.pdbx_diffrn_id                           1 
_refine.pdbx_TLS_residual_ADP_flag               ? 
_refine.pdbx_overall_phase_error                 ? 
_refine.pdbx_overall_SU_R_free_Cruickshank_DPI   ? 
_refine.pdbx_overall_SU_R_Blow_DPI               ? 
_refine.pdbx_overall_SU_R_free_Blow_DPI          ? 
# 
_refine_hist.pdbx_refine_id                   'X-RAY DIFFRACTION' 
_refine_hist.cycle_id                         LAST 
_refine_hist.pdbx_number_atoms_protein        982 
_refine_hist.pdbx_number_atoms_nucleic_acid   0 
_refine_hist.pdbx_number_atoms_ligand         20 
_refine_hist.number_atoms_solvent             232 
_refine_hist.number_atoms_total               1234 
_refine_hist.d_res_high                       1.25 
_refine_hist.d_res_low                        51.99 
# 
loop_
_refine_ls_restr.type 
_refine_ls_restr.dev_ideal 
_refine_ls_restr.dev_ideal_target 
_refine_ls_restr.weight 
_refine_ls_restr.number 
_refine_ls_restr.pdbx_refine_id 
_refine_ls_restr.pdbx_restraint_function 
r_bond_refined_d         0.009  0.021  ? 1018 'X-RAY DIFFRACTION' ? 
r_bond_other_d           0.001  0.020  ? 855  'X-RAY DIFFRACTION' ? 
r_angle_refined_deg      1.725  2.007  ? 1360 'X-RAY DIFFRACTION' ? 
r_angle_other_deg        0.751  3.000  ? 2019 'X-RAY DIFFRACTION' ? 
r_dihedral_angle_1_deg   4.769  3.000  ? 117  'X-RAY DIFFRACTION' ? 
r_dihedral_angle_3_deg   18.488 15.000 ? 190  'X-RAY DIFFRACTION' ? 
r_chiral_restr           0.088  0.200  ? 139  'X-RAY DIFFRACTION' ? 
r_gen_planes_refined     0.005  0.020  ? 1060 'X-RAY DIFFRACTION' ? 
r_gen_planes_other       0.002  0.020  ? 200  'X-RAY DIFFRACTION' ? 
r_nbd_refined            0.426  0.300  ? 292  'X-RAY DIFFRACTION' ? 
r_nbd_other              0.215  0.300  ? 868  'X-RAY DIFFRACTION' ? 
r_xyhbond_nbd_refined    0.239  0.500  ? 177  'X-RAY DIFFRACTION' ? 
r_symmetry_vdw_refined   0.238  0.300  ? 17   'X-RAY DIFFRACTION' ? 
r_symmetry_vdw_other     0.285  0.300  ? 44   'X-RAY DIFFRACTION' ? 
r_symmetry_hbond_refined 0.205  0.500  ? 25   'X-RAY DIFFRACTION' ? 
r_mcbond_it              0.625  1.500  ? 616  'X-RAY DIFFRACTION' ? 
r_mcangle_it             1.183  2.000  ? 972  'X-RAY DIFFRACTION' ? 
r_scbond_it              1.461  3.000  ? 402  'X-RAY DIFFRACTION' ? 
r_scangle_it             2.257  4.500  ? 388  'X-RAY DIFFRACTION' ? 
# 
_refine_ls_shell.pdbx_total_number_of_bins_used   20 
_refine_ls_shell.d_res_high                       1.25 
_refine_ls_shell.d_res_low                        1.283 
_refine_ls_shell.number_reflns_R_work             2563 
_refine_ls_shell.R_factor_R_work                  0.241 
_refine_ls_shell.percent_reflns_obs               ? 
_refine_ls_shell.R_factor_R_free                  0.289 
_refine_ls_shell.R_factor_R_free_error            ? 
_refine_ls_shell.percent_reflns_R_free            ? 
_refine_ls_shell.number_reflns_R_free             68 
_refine_ls_shell.number_reflns_obs                ? 
_refine_ls_shell.redundancy_reflns_obs            ? 
_refine_ls_shell.number_reflns_all                ? 
_refine_ls_shell.pdbx_refine_id                   'X-RAY DIFFRACTION' 
_refine_ls_shell.R_factor_all                     ? 
# 
_struct.entry_id                  1TJK 
_struct.title                     
;Crystal structure of the complex formed between group II phospholipase A2 with a designed pentapeptide, Phe- Leu- Ser- Thr- Lys at 1.2 A resolution
;
_struct.pdbx_model_details        ? 
_struct.pdbx_CASP_flag            ? 
_struct.pdbx_model_type_details   ? 
# 
_struct_keywords.entry_id        1TJK 
_struct_keywords.pdbx_keywords   HYDROLASE 
_struct_keywords.text            'Phospholipase A2, Enzyme, Complex, HYDROLASE' 
# 
loop_
_struct_asym.id 
_struct_asym.pdbx_blank_PDB_chainid_flag 
_struct_asym.pdbx_modified 
_struct_asym.entity_id 
_struct_asym.details 
A N N 1 ? 
B N N 2 ? 
C N N 3 ? 
D N N 3 ? 
E N N 3 ? 
F N N 3 ? 
G N N 4 ? 
H N N 4 ? 
# 
loop_
_struct_ref.id 
_struct_ref.db_name 
_struct_ref.db_code 
_struct_ref.pdbx_db_accession 
_struct_ref.entity_id 
_struct_ref.pdbx_seq_one_letter_code 
_struct_ref.pdbx_align_begin 
_struct_ref.pdbx_db_isoform 
1 UNP PA28_DABRP P59071 1 
;SLLEFGKMILEETGKLAIPSYSSYGCYCGWGGKGTPKDATDRCCFVHDCCYGNLPDCNPKSDRYKYKRVNGAIVCEKGTS
CENRICECDKAAAICFRQNLNTYSKKYMLYPDFLCKGELKC
;
1 ? 
2 PDB 1TJK       1TJK   2 ? ? ? 
# 
loop_
_struct_ref_seq.align_id 
_struct_ref_seq.ref_id 
_struct_ref_seq.pdbx_PDB_id_code 
_struct_ref_seq.pdbx_strand_id 
_struct_ref_seq.seq_align_beg 
_struct_ref_seq.pdbx_seq_align_beg_ins_code 
_struct_ref_seq.seq_align_end 
_struct_ref_seq.pdbx_seq_align_end_ins_code 
_struct_ref_seq.pdbx_db_accession 
_struct_ref_seq.db_align_beg 
_struct_ref_seq.pdbx_db_align_beg_ins_code 
_struct_ref_seq.db_align_end 
_struct_ref_seq.pdbx_db_align_end_ins_code 
_struct_ref_seq.pdbx_auth_seq_align_beg 
_struct_ref_seq.pdbx_auth_seq_align_end 
1 1 1TJK A 1 ? 121 ? P59071 1 ? 121 ? 1 133 
2 2 1TJK I 1 ? 5   ? 1TJK   1 ? 5   ? 1 5   
# 
_struct_ref_seq_dif.align_id                     1 
_struct_ref_seq_dif.pdbx_pdb_id_code             1TJK 
_struct_ref_seq_dif.mon_id                       SER 
_struct_ref_seq_dif.pdbx_pdb_strand_id           A 
_struct_ref_seq_dif.seq_num                      33 
_struct_ref_seq_dif.pdbx_pdb_ins_code            ? 
_struct_ref_seq_dif.pdbx_seq_db_name             UNP 
_struct_ref_seq_dif.pdbx_seq_db_accession_code   P59071 
_struct_ref_seq_dif.db_mon_id                    LYS 
_struct_ref_seq_dif.pdbx_seq_db_seq_num          33 
_struct_ref_seq_dif.details                      conflict 
_struct_ref_seq_dif.pdbx_auth_seq_num            34 
_struct_ref_seq_dif.pdbx_ordinal                 1 
# 
_pdbx_struct_assembly.id                   1 
_pdbx_struct_assembly.details              author_and_software_defined_assembly 
_pdbx_struct_assembly.method_details       PISA 
_pdbx_struct_assembly.oligomeric_details   dimeric 
_pdbx_struct_assembly.oligomeric_count     2 
# 
loop_
_pdbx_struct_assembly_prop.biol_id 
_pdbx_struct_assembly_prop.type 
_pdbx_struct_assembly_prop.value 
_pdbx_struct_assembly_prop.details 
1 'ABSA (A^2)' 1560 ? 
1 MORE         -55  ? 
1 'SSA (A^2)'  7430 ? 
# 
_pdbx_struct_assembly_gen.assembly_id       1 
_pdbx_struct_assembly_gen.oper_expression   1 
_pdbx_struct_assembly_gen.asym_id_list      A,B,C,D,E,F,G,H 
# 
_pdbx_struct_oper_list.id                   1 
_pdbx_struct_oper_list.type                 'identity operation' 
_pdbx_struct_oper_list.name                 1_555 
_pdbx_struct_oper_list.symmetry_operation   x,y,z 
_pdbx_struct_oper_list.matrix[1][1]         1.0000000000 
_pdbx_struct_oper_list.matrix[1][2]         0.0000000000 
_pdbx_struct_oper_list.matrix[1][3]         0.0000000000 
_pdbx_struct_oper_list.vector[1]            0.0000000000 
_pdbx_struct_oper_list.matrix[2][1]         0.0000000000 
_pdbx_struct_oper_list.matrix[2][2]         1.0000000000 
_pdbx_struct_oper_list.matrix[2][3]         0.0000000000 
_pdbx_struct_oper_list.vector[2]            0.0000000000 
_pdbx_struct_oper_list.matrix[3][1]         0.0000000000 
_pdbx_struct_oper_list.matrix[3][2]         0.0000000000 
_pdbx_struct_oper_list.matrix[3][3]         1.0000000000 
_pdbx_struct_oper_list.vector[3]            0.0000000000 
# 
loop_
_struct_conf.conf_type_id 
_struct_conf.id 
_struct_conf.pdbx_PDB_helix_id 
_struct_conf.beg_label_comp_id 
_struct_conf.beg_label_asym_id 
_struct_conf.beg_label_seq_id 
_struct_conf.pdbx_beg_PDB_ins_code 
_struct_conf.end_label_comp_id 
_struct_conf.end_label_asym_id 
_struct_conf.end_label_seq_id 
_struct_conf.pdbx_end_PDB_ins_code 
_struct_conf.beg_auth_comp_id 
_struct_conf.beg_auth_asym_id 
_struct_conf.beg_auth_seq_id 
_struct_conf.end_auth_comp_id 
_struct_conf.end_auth_asym_id 
_struct_conf.end_auth_seq_id 
_struct_conf.pdbx_PDB_helix_class 
_struct_conf.details 
_struct_conf.pdbx_PDB_helix_length 
HELX_P HELX_P1 1 SER A 1   ? GLY A 14  ? SER A 1   GLY A 14  1 ? 14 
HELX_P HELX_P2 2 LEU A 16  ? TYR A 21  ? LEU A 17  TYR A 22  1 ? 6  
HELX_P HELX_P3 3 ASP A 38  ? ASN A 53  ? ASP A 39  ASN A 54  1 ? 16 
HELX_P HELX_P4 4 THR A 79  ? LEU A 100 ? THR A 89  LEU A 110 1 ? 22 
HELX_P HELX_P5 5 ASN A 101 ? TYR A 103 ? ASN A 111 TYR A 113 5 ? 3  
HELX_P HELX_P6 6 SER A 104 ? MET A 108 ? SER A 114 MET A 118 5 ? 5  
HELX_P HELX_P7 7 PRO A 111 ? CYS A 115 ? PRO A 121 CYS A 126 5 ? 5  
# 
_struct_conf_type.id          HELX_P 
_struct_conf_type.criteria    ? 
_struct_conf_type.reference   ? 
# 
loop_
_struct_conn.id 
_struct_conn.conn_type_id 
_struct_conn.pdbx_leaving_atom_flag 
_struct_conn.pdbx_PDB_id 
_struct_conn.ptnr1_label_asym_id 
_struct_conn.ptnr1_label_comp_id 
_struct_conn.ptnr1_label_seq_id 
_struct_conn.ptnr1_label_atom_id 
_struct_conn.pdbx_ptnr1_label_alt_id 
_struct_conn.pdbx_ptnr1_PDB_ins_code 
_struct_conn.pdbx_ptnr1_standard_comp_id 
_struct_conn.ptnr1_symmetry 
_struct_conn.ptnr2_label_asym_id 
_struct_conn.ptnr2_label_comp_id 
_struct_conn.ptnr2_label_seq_id 
_struct_conn.ptnr2_label_atom_id 
_struct_conn.pdbx_ptnr2_label_alt_id 
_struct_conn.pdbx_ptnr2_PDB_ins_code 
_struct_conn.ptnr1_auth_asym_id 
_struct_conn.ptnr1_auth_comp_id 
_struct_conn.ptnr1_auth_seq_id 
_struct_conn.ptnr2_auth_asym_id 
_struct_conn.ptnr2_auth_comp_id 
_struct_conn.ptnr2_auth_seq_id 
_struct_conn.ptnr2_symmetry 
_struct_conn.pdbx_ptnr3_label_atom_id 
_struct_conn.pdbx_ptnr3_label_seq_id 
_struct_conn.pdbx_ptnr3_label_comp_id 
_struct_conn.pdbx_ptnr3_label_asym_id 
_struct_conn.pdbx_ptnr3_label_alt_id 
_struct_conn.pdbx_ptnr3_PDB_ins_code 
_struct_conn.details 
_struct_conn.pdbx_dist_value 
_struct_conn.pdbx_value_order 
_struct_conn.pdbx_role 
disulf1 disulf ? ? A CYS 26 SG ? ? ? 1_555 A CYS 115 SG ? ? A CYS 27 A CYS 126 1_555 ? ? ? ? ? ? ? 2.043 ? ? 
disulf2 disulf ? ? A CYS 28 SG ? ? ? 1_555 A CYS 44  SG ? ? A CYS 29 A CYS 45  1_555 ? ? ? ? ? ? ? 2.040 ? ? 
disulf3 disulf ? ? A CYS 43 SG ? ? ? 1_555 A CYS 95  SG ? ? A CYS 44 A CYS 105 1_555 ? ? ? ? ? ? ? 2.050 ? ? 
disulf4 disulf ? ? A CYS 49 SG ? ? ? 1_555 A CYS 121 SG ? ? A CYS 50 A CYS 133 1_555 ? ? ? ? ? ? ? 2.025 ? ? 
disulf5 disulf ? ? A CYS 50 SG ? ? ? 1_555 A CYS 88  SG ? ? A CYS 51 A CYS 98  1_555 ? ? ? ? ? ? ? 2.048 ? ? 
disulf6 disulf ? ? A CYS 57 SG ? ? ? 1_555 A CYS 81  SG ? ? A CYS 61 A CYS 91  1_555 ? ? ? ? ? ? ? 2.286 ? ? 
disulf7 disulf ? ? A CYS 75 SG ? ? ? 1_555 A CYS 86  SG ? ? A CYS 84 A CYS 96  1_555 ? ? ? ? ? ? ? 2.056 ? ? 
# 
_struct_conn_type.id          disulf 
_struct_conn_type.criteria    ? 
_struct_conn_type.reference   ? 
# 
loop_
_pdbx_modification_feature.ordinal 
_pdbx_modification_feature.label_comp_id 
_pdbx_modification_feature.label_asym_id 
_pdbx_modification_feature.label_seq_id 
_pdbx_modification_feature.label_alt_id 
_pdbx_modification_feature.modified_residue_label_comp_id 
_pdbx_modification_feature.modified_residue_label_asym_id 
_pdbx_modification_feature.modified_residue_label_seq_id 
_pdbx_modification_feature.modified_residue_label_alt_id 
_pdbx_modification_feature.auth_comp_id 
_pdbx_modification_feature.auth_asym_id 
_pdbx_modification_feature.auth_seq_id 
_pdbx_modification_feature.PDB_ins_code 
_pdbx_modification_feature.symmetry 
_pdbx_modification_feature.modified_residue_auth_comp_id 
_pdbx_modification_feature.modified_residue_auth_asym_id 
_pdbx_modification_feature.modified_residue_auth_seq_id 
_pdbx_modification_feature.modified_residue_PDB_ins_code 
_pdbx_modification_feature.modified_residue_symmetry 
_pdbx_modification_feature.comp_id_linking_atom 
_pdbx_modification_feature.modified_residue_id_linking_atom 
_pdbx_modification_feature.modified_residue_id 
_pdbx_modification_feature.ref_pcm_id 
_pdbx_modification_feature.ref_comp_id 
_pdbx_modification_feature.type 
_pdbx_modification_feature.category 
1 CYS A 26 ? CYS A 115 ? CYS A 27 ? 1_555 CYS A 126 ? 1_555 SG SG . . . None 'Disulfide bridge' 
2 CYS A 28 ? CYS A 44  ? CYS A 29 ? 1_555 CYS A 45  ? 1_555 SG SG . . . None 'Disulfide bridge' 
3 CYS A 43 ? CYS A 95  ? CYS A 44 ? 1_555 CYS A 105 ? 1_555 SG SG . . . None 'Disulfide bridge' 
4 CYS A 49 ? CYS A 121 ? CYS A 50 ? 1_555 CYS A 133 ? 1_555 SG SG . . . None 'Disulfide bridge' 
5 CYS A 50 ? CYS A 88  ? CYS A 51 ? 1_555 CYS A 98  ? 1_555 SG SG . . . None 'Disulfide bridge' 
6 CYS A 57 ? CYS A 81  ? CYS A 61 ? 1_555 CYS A 91  ? 1_555 SG SG . . . None 'Disulfide bridge' 
7 CYS A 75 ? CYS A 86  ? CYS A 84 ? 1_555 CYS A 96  ? 1_555 SG SG . . . None 'Disulfide bridge' 
# 
_struct_mon_prot_cis.pdbx_id                1 
_struct_mon_prot_cis.label_comp_id          ILE 
_struct_mon_prot_cis.label_seq_id           18 
_struct_mon_prot_cis.label_asym_id          A 
_struct_mon_prot_cis.label_alt_id           . 
_struct_mon_prot_cis.pdbx_PDB_ins_code      ? 
_struct_mon_prot_cis.auth_comp_id           ILE 
_struct_mon_prot_cis.auth_seq_id            19 
_struct_mon_prot_cis.auth_asym_id           A 
_struct_mon_prot_cis.pdbx_label_comp_id_2   PRO 
_struct_mon_prot_cis.pdbx_label_seq_id_2    19 
_struct_mon_prot_cis.pdbx_label_asym_id_2   A 
_struct_mon_prot_cis.pdbx_PDB_ins_code_2    ? 
_struct_mon_prot_cis.pdbx_auth_comp_id_2    PRO 
_struct_mon_prot_cis.pdbx_auth_seq_id_2     20 
_struct_mon_prot_cis.pdbx_auth_asym_id_2    A 
_struct_mon_prot_cis.pdbx_PDB_model_num     1 
_struct_mon_prot_cis.pdbx_omega_angle       7.69 
# 
_struct_sheet.id               A 
_struct_sheet.type             ? 
_struct_sheet.number_strands   2 
_struct_sheet.details          ? 
# 
_struct_sheet_order.sheet_id     A 
_struct_sheet_order.range_id_1   1 
_struct_sheet_order.range_id_2   2 
_struct_sheet_order.offset       ? 
_struct_sheet_order.sense        anti-parallel 
# 
loop_
_struct_sheet_range.sheet_id 
_struct_sheet_range.id 
_struct_sheet_range.beg_label_comp_id 
_struct_sheet_range.beg_label_asym_id 
_struct_sheet_range.beg_label_seq_id 
_struct_sheet_range.pdbx_beg_PDB_ins_code 
_struct_sheet_range.end_label_comp_id 
_struct_sheet_range.end_label_asym_id 
_struct_sheet_range.end_label_seq_id 
_struct_sheet_range.pdbx_end_PDB_ins_code 
_struct_sheet_range.beg_auth_comp_id 
_struct_sheet_range.beg_auth_asym_id 
_struct_sheet_range.beg_auth_seq_id 
_struct_sheet_range.end_auth_comp_id 
_struct_sheet_range.end_auth_asym_id 
_struct_sheet_range.end_auth_seq_id 
A 1 TYR A 66 ? VAL A 69 ? TYR A 75 VAL A 78 
A 2 ALA A 72 ? CYS A 75 ? ALA A 81 CYS A 84 
# 
_pdbx_struct_sheet_hbond.sheet_id                A 
_pdbx_struct_sheet_hbond.range_id_1              1 
_pdbx_struct_sheet_hbond.range_id_2              2 
_pdbx_struct_sheet_hbond.range_1_label_atom_id   N 
_pdbx_struct_sheet_hbond.range_1_label_comp_id   LYS 
_pdbx_struct_sheet_hbond.range_1_label_asym_id   A 
_pdbx_struct_sheet_hbond.range_1_label_seq_id    67 
_pdbx_struct_sheet_hbond.range_1_PDB_ins_code    ? 
_pdbx_struct_sheet_hbond.range_1_auth_atom_id    N 
_pdbx_struct_sheet_hbond.range_1_auth_comp_id    LYS 
_pdbx_struct_sheet_hbond.range_1_auth_asym_id    A 
_pdbx_struct_sheet_hbond.range_1_auth_seq_id     76 
_pdbx_struct_sheet_hbond.range_2_label_atom_id   O 
_pdbx_struct_sheet_hbond.range_2_label_comp_id   VAL 
_pdbx_struct_sheet_hbond.range_2_label_asym_id   A 
_pdbx_struct_sheet_hbond.range_2_label_seq_id    74 
_pdbx_struct_sheet_hbond.range_2_PDB_ins_code    ? 
_pdbx_struct_sheet_hbond.range_2_auth_atom_id    O 
_pdbx_struct_sheet_hbond.range_2_auth_comp_id    VAL 
_pdbx_struct_sheet_hbond.range_2_auth_asym_id    A 
_pdbx_struct_sheet_hbond.range_2_auth_seq_id     83 
# 
loop_
_struct_site.id 
_struct_site.pdbx_evidence_code 
_struct_site.pdbx_auth_asym_id 
_struct_site.pdbx_auth_comp_id 
_struct_site.pdbx_auth_seq_id 
_struct_site.pdbx_auth_ins_code 
_struct_site.pdbx_num_residues 
_struct_site.details 
AC1 Software A SO4 301 ? 10 'BINDING SITE FOR RESIDUE SO4 A 301' 
AC2 Software A SO4 302 ? 7  'BINDING SITE FOR RESIDUE SO4 A 302' 
AC3 Software A SO4 303 ? 9  'BINDING SITE FOR RESIDUE SO4 A 303' 
AC4 Software A SO4 304 ? 4  'BINDING SITE FOR RESIDUE SO4 A 304' 
# 
loop_
_struct_site_gen.id 
_struct_site_gen.site_id 
_struct_site_gen.pdbx_num_res 
_struct_site_gen.label_comp_id 
_struct_site_gen.label_asym_id 
_struct_site_gen.label_seq_id 
_struct_site_gen.pdbx_auth_ins_code 
_struct_site_gen.auth_comp_id 
_struct_site_gen.auth_asym_id 
_struct_site_gen.auth_seq_id 
_struct_site_gen.label_atom_id 
_struct_site_gen.label_alt_id 
_struct_site_gen.symmetry 
_struct_site_gen.details 
1  AC1 10 SER A 1   ? SER A 1   . ? 1_555 ? 
2  AC1 10 LEU A 3   ? LEU A 3   . ? 1_555 ? 
3  AC1 10 ARG A 63  ? ARG A 72  . ? 1_555 ? 
4  AC1 10 HOH G .   ? HOH A 386 . ? 1_555 ? 
5  AC1 10 HOH G .   ? HOH A 458 . ? 1_555 ? 
6  AC1 10 HOH G .   ? HOH A 464 . ? 1_555 ? 
7  AC1 10 HOH G .   ? HOH A 489 . ? 1_555 ? 
8  AC1 10 HOH G .   ? HOH A 490 . ? 1_555 ? 
9  AC1 10 HOH G .   ? HOH A 518 . ? 1_555 ? 
10 AC1 10 HOH G .   ? HOH A 519 . ? 1_555 ? 
11 AC2 7  LYS A 37  ? LYS A 38  . ? 1_555 ? 
12 AC2 7  ASP A 38  ? ASP A 39  . ? 1_555 ? 
13 AC2 7  ALA A 39  ? ALA A 40  . ? 1_555 ? 
14 AC2 7  ARG A 42  ? ARG A 43  . ? 1_555 ? 
15 AC2 7  HOH G .   ? HOH A 326 . ? 1_555 ? 
16 AC2 7  HOH G .   ? HOH A 369 . ? 3_754 ? 
17 AC2 7  HOH G .   ? HOH A 381 . ? 1_555 ? 
18 AC3 9  GLU A 4   ? GLU A 4   . ? 1_555 ? 
19 AC3 9  ARG A 63  ? ARG A 72  . ? 1_555 ? 
20 AC3 9  LYS A 65  ? LYS A 74  . ? 1_555 ? 
21 AC3 9  HOH G .   ? HOH A 358 . ? 1_555 ? 
22 AC3 9  HOH G .   ? HOH A 365 . ? 4_575 ? 
23 AC3 9  HOH G .   ? HOH A 392 . ? 1_555 ? 
24 AC3 9  HOH G .   ? HOH A 457 . ? 1_555 ? 
25 AC3 9  HOH G .   ? HOH A 458 . ? 1_555 ? 
26 AC3 9  HOH G .   ? HOH A 460 . ? 1_555 ? 
27 AC4 4  SER A 104 ? SER A 114 . ? 1_555 ? 
28 AC4 4  LYS A 105 ? LYS A 115 . ? 1_555 ? 
29 AC4 4  LYS A 120 ? LYS A 131 . ? 3_744 ? 
30 AC4 4  HOH G .   ? HOH A 402 . ? 1_555 ? 
# 
_pdbx_entry_details.entry_id                   1TJK 
_pdbx_entry_details.compound_details           ? 
_pdbx_entry_details.source_details             ? 
_pdbx_entry_details.nonpolymer_details         ? 
_pdbx_entry_details.sequence_details           ? 
_pdbx_entry_details.has_ligand_of_interest     ? 
_pdbx_entry_details.has_protein_modification   Y 
# 
loop_
_pdbx_validate_torsion.id 
_pdbx_validate_torsion.PDB_model_num 
_pdbx_validate_torsion.auth_comp_id 
_pdbx_validate_torsion.auth_asym_id 
_pdbx_validate_torsion.auth_seq_id 
_pdbx_validate_torsion.PDB_ins_code 
_pdbx_validate_torsion.label_alt_id 
_pdbx_validate_torsion.phi 
_pdbx_validate_torsion.psi 
1 1 SER A 24  ? ? -144.72 29.73   
2 1 TRP A 31  ? ? -162.51 -51.13  
3 1 ASN A 79  ? ? 54.08   -120.18 
4 1 LEU A 110 ? ? -31.34  -34.33  
5 1 SER I 3   ? ? 172.68  -14.21  
# 
loop_
_chem_comp_atom.comp_id 
_chem_comp_atom.atom_id 
_chem_comp_atom.type_symbol 
_chem_comp_atom.pdbx_aromatic_flag 
_chem_comp_atom.pdbx_stereo_config 
_chem_comp_atom.pdbx_ordinal 
ALA N    N N N 1   
ALA CA   C N S 2   
ALA C    C N N 3   
ALA O    O N N 4   
ALA CB   C N N 5   
ALA OXT  O N N 6   
ALA H    H N N 7   
ALA H2   H N N 8   
ALA HA   H N N 9   
ALA HB1  H N N 10  
ALA HB2  H N N 11  
ALA HB3  H N N 12  
ALA HXT  H N N 13  
ARG N    N N N 14  
ARG CA   C N S 15  
ARG C    C N N 16  
ARG O    O N N 17  
ARG CB   C N N 18  
ARG CG   C N N 19  
ARG CD   C N N 20  
ARG NE   N N N 21  
ARG CZ   C N N 22  
ARG NH1  N N N 23  
ARG NH2  N N N 24  
ARG OXT  O N N 25  
ARG H    H N N 26  
ARG H2   H N N 27  
ARG HA   H N N 28  
ARG HB2  H N N 29  
ARG HB3  H N N 30  
ARG HG2  H N N 31  
ARG HG3  H N N 32  
ARG HD2  H N N 33  
ARG HD3  H N N 34  
ARG HE   H N N 35  
ARG HH11 H N N 36  
ARG HH12 H N N 37  
ARG HH21 H N N 38  
ARG HH22 H N N 39  
ARG HXT  H N N 40  
ASN N    N N N 41  
ASN CA   C N S 42  
ASN C    C N N 43  
ASN O    O N N 44  
ASN CB   C N N 45  
ASN CG   C N N 46  
ASN OD1  O N N 47  
ASN ND2  N N N 48  
ASN OXT  O N N 49  
ASN H    H N N 50  
ASN H2   H N N 51  
ASN HA   H N N 52  
ASN HB2  H N N 53  
ASN HB3  H N N 54  
ASN HD21 H N N 55  
ASN HD22 H N N 56  
ASN HXT  H N N 57  
ASP N    N N N 58  
ASP CA   C N S 59  
ASP C    C N N 60  
ASP O    O N N 61  
ASP CB   C N N 62  
ASP CG   C N N 63  
ASP OD1  O N N 64  
ASP OD2  O N N 65  
ASP OXT  O N N 66  
ASP H    H N N 67  
ASP H2   H N N 68  
ASP HA   H N N 69  
ASP HB2  H N N 70  
ASP HB3  H N N 71  
ASP HD2  H N N 72  
ASP HXT  H N N 73  
CYS N    N N N 74  
CYS CA   C N R 75  
CYS C    C N N 76  
CYS O    O N N 77  
CYS CB   C N N 78  
CYS SG   S N N 79  
CYS OXT  O N N 80  
CYS H    H N N 81  
CYS H2   H N N 82  
CYS HA   H N N 83  
CYS HB2  H N N 84  
CYS HB3  H N N 85  
CYS HG   H N N 86  
CYS HXT  H N N 87  
GLN N    N N N 88  
GLN CA   C N S 89  
GLN C    C N N 90  
GLN O    O N N 91  
GLN CB   C N N 92  
GLN CG   C N N 93  
GLN CD   C N N 94  
GLN OE1  O N N 95  
GLN NE2  N N N 96  
GLN OXT  O N N 97  
GLN H    H N N 98  
GLN H2   H N N 99  
GLN HA   H N N 100 
GLN HB2  H N N 101 
GLN HB3  H N N 102 
GLN HG2  H N N 103 
GLN HG3  H N N 104 
GLN HE21 H N N 105 
GLN HE22 H N N 106 
GLN HXT  H N N 107 
GLU N    N N N 108 
GLU CA   C N S 109 
GLU C    C N N 110 
GLU O    O N N 111 
GLU CB   C N N 112 
GLU CG   C N N 113 
GLU CD   C N N 114 
GLU OE1  O N N 115 
GLU OE2  O N N 116 
GLU OXT  O N N 117 
GLU H    H N N 118 
GLU H2   H N N 119 
GLU HA   H N N 120 
GLU HB2  H N N 121 
GLU HB3  H N N 122 
GLU HG2  H N N 123 
GLU HG3  H N N 124 
GLU HE2  H N N 125 
GLU HXT  H N N 126 
GLY N    N N N 127 
GLY CA   C N N 128 
GLY C    C N N 129 
GLY O    O N N 130 
GLY OXT  O N N 131 
GLY H    H N N 132 
GLY H2   H N N 133 
GLY HA2  H N N 134 
GLY HA3  H N N 135 
GLY HXT  H N N 136 
HIS N    N N N 137 
HIS CA   C N S 138 
HIS C    C N N 139 
HIS O    O N N 140 
HIS CB   C N N 141 
HIS CG   C Y N 142 
HIS ND1  N Y N 143 
HIS CD2  C Y N 144 
HIS CE1  C Y N 145 
HIS NE2  N Y N 146 
HIS OXT  O N N 147 
HIS H    H N N 148 
HIS H2   H N N 149 
HIS HA   H N N 150 
HIS HB2  H N N 151 
HIS HB3  H N N 152 
HIS HD1  H N N 153 
HIS HD2  H N N 154 
HIS HE1  H N N 155 
HIS HE2  H N N 156 
HIS HXT  H N N 157 
HOH O    O N N 158 
HOH H1   H N N 159 
HOH H2   H N N 160 
ILE N    N N N 161 
ILE CA   C N S 162 
ILE C    C N N 163 
ILE O    O N N 164 
ILE CB   C N S 165 
ILE CG1  C N N 166 
ILE CG2  C N N 167 
ILE CD1  C N N 168 
ILE OXT  O N N 169 
ILE H    H N N 170 
ILE H2   H N N 171 
ILE HA   H N N 172 
ILE HB   H N N 173 
ILE HG12 H N N 174 
ILE HG13 H N N 175 
ILE HG21 H N N 176 
ILE HG22 H N N 177 
ILE HG23 H N N 178 
ILE HD11 H N N 179 
ILE HD12 H N N 180 
ILE HD13 H N N 181 
ILE HXT  H N N 182 
LEU N    N N N 183 
LEU CA   C N S 184 
LEU C    C N N 185 
LEU O    O N N 186 
LEU CB   C N N 187 
LEU CG   C N N 188 
LEU CD1  C N N 189 
LEU CD2  C N N 190 
LEU OXT  O N N 191 
LEU H    H N N 192 
LEU H2   H N N 193 
LEU HA   H N N 194 
LEU HB2  H N N 195 
LEU HB3  H N N 196 
LEU HG   H N N 197 
LEU HD11 H N N 198 
LEU HD12 H N N 199 
LEU HD13 H N N 200 
LEU HD21 H N N 201 
LEU HD22 H N N 202 
LEU HD23 H N N 203 
LEU HXT  H N N 204 
LYS N    N N N 205 
LYS CA   C N S 206 
LYS C    C N N 207 
LYS O    O N N 208 
LYS CB   C N N 209 
LYS CG   C N N 210 
LYS CD   C N N 211 
LYS CE   C N N 212 
LYS NZ   N N N 213 
LYS OXT  O N N 214 
LYS H    H N N 215 
LYS H2   H N N 216 
LYS HA   H N N 217 
LYS HB2  H N N 218 
LYS HB3  H N N 219 
LYS HG2  H N N 220 
LYS HG3  H N N 221 
LYS HD2  H N N 222 
LYS HD3  H N N 223 
LYS HE2  H N N 224 
LYS HE3  H N N 225 
LYS HZ1  H N N 226 
LYS HZ2  H N N 227 
LYS HZ3  H N N 228 
LYS HXT  H N N 229 
MET N    N N N 230 
MET CA   C N S 231 
MET C    C N N 232 
MET O    O N N 233 
MET CB   C N N 234 
MET CG   C N N 235 
MET SD   S N N 236 
MET CE   C N N 237 
MET OXT  O N N 238 
MET H    H N N 239 
MET H2   H N N 240 
MET HA   H N N 241 
MET HB2  H N N 242 
MET HB3  H N N 243 
MET HG2  H N N 244 
MET HG3  H N N 245 
MET HE1  H N N 246 
MET HE2  H N N 247 
MET HE3  H N N 248 
MET HXT  H N N 249 
PHE N    N N N 250 
PHE CA   C N S 251 
PHE C    C N N 252 
PHE O    O N N 253 
PHE CB   C N N 254 
PHE CG   C Y N 255 
PHE CD1  C Y N 256 
PHE CD2  C Y N 257 
PHE CE1  C Y N 258 
PHE CE2  C Y N 259 
PHE CZ   C Y N 260 
PHE OXT  O N N 261 
PHE H    H N N 262 
PHE H2   H N N 263 
PHE HA   H N N 264 
PHE HB2  H N N 265 
PHE HB3  H N N 266 
PHE HD1  H N N 267 
PHE HD2  H N N 268 
PHE HE1  H N N 269 
PHE HE2  H N N 270 
PHE HZ   H N N 271 
PHE HXT  H N N 272 
PRO N    N N N 273 
PRO CA   C N S 274 
PRO C    C N N 275 
PRO O    O N N 276 
PRO CB   C N N 277 
PRO CG   C N N 278 
PRO CD   C N N 279 
PRO OXT  O N N 280 
PRO H    H N N 281 
PRO HA   H N N 282 
PRO HB2  H N N 283 
PRO HB3  H N N 284 
PRO HG2  H N N 285 
PRO HG3  H N N 286 
PRO HD2  H N N 287 
PRO HD3  H N N 288 
PRO HXT  H N N 289 
SER N    N N N 290 
SER CA   C N S 291 
SER C    C N N 292 
SER O    O N N 293 
SER CB   C N N 294 
SER OG   O N N 295 
SER OXT  O N N 296 
SER H    H N N 297 
SER H2   H N N 298 
SER HA   H N N 299 
SER HB2  H N N 300 
SER HB3  H N N 301 
SER HG   H N N 302 
SER HXT  H N N 303 
SO4 S    S N N 304 
SO4 O1   O N N 305 
SO4 O2   O N N 306 
SO4 O3   O N N 307 
SO4 O4   O N N 308 
THR N    N N N 309 
THR CA   C N S 310 
THR C    C N N 311 
THR O    O N N 312 
THR CB   C N R 313 
THR OG1  O N N 314 
THR CG2  C N N 315 
THR OXT  O N N 316 
THR H    H N N 317 
THR H2   H N N 318 
THR HA   H N N 319 
THR HB   H N N 320 
THR HG1  H N N 321 
THR HG21 H N N 322 
THR HG22 H N N 323 
THR HG23 H N N 324 
THR HXT  H N N 325 
TRP N    N N N 326 
TRP CA   C N S 327 
TRP C    C N N 328 
TRP O    O N N 329 
TRP CB   C N N 330 
TRP CG   C Y N 331 
TRP CD1  C Y N 332 
TRP CD2  C Y N 333 
TRP NE1  N Y N 334 
TRP CE2  C Y N 335 
TRP CE3  C Y N 336 
TRP CZ2  C Y N 337 
TRP CZ3  C Y N 338 
TRP CH2  C Y N 339 
TRP OXT  O N N 340 
TRP H    H N N 341 
TRP H2   H N N 342 
TRP HA   H N N 343 
TRP HB2  H N N 344 
TRP HB3  H N N 345 
TRP HD1  H N N 346 
TRP HE1  H N N 347 
TRP HE3  H N N 348 
TRP HZ2  H N N 349 
TRP HZ3  H N N 350 
TRP HH2  H N N 351 
TRP HXT  H N N 352 
TYR N    N N N 353 
TYR CA   C N S 354 
TYR C    C N N 355 
TYR O    O N N 356 
TYR CB   C N N 357 
TYR CG   C Y N 358 
TYR CD1  C Y N 359 
TYR CD2  C Y N 360 
TYR CE1  C Y N 361 
TYR CE2  C Y N 362 
TYR CZ   C Y N 363 
TYR OH   O N N 364 
TYR OXT  O N N 365 
TYR H    H N N 366 
TYR H2   H N N 367 
TYR HA   H N N 368 
TYR HB2  H N N 369 
TYR HB3  H N N 370 
TYR HD1  H N N 371 
TYR HD2  H N N 372 
TYR HE1  H N N 373 
TYR HE2  H N N 374 
TYR HH   H N N 375 
TYR HXT  H N N 376 
VAL N    N N N 377 
VAL CA   C N S 378 
VAL C    C N N 379 
VAL O    O N N 380 
VAL CB   C N N 381 
VAL CG1  C N N 382 
VAL CG2  C N N 383 
VAL OXT  O N N 384 
VAL H    H N N 385 
VAL H2   H N N 386 
VAL HA   H N N 387 
VAL HB   H N N 388 
VAL HG11 H N N 389 
VAL HG12 H N N 390 
VAL HG13 H N N 391 
VAL HG21 H N N 392 
VAL HG22 H N N 393 
VAL HG23 H N N 394 
VAL HXT  H N N 395 
# 
loop_
_chem_comp_bond.comp_id 
_chem_comp_bond.atom_id_1 
_chem_comp_bond.atom_id_2 
_chem_comp_bond.value_order 
_chem_comp_bond.pdbx_aromatic_flag 
_chem_comp_bond.pdbx_stereo_config 
_chem_comp_bond.pdbx_ordinal 
ALA N   CA   sing N N 1   
ALA N   H    sing N N 2   
ALA N   H2   sing N N 3   
ALA CA  C    sing N N 4   
ALA CA  CB   sing N N 5   
ALA CA  HA   sing N N 6   
ALA C   O    doub N N 7   
ALA C   OXT  sing N N 8   
ALA CB  HB1  sing N N 9   
ALA CB  HB2  sing N N 10  
ALA CB  HB3  sing N N 11  
ALA OXT HXT  sing N N 12  
ARG N   CA   sing N N 13  
ARG N   H    sing N N 14  
ARG N   H2   sing N N 15  
ARG CA  C    sing N N 16  
ARG CA  CB   sing N N 17  
ARG CA  HA   sing N N 18  
ARG C   O    doub N N 19  
ARG C   OXT  sing N N 20  
ARG CB  CG   sing N N 21  
ARG CB  HB2  sing N N 22  
ARG CB  HB3  sing N N 23  
ARG CG  CD   sing N N 24  
ARG CG  HG2  sing N N 25  
ARG CG  HG3  sing N N 26  
ARG CD  NE   sing N N 27  
ARG CD  HD2  sing N N 28  
ARG CD  HD3  sing N N 29  
ARG NE  CZ   sing N N 30  
ARG NE  HE   sing N N 31  
ARG CZ  NH1  sing N N 32  
ARG CZ  NH2  doub N N 33  
ARG NH1 HH11 sing N N 34  
ARG NH1 HH12 sing N N 35  
ARG NH2 HH21 sing N N 36  
ARG NH2 HH22 sing N N 37  
ARG OXT HXT  sing N N 38  
ASN N   CA   sing N N 39  
ASN N   H    sing N N 40  
ASN N   H2   sing N N 41  
ASN CA  C    sing N N 42  
ASN CA  CB   sing N N 43  
ASN CA  HA   sing N N 44  
ASN C   O    doub N N 45  
ASN C   OXT  sing N N 46  
ASN CB  CG   sing N N 47  
ASN CB  HB2  sing N N 48  
ASN CB  HB3  sing N N 49  
ASN CG  OD1  doub N N 50  
ASN CG  ND2  sing N N 51  
ASN ND2 HD21 sing N N 52  
ASN ND2 HD22 sing N N 53  
ASN OXT HXT  sing N N 54  
ASP N   CA   sing N N 55  
ASP N   H    sing N N 56  
ASP N   H2   sing N N 57  
ASP CA  C    sing N N 58  
ASP CA  CB   sing N N 59  
ASP CA  HA   sing N N 60  
ASP C   O    doub N N 61  
ASP C   OXT  sing N N 62  
ASP CB  CG   sing N N 63  
ASP CB  HB2  sing N N 64  
ASP CB  HB3  sing N N 65  
ASP CG  OD1  doub N N 66  
ASP CG  OD2  sing N N 67  
ASP OD2 HD2  sing N N 68  
ASP OXT HXT  sing N N 69  
CYS N   CA   sing N N 70  
CYS N   H    sing N N 71  
CYS N   H2   sing N N 72  
CYS CA  C    sing N N 73  
CYS CA  CB   sing N N 74  
CYS CA  HA   sing N N 75  
CYS C   O    doub N N 76  
CYS C   OXT  sing N N 77  
CYS CB  SG   sing N N 78  
CYS CB  HB2  sing N N 79  
CYS CB  HB3  sing N N 80  
CYS SG  HG   sing N N 81  
CYS OXT HXT  sing N N 82  
GLN N   CA   sing N N 83  
GLN N   H    sing N N 84  
GLN N   H2   sing N N 85  
GLN CA  C    sing N N 86  
GLN CA  CB   sing N N 87  
GLN CA  HA   sing N N 88  
GLN C   O    doub N N 89  
GLN C   OXT  sing N N 90  
GLN CB  CG   sing N N 91  
GLN CB  HB2  sing N N 92  
GLN CB  HB3  sing N N 93  
GLN CG  CD   sing N N 94  
GLN CG  HG2  sing N N 95  
GLN CG  HG3  sing N N 96  
GLN CD  OE1  doub N N 97  
GLN CD  NE2  sing N N 98  
GLN NE2 HE21 sing N N 99  
GLN NE2 HE22 sing N N 100 
GLN OXT HXT  sing N N 101 
GLU N   CA   sing N N 102 
GLU N   H    sing N N 103 
GLU N   H2   sing N N 104 
GLU CA  C    sing N N 105 
GLU CA  CB   sing N N 106 
GLU CA  HA   sing N N 107 
GLU C   O    doub N N 108 
GLU C   OXT  sing N N 109 
GLU CB  CG   sing N N 110 
GLU CB  HB2  sing N N 111 
GLU CB  HB3  sing N N 112 
GLU CG  CD   sing N N 113 
GLU CG  HG2  sing N N 114 
GLU CG  HG3  sing N N 115 
GLU CD  OE1  doub N N 116 
GLU CD  OE2  sing N N 117 
GLU OE2 HE2  sing N N 118 
GLU OXT HXT  sing N N 119 
GLY N   CA   sing N N 120 
GLY N   H    sing N N 121 
GLY N   H2   sing N N 122 
GLY CA  C    sing N N 123 
GLY CA  HA2  sing N N 124 
GLY CA  HA3  sing N N 125 
GLY C   O    doub N N 126 
GLY C   OXT  sing N N 127 
GLY OXT HXT  sing N N 128 
HIS N   CA   sing N N 129 
HIS N   H    sing N N 130 
HIS N   H2   sing N N 131 
HIS CA  C    sing N N 132 
HIS CA  CB   sing N N 133 
HIS CA  HA   sing N N 134 
HIS C   O    doub N N 135 
HIS C   OXT  sing N N 136 
HIS CB  CG   sing N N 137 
HIS CB  HB2  sing N N 138 
HIS CB  HB3  sing N N 139 
HIS CG  ND1  sing Y N 140 
HIS CG  CD2  doub Y N 141 
HIS ND1 CE1  doub Y N 142 
HIS ND1 HD1  sing N N 143 
HIS CD2 NE2  sing Y N 144 
HIS CD2 HD2  sing N N 145 
HIS CE1 NE2  sing Y N 146 
HIS CE1 HE1  sing N N 147 
HIS NE2 HE2  sing N N 148 
HIS OXT HXT  sing N N 149 
HOH O   H1   sing N N 150 
HOH O   H2   sing N N 151 
ILE N   CA   sing N N 152 
ILE N   H    sing N N 153 
ILE N   H2   sing N N 154 
ILE CA  C    sing N N 155 
ILE CA  CB   sing N N 156 
ILE CA  HA   sing N N 157 
ILE C   O    doub N N 158 
ILE C   OXT  sing N N 159 
ILE CB  CG1  sing N N 160 
ILE CB  CG2  sing N N 161 
ILE CB  HB   sing N N 162 
ILE CG1 CD1  sing N N 163 
ILE CG1 HG12 sing N N 164 
ILE CG1 HG13 sing N N 165 
ILE CG2 HG21 sing N N 166 
ILE CG2 HG22 sing N N 167 
ILE CG2 HG23 sing N N 168 
ILE CD1 HD11 sing N N 169 
ILE CD1 HD12 sing N N 170 
ILE CD1 HD13 sing N N 171 
ILE OXT HXT  sing N N 172 
LEU N   CA   sing N N 173 
LEU N   H    sing N N 174 
LEU N   H2   sing N N 175 
LEU CA  C    sing N N 176 
LEU CA  CB   sing N N 177 
LEU CA  HA   sing N N 178 
LEU C   O    doub N N 179 
LEU C   OXT  sing N N 180 
LEU CB  CG   sing N N 181 
LEU CB  HB2  sing N N 182 
LEU CB  HB3  sing N N 183 
LEU CG  CD1  sing N N 184 
LEU CG  CD2  sing N N 185 
LEU CG  HG   sing N N 186 
LEU CD1 HD11 sing N N 187 
LEU CD1 HD12 sing N N 188 
LEU CD1 HD13 sing N N 189 
LEU CD2 HD21 sing N N 190 
LEU CD2 HD22 sing N N 191 
LEU CD2 HD23 sing N N 192 
LEU OXT HXT  sing N N 193 
LYS N   CA   sing N N 194 
LYS N   H    sing N N 195 
LYS N   H2   sing N N 196 
LYS CA  C    sing N N 197 
LYS CA  CB   sing N N 198 
LYS CA  HA   sing N N 199 
LYS C   O    doub N N 200 
LYS C   OXT  sing N N 201 
LYS CB  CG   sing N N 202 
LYS CB  HB2  sing N N 203 
LYS CB  HB3  sing N N 204 
LYS CG  CD   sing N N 205 
LYS CG  HG2  sing N N 206 
LYS CG  HG3  sing N N 207 
LYS CD  CE   sing N N 208 
LYS CD  HD2  sing N N 209 
LYS CD  HD3  sing N N 210 
LYS CE  NZ   sing N N 211 
LYS CE  HE2  sing N N 212 
LYS CE  HE3  sing N N 213 
LYS NZ  HZ1  sing N N 214 
LYS NZ  HZ2  sing N N 215 
LYS NZ  HZ3  sing N N 216 
LYS OXT HXT  sing N N 217 
MET N   CA   sing N N 218 
MET N   H    sing N N 219 
MET N   H2   sing N N 220 
MET CA  C    sing N N 221 
MET CA  CB   sing N N 222 
MET CA  HA   sing N N 223 
MET C   O    doub N N 224 
MET C   OXT  sing N N 225 
MET CB  CG   sing N N 226 
MET CB  HB2  sing N N 227 
MET CB  HB3  sing N N 228 
MET CG  SD   sing N N 229 
MET CG  HG2  sing N N 230 
MET CG  HG3  sing N N 231 
MET SD  CE   sing N N 232 
MET CE  HE1  sing N N 233 
MET CE  HE2  sing N N 234 
MET CE  HE3  sing N N 235 
MET OXT HXT  sing N N 236 
PHE N   CA   sing N N 237 
PHE N   H    sing N N 238 
PHE N   H2   sing N N 239 
PHE CA  C    sing N N 240 
PHE CA  CB   sing N N 241 
PHE CA  HA   sing N N 242 
PHE C   O    doub N N 243 
PHE C   OXT  sing N N 244 
PHE CB  CG   sing N N 245 
PHE CB  HB2  sing N N 246 
PHE CB  HB3  sing N N 247 
PHE CG  CD1  doub Y N 248 
PHE CG  CD2  sing Y N 249 
PHE CD1 CE1  sing Y N 250 
PHE CD1 HD1  sing N N 251 
PHE CD2 CE2  doub Y N 252 
PHE CD2 HD2  sing N N 253 
PHE CE1 CZ   doub Y N 254 
PHE CE1 HE1  sing N N 255 
PHE CE2 CZ   sing Y N 256 
PHE CE2 HE2  sing N N 257 
PHE CZ  HZ   sing N N 258 
PHE OXT HXT  sing N N 259 
PRO N   CA   sing N N 260 
PRO N   CD   sing N N 261 
PRO N   H    sing N N 262 
PRO CA  C    sing N N 263 
PRO CA  CB   sing N N 264 
PRO CA  HA   sing N N 265 
PRO C   O    doub N N 266 
PRO C   OXT  sing N N 267 
PRO CB  CG   sing N N 268 
PRO CB  HB2  sing N N 269 
PRO CB  HB3  sing N N 270 
PRO CG  CD   sing N N 271 
PRO CG  HG2  sing N N 272 
PRO CG  HG3  sing N N 273 
PRO CD  HD2  sing N N 274 
PRO CD  HD3  sing N N 275 
PRO OXT HXT  sing N N 276 
SER N   CA   sing N N 277 
SER N   H    sing N N 278 
SER N   H2   sing N N 279 
SER CA  C    sing N N 280 
SER CA  CB   sing N N 281 
SER CA  HA   sing N N 282 
SER C   O    doub N N 283 
SER C   OXT  sing N N 284 
SER CB  OG   sing N N 285 
SER CB  HB2  sing N N 286 
SER CB  HB3  sing N N 287 
SER OG  HG   sing N N 288 
SER OXT HXT  sing N N 289 
SO4 S   O1   doub N N 290 
SO4 S   O2   doub N N 291 
SO4 S   O3   sing N N 292 
SO4 S   O4   sing N N 293 
THR N   CA   sing N N 294 
THR N   H    sing N N 295 
THR N   H2   sing N N 296 
THR CA  C    sing N N 297 
THR CA  CB   sing N N 298 
THR CA  HA   sing N N 299 
THR C   O    doub N N 300 
THR C   OXT  sing N N 301 
THR CB  OG1  sing N N 302 
THR CB  CG2  sing N N 303 
THR CB  HB   sing N N 304 
THR OG1 HG1  sing N N 305 
THR CG2 HG21 sing N N 306 
THR CG2 HG22 sing N N 307 
THR CG2 HG23 sing N N 308 
THR OXT HXT  sing N N 309 
TRP N   CA   sing N N 310 
TRP N   H    sing N N 311 
TRP N   H2   sing N N 312 
TRP CA  C    sing N N 313 
TRP CA  CB   sing N N 314 
TRP CA  HA   sing N N 315 
TRP C   O    doub N N 316 
TRP C   OXT  sing N N 317 
TRP CB  CG   sing N N 318 
TRP CB  HB2  sing N N 319 
TRP CB  HB3  sing N N 320 
TRP CG  CD1  doub Y N 321 
TRP CG  CD2  sing Y N 322 
TRP CD1 NE1  sing Y N 323 
TRP CD1 HD1  sing N N 324 
TRP CD2 CE2  doub Y N 325 
TRP CD2 CE3  sing Y N 326 
TRP NE1 CE2  sing Y N 327 
TRP NE1 HE1  sing N N 328 
TRP CE2 CZ2  sing Y N 329 
TRP CE3 CZ3  doub Y N 330 
TRP CE3 HE3  sing N N 331 
TRP CZ2 CH2  doub Y N 332 
TRP CZ2 HZ2  sing N N 333 
TRP CZ3 CH2  sing Y N 334 
TRP CZ3 HZ3  sing N N 335 
TRP CH2 HH2  sing N N 336 
TRP OXT HXT  sing N N 337 
TYR N   CA   sing N N 338 
TYR N   H    sing N N 339 
TYR N   H2   sing N N 340 
TYR CA  C    sing N N 341 
TYR CA  CB   sing N N 342 
TYR CA  HA   sing N N 343 
TYR C   O    doub N N 344 
TYR C   OXT  sing N N 345 
TYR CB  CG   sing N N 346 
TYR CB  HB2  sing N N 347 
TYR CB  HB3  sing N N 348 
TYR CG  CD1  doub Y N 349 
TYR CG  CD2  sing Y N 350 
TYR CD1 CE1  sing Y N 351 
TYR CD1 HD1  sing N N 352 
TYR CD2 CE2  doub Y N 353 
TYR CD2 HD2  sing N N 354 
TYR CE1 CZ   doub Y N 355 
TYR CE1 HE1  sing N N 356 
TYR CE2 CZ   sing Y N 357 
TYR CE2 HE2  sing N N 358 
TYR CZ  OH   sing N N 359 
TYR OH  HH   sing N N 360 
TYR OXT HXT  sing N N 361 
VAL N   CA   sing N N 362 
VAL N   H    sing N N 363 
VAL N   H2   sing N N 364 
VAL CA  C    sing N N 365 
VAL CA  CB   sing N N 366 
VAL CA  HA   sing N N 367 
VAL C   O    doub N N 368 
VAL C   OXT  sing N N 369 
VAL CB  CG1  sing N N 370 
VAL CB  CG2  sing N N 371 
VAL CB  HB   sing N N 372 
VAL CG1 HG11 sing N N 373 
VAL CG1 HG12 sing N N 374 
VAL CG1 HG13 sing N N 375 
VAL CG2 HG21 sing N N 376 
VAL CG2 HG22 sing N N 377 
VAL CG2 HG23 sing N N 378 
VAL OXT HXT  sing N N 379 
# 
_pdbx_initial_refinement_model.id               1 
_pdbx_initial_refinement_model.entity_id_list   ? 
_pdbx_initial_refinement_model.type             'experimental model' 
_pdbx_initial_refinement_model.source_name      PDB 
_pdbx_initial_refinement_model.accession_code   1SKG 
_pdbx_initial_refinement_model.details          'pdb entry 1SKG' 
# 
_atom_sites.entry_id                    1TJK 
_atom_sites.fract_transf_matrix[1][1]   -0.01103534 
_atom_sites.fract_transf_matrix[1][2]   -0.01318692 
_atom_sites.fract_transf_matrix[1][3]   0.00836753 
_atom_sites.fract_transf_matrix[2][1]   -0.00370513 
_atom_sites.fract_transf_matrix[2][2]   0.01216367 
_atom_sites.fract_transf_matrix[2][3]   0.01428308 
_atom_sites.fract_transf_matrix[3][1]   -0.01658715 
_atom_sites.fract_transf_matrix[3][2]   0.00723881 
_atom_sites.fract_transf_matrix[3][3]   -0.01046750 
_atom_sites.fract_transf_vector[1]      0.970558 
_atom_sites.fract_transf_vector[2]      0.657443 
_atom_sites.fract_transf_vector[3]      0.009181 
# 
loop_
_atom_type.symbol 
C 
N 
O 
S 
# 
loop_
_atom_site.group_PDB 
_atom_site.id 
_atom_site.type_symbol 
_atom_site.label_atom_id 
_atom_site.label_alt_id 
_atom_site.label_comp_id 
_atom_site.label_asym_id 
_atom_site.label_entity_id 
_atom_site.label_seq_id 
_atom_site.pdbx_PDB_ins_code 
_atom_site.Cartn_x 
_atom_site.Cartn_y 
_atom_site.Cartn_z 
_atom_site.occupancy 
_atom_site.B_iso_or_equiv 
_atom_site.pdbx_formal_charge 
_atom_site.auth_seq_id 
_atom_site.auth_comp_id 
_atom_site.auth_asym_id 
_atom_site.auth_atom_id 
_atom_site.pdbx_PDB_model_num 
ATOM   1    N N   . SER A 1 1   ? 1.983   10.741  -1.884  1.00 11.38 ? 1   SER A N   1 
ATOM   2    C CA  . SER A 1 1   ? 1.112   10.611  -3.091  1.00 12.16 ? 1   SER A CA  1 
ATOM   3    C C   . SER A 1 1   ? 1.222   9.211   -3.661  1.00 12.34 ? 1   SER A C   1 
ATOM   4    O O   . SER A 1 1   ? 2.199   8.511   -3.413  1.00 12.31 ? 1   SER A O   1 
ATOM   5    C CB  . SER A 1 1   ? 1.526   11.607  -4.163  1.00 12.21 ? 1   SER A CB  1 
ATOM   6    O OG  . SER A 1 1   ? 2.800   11.236  -4.672  1.00 13.91 ? 1   SER A OG  1 
ATOM   7    N N   . LEU A 1 2   ? 0.183   8.779   -4.358  1.00 13.11 ? 2   LEU A N   1 
ATOM   8    C CA  . LEU A 1 2   ? 0.169   7.486   -5.029  1.00 13.94 ? 2   LEU A CA  1 
ATOM   9    C C   . LEU A 1 2   ? 1.411   7.224   -5.874  1.00 14.04 ? 2   LEU A C   1 
ATOM   10   O O   . LEU A 1 2   ? 1.972   6.126   -5.839  1.00 14.02 ? 2   LEU A O   1 
ATOM   11   C CB  . LEU A 1 2   ? -1.090  7.349   -5.886  1.00 14.78 ? 2   LEU A CB  1 
ATOM   12   C CG  . LEU A 1 2   ? -1.259  5.999   -6.575  1.00 16.59 ? 2   LEU A CG  1 
ATOM   13   C CD1 . LEU A 1 2   ? -1.036  4.853   -5.622  1.00 18.84 ? 2   LEU A CD1 1 
ATOM   14   C CD2 . LEU A 1 2   ? -2.620  5.911   -7.206  1.00 17.99 ? 2   LEU A CD2 1 
ATOM   15   N N   . LEU A 1 3   ? 1.843   8.216   -6.639  1.00 13.91 ? 3   LEU A N   1 
ATOM   16   C CA  . LEU A 1 3   ? 3.030   8.035   -7.466  1.00 14.50 ? 3   LEU A CA  1 
ATOM   17   C C   . LEU A 1 3   ? 4.293   7.825   -6.627  1.00 13.80 ? 3   LEU A C   1 
ATOM   18   O O   . LEU A 1 3   ? 5.139   6.992   -6.979  1.00 13.71 ? 3   LEU A O   1 
ATOM   19   C CB  . LEU A 1 3   ? 3.190   9.209   -8.424  1.00 15.27 ? 3   LEU A CB  1 
ATOM   20   C CG  . LEU A 1 3   ? 2.350   9.028   -9.690  1.00 18.77 ? 3   LEU A CG  1 
ATOM   21   C CD1 . LEU A 1 3   ? 2.118   10.357  -10.368 1.00 20.95 ? 3   LEU A CD1 1 
ATOM   22   C CD2 . LEU A 1 3   ? 3.015   8.050   -10.641 1.00 20.02 ? 3   LEU A CD2 1 
ATOM   23   N N   . GLU A 1 4   ? 4.420   8.556   -5.516  1.00 13.21 ? 4   GLU A N   1 
ATOM   24   C CA  . GLU A 1 4   ? 5.564   8.389   -4.628  1.00 12.70 ? 4   GLU A CA  1 
ATOM   25   C C   . GLU A 1 4   ? 5.519   7.017   -3.986  1.00 12.01 ? 4   GLU A C   1 
ATOM   26   O O   . GLU A 1 4   ? 6.539   6.372   -3.837  1.00 12.30 ? 4   GLU A O   1 
ATOM   27   C CB  . GLU A 1 4   ? 5.580   9.426   -3.511  1.00 13.45 ? 4   GLU A CB  1 
ATOM   28   C CG  . GLU A 1 4   ? 5.981   10.799  -3.940  1.00 14.18 ? 4   GLU A CG  1 
ATOM   29   C CD  . GLU A 1 4   ? 5.577   11.879  -2.958  1.00 14.27 ? 4   GLU A CD  1 
ATOM   30   O OE1 . GLU A 1 4   ? 4.948   11.613  -1.889  1.00 13.38 ? 4   GLU A OE1 1 
ATOM   31   O OE2 . GLU A 1 4   ? 5.977   13.023  -3.251  1.00 16.35 ? 4   GLU A OE2 1 
ATOM   32   N N   . PHE A 1 5   ? 4.338   6.585   -3.562  1.00 11.09 ? 5   PHE A N   1 
ATOM   33   C CA  . PHE A 1 5   ? 4.161   5.259   -2.985  1.00 10.95 ? 5   PHE A CA  1 
ATOM   34   C C   . PHE A 1 5   ? 4.599   4.207   -4.005  1.00 10.80 ? 5   PHE A C   1 
ATOM   35   O O   . PHE A 1 5   ? 5.286   3.253   -3.649  1.00 10.49 ? 5   PHE A O   1 
ATOM   36   C CB  . PHE A 1 5   ? 2.688   5.083   -2.551  1.00 10.76 ? 5   PHE A CB  1 
ATOM   37   C CG  . PHE A 1 5   ? 2.358   3.772   -1.880  1.00 10.77 ? 5   PHE A CG  1 
ATOM   38   C CD1 . PHE A 1 5   ? 3.222   3.160   -0.981  1.00 11.18 ? 5   PHE A CD1 1 
ATOM   39   C CD2 . PHE A 1 5   ? 1.131   3.185   -2.120  1.00 12.18 ? 5   PHE A CD2 1 
ATOM   40   C CE1 . PHE A 1 5   ? 2.865   1.986   -0.360  1.00 11.16 ? 5   PHE A CE1 1 
ATOM   41   C CE2 . PHE A 1 5   ? 0.773   2.010   -1.514  1.00 12.44 ? 5   PHE A CE2 1 
ATOM   42   C CZ  . PHE A 1 5   ? 1.642   1.413   -0.622  1.00 11.65 ? 5   PHE A CZ  1 
ATOM   43   N N   . GLY A 1 6   ? 4.236   4.387   -5.268  1.00 11.02 ? 6   GLY A N   1 
ATOM   44   C CA  . GLY A 1 6   ? 4.609   3.428   -6.295  1.00 11.24 ? 6   GLY A CA  1 
ATOM   45   C C   . GLY A 1 6   ? 6.111   3.357   -6.471  1.00 11.65 ? 6   GLY A C   1 
ATOM   46   O O   . GLY A 1 6   ? 6.669   2.272   -6.649  1.00 11.60 ? 6   GLY A O   1 
ATOM   47   N N   . LYS A 1 7   ? 6.788   4.487   -6.411  1.00 11.65 ? 7   LYS A N   1 
ATOM   48   C CA  . LYS A 1 7   ? 8.249   4.494   -6.512  1.00 12.22 ? 7   LYS A CA  1 
ATOM   49   C C   . LYS A 1 7   ? 8.870   3.819   -5.287  1.00 11.82 ? 7   LYS A C   1 
ATOM   50   O O   . LYS A 1 7   ? 9.848   3.069   -5.401  1.00 12.03 ? 7   LYS A O   1 
ATOM   51   C CB  . LYS A 1 7   ? 8.758   5.928   -6.651  1.00 12.54 ? 7   LYS A CB  1 
ATOM   52   C CG  . LYS A 1 7   ? 10.259  6.052   -6.700  1.00 15.50 ? 7   LYS A CG  1 
ATOM   53   C CD  . LYS A 1 7   ? 10.676  7.515   -6.834  1.00 18.71 ? 7   LYS A CD  1 
ATOM   54   C CE  . LYS A 1 7   ? 12.187  7.669   -6.841  1.00 21.21 ? 7   LYS A CE  1 
ATOM   55   N NZ  . LYS A 1 7   ? 12.600  8.965   -7.435  1.00 23.94 ? 7   LYS A NZ  1 
ATOM   56   N N   . MET A 1 8   ? 8.298   4.070   -4.115  1.00 11.67 ? 8   MET A N   1 
ATOM   57   C CA  . MET A 1 8   ? 8.776   3.439   -2.892  1.00 11.12 ? 8   MET A CA  1 
ATOM   58   C C   . MET A 1 8   ? 8.638   1.913   -2.977  1.00 11.02 ? 8   MET A C   1 
ATOM   59   O O   . MET A 1 8   ? 9.535   1.163   -2.580  1.00 11.34 ? 8   MET A O   1 
ATOM   60   C CB  . MET A 1 8   ? 7.988   3.976   -1.700  1.00 11.14 ? 8   MET A CB  1 
ATOM   61   C CG  . MET A 1 8   ? 8.516   3.521   -0.363  1.00 10.77 ? 8   MET A CG  1 
ATOM   62   S SD  . MET A 1 8   ? 7.485   4.033   1.041   1.00 11.35 ? 8   MET A SD  1 
ATOM   63   C CE  . MET A 1 8   ? 7.917   5.784   1.212   1.00 12.64 ? 8   MET A CE  1 
ATOM   64   N N   . ILE A 1 9   ? 7.500   1.460   -3.480  1.00 10.88 ? 9   ILE A N   1 
ATOM   65   C CA  . ILE A 1 9   ? 7.259   0.033   -3.686  1.00 10.80 ? 9   ILE A CA  1 
ATOM   66   C C   . ILE A 1 9   ? 8.298   -0.577  -4.632  1.00 10.84 ? 9   ILE A C   1 
ATOM   67   O O   . ILE A 1 9   ? 8.864   -1.641  -4.340  1.00 11.30 ? 9   ILE A O   1 
ATOM   68   C CB  . ILE A 1 9   ? 5.834   -0.193  -4.226  1.00 10.85 ? 9   ILE A CB  1 
ATOM   69   C CG1 . ILE A 1 9   ? 4.800   0.182   -3.159  1.00 10.56 ? 9   ILE A CG1 1 
ATOM   70   C CG2 . ILE A 1 9   ? 5.650   -1.642  -4.664  1.00 11.40 ? 9   ILE A CG2 1 
ATOM   71   C CD1 . ILE A 1 9   ? 3.376   0.319   -3.680  1.00 10.73 ? 9   ILE A CD1 1 
ATOM   72   N N   . LEU A 1 10  ? 8.553   0.080   -5.760  1.00 11.40 ? 10  LEU A N   1 
ATOM   73   C CA  . LEU A 1 10  ? 9.530   -0.429  -6.719  1.00 12.09 ? 10  LEU A CA  1 
ATOM   74   C C   . LEU A 1 10  ? 10.929  -0.473  -6.081  1.00 12.47 ? 10  LEU A C   1 
ATOM   75   O O   . LEU A 1 10  ? 11.650  -1.473  -6.199  1.00 12.71 ? 10  LEU A O   1 
ATOM   76   C CB  . LEU A 1 10  ? 9.510   0.411   -7.995  1.00 12.91 ? 10  LEU A CB  1 
ATOM   77   C CG  . LEU A 1 10  ? 10.621  0.077   -8.998  1.00 14.38 ? 10  LEU A CG  1 
ATOM   78   C CD1 . LEU A 1 10  ? 10.508  -1.329  -9.561  1.00 15.38 ? 10  LEU A CD1 1 
ATOM   79   C CD2 . LEU A 1 10  ? 10.619  1.103   -10.111 1.00 15.86 ? 10  LEU A CD2 1 
ATOM   80   N N   . GLU A 1 11  ? 11.313  0.584   -5.377  1.00 13.19 ? 11  GLU A N   1 
ATOM   81   C CA  . GLU A 1 11  ? 12.614  0.620   -4.703  1.00 14.13 ? 11  GLU A CA  1 
ATOM   82   C C   . GLU A 1 11  ? 12.764  -0.521  -3.729  1.00 13.40 ? 11  GLU A C   1 
ATOM   83   O O   . GLU A 1 11  ? 13.825  -1.118  -3.588  1.00 13.34 ? 11  GLU A O   1 
ATOM   84   C CB  . GLU A 1 11  ? 12.754  1.871   -3.843  1.00 15.06 ? 11  GLU A CB  1 
ATOM   85   C CG  . GLU A 1 11  ? 12.935  3.161   -4.579  1.00 17.78 ? 11  GLU A CG  1 
ATOM   86   C CD  . GLU A 1 11  ? 12.966  4.366   -3.652  1.00 19.61 ? 11  GLU A CD  1 
ATOM   87   O OE1 . GLU A 1 11  ? 12.482  4.297   -2.483  1.00 18.89 ? 11  GLU A OE1 1 
ATOM   88   O OE2 . GLU A 1 11  ? 13.474  5.397   -4.111  1.00 23.03 ? 11  GLU A OE2 1 
ATOM   89   N N   . GLU A 1 12  ? 11.694  -0.790  -3.008  1.00 13.06 ? 12  GLU A N   1 
ATOM   90   C CA  . GLU A 1 12  ? 11.731  -1.779  -1.960  1.00 13.03 ? 12  GLU A CA  1 
ATOM   91   C C   . GLU A 1 12  ? 11.747  -3.207  -2.505  1.00 12.68 ? 12  GLU A C   1 
ATOM   92   O O   . GLU A 1 12  ? 12.546  -4.036  -2.063  1.00 12.55 ? 12  GLU A O   1 
ATOM   93   C CB  . GLU A 1 12  ? 10.528  -1.568  -1.037  1.00 13.48 ? 12  GLU A CB  1 
ATOM   94   C CG  . GLU A 1 12  ? 10.615  -2.308  0.269   1.00 15.59 ? 12  GLU A CG  1 
ATOM   95   C CD  . GLU A 1 12  ? 11.594  -1.700  1.245   1.00 16.10 ? 12  GLU A CD  1 
ATOM   96   O OE1 . GLU A 1 12  ? 11.836  -2.365  2.264   1.00 21.07 ? 12  GLU A OE1 1 
ATOM   97   O OE2 . GLU A 1 12  ? 12.120  -0.590  1.015   1.00 16.25 ? 12  GLU A OE2 1 
ATOM   98   N N   . THR A 1 13  ? 10.889  -3.477  -3.483  1.00 12.21 ? 13  THR A N   1 
ATOM   99   C CA  . THR A 1 13  ? 10.630  -4.850  -3.916  1.00 12.69 ? 13  THR A CA  1 
ATOM   100  C C   . THR A 1 13  ? 11.181  -5.253  -5.267  1.00 13.06 ? 13  THR A C   1 
ATOM   101  O O   . THR A 1 13  ? 11.315  -6.440  -5.530  1.00 14.37 ? 13  THR A O   1 
ATOM   102  C CB  . THR A 1 13  ? 9.111   -5.117  -3.972  1.00 12.71 ? 13  THR A CB  1 
ATOM   103  O OG1 . THR A 1 13  ? 8.524   -4.350  -5.038  1.00 12.59 ? 13  THR A OG1 1 
ATOM   104  C CG2 . THR A 1 13  ? 8.404   -4.681  -2.693  1.00 13.43 ? 13  THR A CG2 1 
ATOM   105  N N   . GLY A 1 14  ? 11.448  -4.307  -6.116  1.00 13.14 ? 14  GLY A N   1 
ATOM   106  C CA  . GLY A 1 14  ? 11.887  -4.638  -7.446  1.00 13.42 ? 14  GLY A CA  1 
ATOM   107  C C   . GLY A 1 14  ? 10.691  -4.807  -8.423  1.00 14.05 ? 14  GLY A C   1 
ATOM   108  O O   . GLY A 1 14  ? 10.902  -4.943  -9.639  1.00 15.21 ? 14  GLY A O   1 
ATOM   109  N N   . LYS A 1 15  ? 9.446   -4.839  -7.865  1.00 14.10 ? 16  LYS A N   1 
ATOM   110  C CA  . LYS A 1 15  ? 8.215   -4.978  -8.649  1.00 13.87 ? 16  LYS A CA  1 
ATOM   111  C C   . LYS A 1 15  ? 7.589   -3.599  -8.921  1.00 14.08 ? 16  LYS A C   1 
ATOM   112  O O   . LYS A 1 15  ? 7.554   -2.741  -8.053  1.00 14.08 ? 16  LYS A O   1 
ATOM   113  C CB  . LYS A 1 15  ? 7.180   -5.835  -7.909  1.00 13.70 ? 16  LYS A CB  1 
ATOM   114  C CG  . LYS A 1 15  ? 7.522   -7.317  -7.842  1.00 14.58 ? 16  LYS A CG  1 
ATOM   115  C CD  . LYS A 1 15  ? 6.430   -8.078  -7.105  1.00 15.17 ? 16  LYS A CD  1 
ATOM   116  C CE  . LYS A 1 15  ? 6.686   -9.571  -7.079  1.00 16.01 ? 16  LYS A CE  1 
ATOM   117  N NZ  . LYS A 1 15  ? 6.539   -10.189 -8.429  1.00 17.32 ? 16  LYS A NZ  1 
ATOM   118  N N   . LEU A 1 16  ? 7.082   -3.406  -10.132 1.00 14.16 ? 17  LEU A N   1 
ATOM   119  C CA  . LEU A 1 16  ? 6.360   -2.196  -10.480 1.00 14.47 ? 17  LEU A CA  1 
ATOM   120  C C   . LEU A 1 16  ? 5.017   -2.206  -9.748  1.00 14.06 ? 17  LEU A C   1 
ATOM   121  O O   . LEU A 1 16  ? 4.283   -3.185  -9.816  1.00 14.34 ? 17  LEU A O   1 
ATOM   122  C CB  . LEU A 1 16  ? 6.123   -2.156  -11.986 1.00 14.91 ? 17  LEU A CB  1 
ATOM   123  C CG  . LEU A 1 16  ? 7.367   -1.870  -12.818 1.00 16.53 ? 17  LEU A CG  1 
ATOM   124  C CD1 . LEU A 1 16  ? 7.063   -2.112  -14.296 1.00 17.41 ? 17  LEU A CD1 1 
ATOM   125  C CD2 . LEU A 1 16  ? 7.871   -0.460  -12.611 1.00 17.86 ? 17  LEU A CD2 1 
ATOM   126  N N   . ALA A 1 17  ? 4.675   -1.096  -9.086  1.00 14.14 ? 18  ALA A N   1 
ATOM   127  C CA  . ALA A 1 17  ? 3.422   -1.004  -8.333  1.00 14.41 ? 18  ALA A CA  1 
ATOM   128  C C   . ALA A 1 17  ? 2.238   -1.333  -9.231  1.00 14.65 ? 18  ALA A C   1 
ATOM   129  O O   . ALA A 1 17  ? 1.345   -2.071  -8.838  1.00 14.41 ? 18  ALA A O   1 
ATOM   130  C CB  . ALA A 1 17  ? 3.284   0.381   -7.709  1.00 14.78 ? 18  ALA A CB  1 
ATOM   131  N N   . ILE A 1 18  ? 2.228   -0.736  -10.423 1.00 14.89 ? 19  ILE A N   1 
ATOM   132  C CA  . ILE A 1 18  ? 1.296   -1.108  -11.487 1.00 16.02 ? 19  ILE A CA  1 
ATOM   133  C C   . ILE A 1 18  ? 2.163   -1.968  -12.418 1.00 16.09 ? 19  ILE A C   1 
ATOM   134  O O   . ILE A 1 18  ? 3.104   -1.439  -13.008 1.00 16.48 ? 19  ILE A O   1 
ATOM   135  C CB  . ILE A 1 18  ? 0.795   0.129   -12.277 1.00 15.73 ? 19  ILE A CB  1 
ATOM   136  C CG1 . ILE A 1 18  ? 0.210   1.178   -11.349 1.00 17.67 ? 19  ILE A CG1 1 
ATOM   137  C CG2 . ILE A 1 18  ? -0.251  -0.286  -13.320 1.00 16.41 ? 19  ILE A CG2 1 
ATOM   138  C CD1 . ILE A 1 18  ? -0.031  2.521   -12.033 1.00 19.29 ? 19  ILE A CD1 1 
ATOM   139  N N   . PRO A 1 19  ? 1.860   -3.247  -12.633 1.00 16.37 ? 20  PRO A N   1 
ATOM   140  C CA  . PRO A 1 19  ? 0.661   -3.958  -12.197 1.00 15.98 ? 20  PRO A CA  1 
ATOM   141  C C   . PRO A 1 19  ? 0.777   -4.903  -11.005 1.00 15.41 ? 20  PRO A C   1 
ATOM   142  O O   . PRO A 1 19  ? -0.214  -5.571  -10.693 1.00 16.57 ? 20  PRO A O   1 
ATOM   143  C CB  . PRO A 1 19  ? 0.403   -4.839  -13.416 1.00 16.16 ? 20  PRO A CB  1 
ATOM   144  C CG  . PRO A 1 19  ? 1.809   -5.309  -13.760 1.00 16.84 ? 20  PRO A CG  1 
ATOM   145  C CD  . PRO A 1 19  ? 2.716   -4.124  -13.453 1.00 16.07 ? 20  PRO A CD  1 
ATOM   146  N N   . SER A 1 20  ? 1.938   -4.930  -10.390 1.00 14.26 ? 21  SER A N   1 
ATOM   147  C CA  . SER A 1 20  ? 2.126   -5.884  -9.356  1.00 13.91 ? 21  SER A CA  1 
ATOM   148  C C   . SER A 1 20  ? 1.219   -5.722  -8.125  1.00 13.70 ? 21  SER A C   1 
ATOM   149  O O   . SER A 1 20  ? 0.866   -6.735  -7.517  1.00 13.88 ? 21  SER A O   1 
ATOM   150  C CB  . SER A 1 20  ? 3.615   -5.916  -8.985  1.00 13.85 ? 21  SER A CB  1 
ATOM   151  O OG  . SER A 1 20  ? 4.385   -6.473  -10.039 1.00 15.03 ? 21  SER A OG  1 
ATOM   152  N N   . TYR A 1 21  ? 0.830   -4.489  -7.709  1.00 13.64 ? 22  TYR A N   1 
ATOM   153  C CA  . TYR A 1 21  ? -0.019  -4.319  -6.463  1.00 14.15 ? 22  TYR A CA  1 
ATOM   154  C C   . TYR A 1 21  ? -1.169  -3.403  -6.714  1.00 14.83 ? 22  TYR A C   1 
ATOM   155  O O   . TYR A 1 21  ? -1.841  -2.967  -5.788  1.00 16.41 ? 22  TYR A O   1 
ATOM   156  C CB  . TYR A 1 21  ? 0.782   -3.663  -5.298  1.00 13.94 ? 22  TYR A CB  1 
ATOM   157  C CG  . TYR A 1 21  ? 1.986   -4.470  -4.882  1.00 12.51 ? 22  TYR A CG  1 
ATOM   158  C CD1 . TYR A 1 21  ? 1.867   -5.504  -3.957  1.00 12.59 ? 22  TYR A CD1 1 
ATOM   159  C CD2 . TYR A 1 21  ? 3.228   -4.215  -5.429  1.00 12.36 ? 22  TYR A CD2 1 
ATOM   160  C CE1 . TYR A 1 21  ? 2.961   -6.269  -3.618  1.00 12.19 ? 22  TYR A CE1 1 
ATOM   161  C CE2 . TYR A 1 21  ? 4.319   -4.979  -5.094  1.00 11.21 ? 22  TYR A CE2 1 
ATOM   162  C CZ  . TYR A 1 21  ? 4.181   -6.004  -4.173  1.00 10.83 ? 22  TYR A CZ  1 
ATOM   163  O OH  . TYR A 1 21  ? 5.270   -6.780  -3.826  1.00 12.22 ? 22  TYR A OH  1 
ATOM   164  N N   . SER A 1 22  ? -1.441  -3.069  -7.948  1.00 15.16 ? 23  SER A N   1 
ATOM   165  C CA  . SER A 1 22  ? -2.510  -2.160  -8.199  1.00 15.87 ? 23  SER A CA  1 
ATOM   166  C C   . SER A 1 22  ? -3.863  -2.856  -8.288  1.00 15.92 ? 23  SER A C   1 
ATOM   167  O O   . SER A 1 22  ? -4.900  -2.191  -8.233  1.00 16.14 ? 23  SER A O   1 
ATOM   168  C CB  . SER A 1 22  ? -2.235  -1.390  -9.480  1.00 16.17 ? 23  SER A CB  1 
ATOM   169  O OG  . SER A 1 22  ? -1.774  -2.253  -10.509 1.00 18.15 ? 23  SER A OG  1 
ATOM   170  N N   . SER A 1 23  ? -3.863  -4.178  -8.436  1.00 15.80 ? 24  SER A N   1 
ATOM   171  C CA  . SER A 1 23  ? -5.106  -4.951  -8.539  1.00 16.25 ? 24  SER A CA  1 
ATOM   172  C C   . SER A 1 23  ? -5.012  -6.332  -7.869  1.00 16.15 ? 24  SER A C   1 
ATOM   173  O O   . SER A 1 23  ? -5.725  -7.267  -8.237  1.00 18.10 ? 24  SER A O   1 
ATOM   174  C CB  . SER A 1 23  ? -5.478  -5.140  -10.009 1.00 16.26 ? 24  SER A CB  1 
ATOM   175  O OG  . SER A 1 23  ? -4.535  -5.976  -10.653 1.00 19.28 ? 24  SER A OG  1 
ATOM   176  N N   . TYR A 1 24  ? -4.192  -6.439  -6.836  1.00 15.12 ? 25  TYR A N   1 
ATOM   177  C CA  . TYR A 1 24  ? -3.904  -7.719  -6.199  1.00 14.06 ? 25  TYR A CA  1 
ATOM   178  C C   . TYR A 1 24  ? -4.856  -8.045  -5.061  1.00 13.88 ? 25  TYR A C   1 
ATOM   179  O O   . TYR A 1 24  ? -5.102  -7.219  -4.189  1.00 13.88 ? 25  TYR A O   1 
ATOM   180  C CB  . TYR A 1 24  ? -2.478  -7.653  -5.682  1.00 13.77 ? 25  TYR A CB  1 
ATOM   181  C CG  . TYR A 1 24  ? -1.889  -8.913  -5.112  1.00 12.61 ? 25  TYR A CG  1 
ATOM   182  C CD1 . TYR A 1 24  ? -2.167  -9.318  -3.815  1.00 12.40 ? 25  TYR A CD1 1 
ATOM   183  C CD2 . TYR A 1 24  ? -0.985  -9.642  -5.848  1.00 12.79 ? 25  TYR A CD2 1 
ATOM   184  C CE1 . TYR A 1 24  ? -1.573  -10.456 -3.289  1.00 11.79 ? 25  TYR A CE1 1 
ATOM   185  C CE2 . TYR A 1 24  ? -0.391  -10.765 -5.338  1.00 12.48 ? 25  TYR A CE2 1 
ATOM   186  C CZ  . TYR A 1 24  ? -0.679  -11.169 -4.064  1.00 11.68 ? 25  TYR A CZ  1 
ATOM   187  O OH  . TYR A 1 24  ? -0.046  -12.302 -3.597  1.00 12.36 ? 25  TYR A OH  1 
ATOM   188  N N   . GLY A 1 25  ? -5.405  -9.253  -5.083  1.00 13.19 ? 26  GLY A N   1 
ATOM   189  C CA  . GLY A 1 25  ? -6.269  -9.706  -4.018  1.00 13.23 ? 26  GLY A CA  1 
ATOM   190  C C   . GLY A 1 25  ? -7.487  -8.838  -3.814  1.00 13.21 ? 26  GLY A C   1 
ATOM   191  O O   . GLY A 1 25  ? -8.000  -8.234  -4.759  1.00 13.51 ? 26  GLY A O   1 
ATOM   192  N N   . CYS A 1 26  ? -7.938  -8.768  -2.572  1.00 13.02 ? 27  CYS A N   1 
ATOM   193  C CA  . CYS A 1 26  ? -9.140  -8.038  -2.219  1.00 13.60 ? 27  CYS A CA  1 
ATOM   194  C C   . CYS A 1 26  ? -8.898  -6.592  -1.799  1.00 13.51 ? 27  CYS A C   1 
ATOM   195  O O   . CYS A 1 26  ? -9.841  -5.797  -1.813  1.00 14.33 ? 27  CYS A O   1 
ATOM   196  C CB  . CYS A 1 26  ? -9.883  -8.783  -1.102  1.00 13.56 ? 27  CYS A CB  1 
ATOM   197  S SG  . CYS A 1 26  ? -10.544 -10.386 -1.625  1.00 15.36 ? 27  CYS A SG  1 
ATOM   198  N N   . TYR A 1 27  ? -7.659  -6.233  -1.465  1.00 13.90 ? 28  TYR A N   1 
ATOM   199  C CA  . TYR A 1 27  ? -7.383  -4.913  -0.891  1.00 14.27 ? 28  TYR A CA  1 
ATOM   200  C C   . TYR A 1 27  ? -6.320  -4.065  -1.567  1.00 15.20 ? 28  TYR A C   1 
ATOM   201  O O   . TYR A 1 27  ? -6.227  -2.868  -1.285  1.00 15.93 ? 28  TYR A O   1 
ATOM   202  C CB  . TYR A 1 27  ? -7.038  -5.063  0.591   1.00 13.88 ? 28  TYR A CB  1 
ATOM   203  C CG  . TYR A 1 27  ? -8.256  -5.470  1.372   1.00 13.54 ? 28  TYR A CG  1 
ATOM   204  C CD1 . TYR A 1 27  ? -8.528  -6.806  1.629   1.00 13.22 ? 28  TYR A CD1 1 
ATOM   205  C CD2 . TYR A 1 27  ? -9.181  -4.521  1.785   1.00 14.43 ? 28  TYR A CD2 1 
ATOM   206  C CE1 . TYR A 1 27  ? -9.660  -7.183  2.312   1.00 13.74 ? 28  TYR A CE1 1 
ATOM   207  C CE2 . TYR A 1 27  ? -10.318 -4.885  2.464   1.00 14.42 ? 28  TYR A CE2 1 
ATOM   208  C CZ  . TYR A 1 27  ? -10.560 -6.218  2.724   1.00 13.98 ? 28  TYR A CZ  1 
ATOM   209  O OH  . TYR A 1 27  ? -11.707 -6.567  3.414   1.00 14.96 ? 28  TYR A OH  1 
ATOM   210  N N   . CYS A 1 28  ? -5.530  -4.656  -2.451  1.00 16.21 ? 29  CYS A N   1 
ATOM   211  C CA  . CYS A 1 28  ? -4.465  -3.910  -3.116  1.00 17.33 ? 29  CYS A CA  1 
ATOM   212  C C   . CYS A 1 28  ? -4.997  -3.180  -4.327  1.00 20.09 ? 29  CYS A C   1 
ATOM   213  O O   . CYS A 1 28  ? -5.737  -3.738  -5.128  1.00 21.47 ? 29  CYS A O   1 
ATOM   214  C CB  . CYS A 1 28  ? -3.349  -4.841  -3.564  1.00 16.96 ? 29  CYS A CB  1 
ATOM   215  S SG  . CYS A 1 28  ? -2.507  -5.675  -2.217  1.00 13.51 ? 29  CYS A SG  1 
ATOM   216  N N   . GLY A 1 29  ? -4.630  -1.925  -4.460  1.00 22.54 ? 30  GLY A N   1 
ATOM   217  C CA  . GLY A 1 29  ? -5.007  -1.142  -5.609  1.00 24.08 ? 30  GLY A CA  1 
ATOM   218  C C   . GLY A 1 29  ? -6.475  -0.776  -5.664  1.00 25.63 ? 30  GLY A C   1 
ATOM   219  O O   . GLY A 1 29  ? -6.821  0.127   -6.429  1.00 26.43 ? 30  GLY A O   1 
ATOM   220  N N   . TRP A 1 30  ? -7.370  -1.446  -4.880  1.00 27.15 ? 31  TRP A N   1 
ATOM   221  C CA  . TRP A 1 30  ? -8.752  -1.011  -5.004  1.00 28.35 ? 31  TRP A CA  1 
ATOM   222  C C   . TRP A 1 30  ? -9.832  -1.337  -3.972  1.00 28.62 ? 31  TRP A C   1 
ATOM   223  O O   . TRP A 1 30  ? -10.542 -0.434  -3.527  1.00 29.30 ? 31  TRP A O   1 
ATOM   224  C CB  . TRP A 1 30  ? -9.334  -1.538  -6.303  1.00 28.76 ? 31  TRP A CB  1 
ATOM   225  C CG  . TRP A 1 30  ? -10.179 -0.475  -6.828  1.00 30.97 ? 31  TRP A CG  1 
ATOM   226  C CD1 . TRP A 1 30  ? -9.716  0.723   -7.225  1.00 32.46 ? 31  TRP A CD1 1 
ATOM   227  C CD2 . TRP A 1 30  ? -11.593 -0.469  -7.000  1.00 32.96 ? 31  TRP A CD2 1 
ATOM   228  N NE1 . TRP A 1 30  ? -10.748 1.497   -7.659  1.00 33.23 ? 31  TRP A NE1 1 
ATOM   229  C CE2 . TRP A 1 30  ? -11.918 0.800   -7.518  1.00 33.59 ? 31  TRP A CE2 1 
ATOM   230  C CE3 . TRP A 1 30  ? -12.631 -1.380  -6.767  1.00 33.61 ? 31  TRP A CE3 1 
ATOM   231  C CZ2 . TRP A 1 30  ? -13.218 1.182   -7.805  1.00 34.07 ? 31  TRP A CZ2 1 
ATOM   232  C CZ3 . TRP A 1 30  ? -13.932 -0.991  -7.052  1.00 34.52 ? 31  TRP A CZ3 1 
ATOM   233  C CH2 . TRP A 1 30  ? -14.210 0.280   -7.566  1.00 34.61 ? 31  TRP A CH2 1 
ATOM   234  N N   . GLY A 1 31  ? -9.973  -2.595  -3.608  1.00 28.66 ? 32  GLY A N   1 
ATOM   235  C CA  . GLY A 1 31  ? -11.080 -3.026  -2.728  1.00 28.21 ? 32  GLY A CA  1 
ATOM   236  C C   . GLY A 1 31  ? -11.218 -2.481  -1.300  1.00 27.65 ? 32  GLY A C   1 
ATOM   237  O O   . GLY A 1 31  ? -10.391 -1.707  -0.800  1.00 28.02 ? 32  GLY A O   1 
ATOM   238  N N   . GLY A 1 32  ? -12.322 -2.917  -0.697  1.00 26.83 ? 33  GLY A N   1 
ATOM   239  C CA  . GLY A 1 32  ? -12.657 -2.620  0.681   1.00 25.85 ? 33  GLY A CA  1 
ATOM   240  C C   . GLY A 1 32  ? -13.490 -3.714  1.344   1.00 24.95 ? 33  GLY A C   1 
ATOM   241  O O   . GLY A 1 32  ? -14.141 -3.453  2.359   1.00 25.22 ? 33  GLY A O   1 
ATOM   242  N N   . SER A 1 33  ? -13.480 -4.932  0.796   1.00 23.64 ? 34  SER A N   1 
ATOM   243  C CA  . SER A 1 33  ? -14.237 -6.034  1.398   1.00 22.56 ? 34  SER A CA  1 
ATOM   244  C C   . SER A 1 33  ? -13.577 -7.404  1.215   1.00 20.70 ? 34  SER A C   1 
ATOM   245  O O   . SER A 1 33  ? -12.703 -7.584  0.367   1.00 19.94 ? 34  SER A O   1 
ATOM   246  C CB  . SER A 1 33  ? -15.662 -6.074  0.843   1.00 22.67 ? 34  SER A CB  1 
ATOM   247  O OG  . SER A 1 33  ? -15.672 -6.512  -0.498  1.00 25.37 ? 34  SER A OG  1 
ATOM   248  N N   . GLY A 1 34  ? -14.004 -8.361  2.034   1.00 18.99 ? 35  GLY A N   1 
ATOM   249  C CA  . GLY A 1 34  ? -13.500 -9.718  1.971   1.00 18.31 ? 35  GLY A CA  1 
ATOM   250  C C   . GLY A 1 34  ? -12.375 -10.041 2.938   1.00 17.08 ? 35  GLY A C   1 
ATOM   251  O O   . GLY A 1 34  ? -11.822 -9.169  3.616   1.00 16.45 ? 35  GLY A O   1 
ATOM   252  N N   . THR A 1 35  ? -12.055 -11.322 3.013   1.00 16.61 ? 36  THR A N   1 
ATOM   253  C CA  . THR A 1 35  ? -10.923 -11.789 3.794   1.00 16.42 ? 36  THR A CA  1 
ATOM   254  C C   . THR A 1 35  ? -9.697  -11.662 2.895   1.00 15.44 ? 36  THR A C   1 
ATOM   255  O O   . THR A 1 35  ? -9.695  -12.199 1.786   1.00 15.78 ? 36  THR A O   1 
ATOM   256  C CB  . THR A 1 35  ? -11.148 -13.249 4.193   1.00 16.80 ? 36  THR A CB  1 
ATOM   257  O OG1 . THR A 1 35  ? -12.259 -13.323 5.101   1.00 19.12 ? 36  THR A OG1 1 
ATOM   258  C CG2 . THR A 1 35  ? -9.966  -13.812 4.978   1.00 17.64 ? 36  THR A CG2 1 
ATOM   259  N N   . PRO A 1 36  ? -8.665  -10.935 3.329   1.00 14.36 ? 37  PRO A N   1 
ATOM   260  C CA  . PRO A 1 36  ? -7.470  -10.787 2.498   1.00 13.86 ? 37  PRO A CA  1 
ATOM   261  C C   . PRO A 1 36  ? -6.957  -12.157 2.094   1.00 13.75 ? 37  PRO A C   1 
ATOM   262  O O   . PRO A 1 36  ? -7.004  -13.100 2.896   1.00 14.33 ? 37  PRO A O   1 
ATOM   263  C CB  . PRO A 1 36  ? -6.484  -10.053 3.416   1.00 13.58 ? 37  PRO A CB  1 
ATOM   264  C CG  . PRO A 1 36  ? -7.346  -9.312  4.345   1.00 14.17 ? 37  PRO A CG  1 
ATOM   265  C CD  . PRO A 1 36  ? -8.541  -10.188 4.590   1.00 14.27 ? 37  PRO A CD  1 
ATOM   266  N N   . LYS A 1 37  ? -6.482  -12.267 0.880   1.00 13.29 ? 38  LYS A N   1 
ATOM   267  C CA  . LYS A 1 37  ? -6.076  -13.544 0.321   1.00 13.58 ? 38  LYS A CA  1 
ATOM   268  C C   . LYS A 1 37  ? -4.792  -14.140 0.854   1.00 12.98 ? 38  LYS A C   1 
ATOM   269  O O   . LYS A 1 37  ? -4.663  -15.361 0.901   1.00 13.76 ? 38  LYS A O   1 
ATOM   270  C CB  . LYS A 1 37  ? -5.960  -13.436 -1.200  1.00 13.71 ? 38  LYS A CB  1 
ATOM   271  C CG  . LYS A 1 37  ? -7.234  -12.967 -1.906  1.00 15.45 ? 38  LYS A CG  1 
ATOM   272  C CD  . LYS A 1 37  ? -8.457  -13.715 -1.418  1.00 16.55 ? 38  LYS A CD  1 
ATOM   273  C CE  . LYS A 1 37  ? -8.373  -15.202 -1.712  1.00 17.05 ? 38  LYS A CE  1 
ATOM   274  N NZ  . LYS A 1 37  ? -9.531  -15.947 -1.154  1.00 19.13 ? 38  LYS A NZ  1 
ATOM   275  N N   . ASP A 1 38  ? -3.832  -13.295 1.232   1.00 12.45 ? 39  ASP A N   1 
ATOM   276  C CA  . ASP A 1 38  ? -2.537  -13.735 1.721   1.00 12.10 ? 39  ASP A CA  1 
ATOM   277  C C   . ASP A 1 38  ? -1.795  -12.564 2.371   1.00 11.50 ? 39  ASP A C   1 
ATOM   278  O O   . ASP A 1 38  ? -2.281  -11.437 2.344   1.00 10.94 ? 39  ASP A O   1 
ATOM   279  C CB  . ASP A 1 38  ? -1.699  -14.304 0.551   1.00 11.91 ? 39  ASP A CB  1 
ATOM   280  C CG  . ASP A 1 38  ? -1.310  -13.221 -0.424  1.00 12.30 ? 39  ASP A CG  1 
ATOM   281  O OD1 . ASP A 1 38  ? -1.745  -12.067 -0.239  1.00 11.70 ? 39  ASP A OD1 1 
ATOM   282  O OD2 . ASP A 1 38  ? -0.558  -13.527 -1.376  1.00 11.78 ? 39  ASP A OD2 1 
ATOM   283  N N   . ALA A 1 39  ? -0.666  -12.827 2.955   1.00 11.28 ? 40  ALA A N   1 
ATOM   284  C CA  . ALA A 1 39  ? 0.115   -11.770 3.637   1.00 11.35 ? 40  ALA A CA  1 
ATOM   285  C C   . ALA A 1 39  ? 0.241   -10.463 2.868   1.00 10.83 ? 40  ALA A C   1 
ATOM   286  O O   . ALA A 1 39  ? 0.070   -9.386  3.437   1.00 10.82 ? 40  ALA A O   1 
ATOM   287  C CB  . ALA A 1 39  ? 1.494   -12.292 3.973   1.00 12.02 ? 40  ALA A CB  1 
ATOM   288  N N   . THR A 1 40  ? 0.558   -10.531 1.578   1.00 10.66 ? 41  THR A N   1 
ATOM   289  C CA  . THR A 1 40  ? 0.654   -9.331  0.757   1.00 10.37 ? 41  THR A CA  1 
ATOM   290  C C   . THR A 1 40  ? -0.660  -8.561  0.754   1.00 10.19 ? 41  THR A C   1 
ATOM   291  O O   . THR A 1 40  ? -0.672  -7.342  0.922   1.00 9.96  ? 41  THR A O   1 
ATOM   292  C CB  . THR A 1 40  ? 1.063   -9.702  -0.675  1.00 10.44 ? 41  THR A CB  1 
ATOM   293  O OG1 . THR A 1 40  ? 2.445   -10.101 -0.687  1.00 10.90 ? 41  THR A OG1 1 
ATOM   294  C CG2 . THR A 1 40  ? 0.961   -8.486  -1.610  1.00 10.37 ? 41  THR A CG2 1 
ATOM   295  N N   . ASP A 1 41  ? -1.770  -9.265  0.567   1.00 10.15 ? 42  ASP A N   1 
ATOM   296  C CA  . ASP A 1 41  ? -3.080  -8.628  0.581   1.00 10.58 ? 42  ASP A CA  1 
ATOM   297  C C   . ASP A 1 41  ? -3.341  -8.023  1.966   1.00 10.70 ? 42  ASP A C   1 
ATOM   298  O O   . ASP A 1 41  ? -3.961  -6.963  2.083   1.00 10.54 ? 42  ASP A O   1 
ATOM   299  C CB  . ASP A 1 41  ? -4.155  -9.653  0.213   1.00 10.56 ? 42  ASP A CB  1 
ATOM   300  C CG  . ASP A 1 41  ? -5.420  -9.042  -0.326  1.00 11.03 ? 42  ASP A CG  1 
ATOM   301  O OD1 . ASP A 1 41  ? -5.457  -7.835  -0.671  1.00 12.21 ? 42  ASP A OD1 1 
ATOM   302  O OD2 . ASP A 1 41  ? -6.431  -9.766  -0.453  1.00 11.88 ? 42  ASP A OD2 1 
ATOM   303  N N   . ARG A 1 42  ? -2.864  -8.678  3.019   1.00 10.41 ? 43  ARG A N   1 
ATOM   304  C CA  . ARG A 1 42  ? -3.002  -8.120  4.363   1.00 10.85 ? 43  ARG A CA  1 
ATOM   305  C C   . ARG A 1 42  ? -2.203  -6.820  4.499   1.00 10.43 ? 43  ARG A C   1 
ATOM   306  O O   . ARG A 1 42  ? -2.634  -5.908  5.204   1.00 10.60 ? 43  ARG A O   1 
ATOM   307  C CB  . ARG A 1 42  ? -2.620  -9.132  5.440   1.00 10.76 ? 43  ARG A CB  1 
ATOM   308  C CG  . ARG A 1 42  ? -3.645  -10.258 5.615   1.00 11.21 ? 43  ARG A CG  1 
ATOM   309  C CD  . ARG A 1 42  ? -3.444  -11.088 6.864   1.00 12.22 ? 43  ARG A CD  1 
ATOM   310  N NE  . ARG A 1 42  ? -2.274  -11.947 6.790   1.00 13.17 ? 43  ARG A NE  1 
ATOM   311  C CZ  . ARG A 1 42  ? -2.232  -13.133 6.200   1.00 14.11 ? 43  ARG A CZ  1 
ATOM   312  N NH1 . ARG A 1 42  ? -3.301  -13.623 5.586   1.00 13.78 ? 43  ARG A NH1 1 
ATOM   313  N NH2 . ARG A 1 42  ? -1.106  -13.829 6.201   1.00 14.37 ? 43  ARG A NH2 1 
ATOM   314  N N   . CYS A 1 43  ? -1.062  -6.716  3.830   1.00 10.37 ? 44  CYS A N   1 
ATOM   315  C CA  . CYS A 1 43  ? -0.343  -5.447  3.806   1.00 10.42 ? 44  CYS A CA  1 
ATOM   316  C C   . CYS A 1 43  ? -1.260  -4.347  3.293   1.00 10.32 ? 44  CYS A C   1 
ATOM   317  O O   . CYS A 1 43  ? -1.290  -3.229  3.826   1.00 10.10 ? 44  CYS A O   1 
ATOM   318  C CB  . CYS A 1 43  ? 0.864   -5.504  2.874   1.00 10.69 ? 44  CYS A CB  1 
ATOM   319  S SG  . CYS A 1 43  ? 2.138   -6.689  3.318   1.00 11.37 ? 44  CYS A SG  1 
ATOM   320  N N   . CYS A 1 44  ? -2.004  -4.646  2.236   1.00 10.38 ? 45  CYS A N   1 
ATOM   321  C CA  . CYS A 1 44  ? -2.902  -3.659  1.658   1.00 10.53 ? 45  CYS A CA  1 
ATOM   322  C C   . CYS A 1 44  ? -4.102  -3.378  2.540   1.00 10.35 ? 45  CYS A C   1 
ATOM   323  O O   . CYS A 1 44  ? -4.547  -2.237  2.589   1.00 10.08 ? 45  CYS A O   1 
ATOM   324  C CB  . CYS A 1 44  ? -3.356  -4.097  0.272   1.00 11.10 ? 45  CYS A CB  1 
ATOM   325  S SG  . CYS A 1 44  ? -1.985  -4.199  -0.908  1.00 12.74 ? 45  CYS A SG  1 
ATOM   326  N N   . PHE A 1 45  ? -4.635  -4.401  3.202   1.00 10.17 ? 46  PHE A N   1 
ATOM   327  C CA  . PHE A 1 45  ? -5.720  -4.196  4.145   1.00 10.23 ? 46  PHE A CA  1 
ATOM   328  C C   . PHE A 1 45  ? -5.283  -3.194  5.222   1.00 9.85  ? 46  PHE A C   1 
ATOM   329  O O   . PHE A 1 45  ? -5.977  -2.198  5.487   1.00 9.93  ? 46  PHE A O   1 
ATOM   330  C CB  . PHE A 1 45  ? -6.132  -5.518  4.795   1.00 10.56 ? 46  PHE A CB  1 
ATOM   331  C CG  . PHE A 1 45  ? -7.210  -5.355  5.815   1.00 11.47 ? 46  PHE A CG  1 
ATOM   332  C CD1 . PHE A 1 45  ? -8.524  -5.358  5.422   1.00 13.70 ? 46  PHE A CD1 1 
ATOM   333  C CD2 . PHE A 1 45  ? -6.920  -5.132  7.152   1.00 12.85 ? 46  PHE A CD2 1 
ATOM   334  C CE1 . PHE A 1 45  ? -9.536  -5.183  6.334   1.00 14.99 ? 46  PHE A CE1 1 
ATOM   335  C CE2 . PHE A 1 45  ? -7.942  -4.960  8.070   1.00 13.08 ? 46  PHE A CE2 1 
ATOM   336  C CZ  . PHE A 1 45  ? -9.239  -4.976  7.653   1.00 13.88 ? 46  PHE A CZ  1 
ATOM   337  N N   . VAL A 1 46  ? -4.125  -3.436  5.826   1.00 9.29  ? 47  VAL A N   1 
ATOM   338  C CA  . VAL A 1 46  ? -3.625  -2.566  6.880   1.00 9.53  ? 47  VAL A CA  1 
ATOM   339  C C   . VAL A 1 46  ? -3.330  -1.162  6.346   1.00 9.50  ? 47  VAL A C   1 
ATOM   340  O O   . VAL A 1 46  ? -3.628  -0.176  7.016   1.00 9.90  ? 47  VAL A O   1 
ATOM   341  C CB  . VAL A 1 46  ? -2.387  -3.188  7.557   1.00 10.04 ? 47  VAL A CB  1 
ATOM   342  C CG1 . VAL A 1 46  ? -1.754  -2.209  8.525   1.00 10.01 ? 47  VAL A CG1 1 
ATOM   343  C CG2 . VAL A 1 46  ? -2.777  -4.483  8.292   1.00 10.24 ? 47  VAL A CG2 1 
ATOM   344  N N   . HIS A 1 47  ? -2.800  -1.068  5.132   1.00 9.39  ? 48  HIS A N   1 
ATOM   345  C CA  . HIS A 1 47  ? -2.511  0.213   4.508   1.00 9.47  ? 48  HIS A CA  1 
ATOM   346  C C   . HIS A 1 47  ? -3.807  0.981   4.299   1.00 9.99  ? 48  HIS A C   1 
ATOM   347  O O   . HIS A 1 47  ? -3.860  2.189   4.525   1.00 10.27 ? 48  HIS A O   1 
ATOM   348  C CB  . HIS A 1 47  ? -1.775  -0.025  3.186   1.00 9.57  ? 48  HIS A CB  1 
ATOM   349  C CG  . HIS A 1 47  ? -1.325  1.222   2.499   1.00 9.41  ? 48  HIS A CG  1 
ATOM   350  N ND1 . HIS A 1 47  ? -1.878  1.653   1.315   1.00 10.54 ? 48  HIS A ND1 1 
ATOM   351  C CD2 . HIS A 1 47  ? -0.362  2.113   2.818   1.00 9.27  ? 48  HIS A CD2 1 
ATOM   352  C CE1 . HIS A 1 47  ? -1.277  2.768   0.936   1.00 10.29 ? 48  HIS A CE1 1 
ATOM   353  N NE2 . HIS A 1 47  ? -0.348  3.065   1.827   1.00 10.30 ? 48  HIS A NE2 1 
ATOM   354  N N   . ASP A 1 48  ? -4.858  0.295   3.866   1.00 10.17 ? 49  ASP A N   1 
ATOM   355  C CA  . ASP A 1 48  ? -6.164  0.932   3.696   1.00 11.17 ? 49  ASP A CA  1 
ATOM   356  C C   . ASP A 1 48  ? -6.660  1.465   5.044   1.00 10.86 ? 49  ASP A C   1 
ATOM   357  O O   . ASP A 1 48  ? -7.148  2.591   5.141   1.00 11.36 ? 49  ASP A O   1 
ATOM   358  C CB  . ASP A 1 48  ? -7.209  -0.037  3.138   1.00 11.78 ? 49  ASP A CB  1 
ATOM   359  C CG  . ASP A 1 48  ? -6.951  -0.450  1.705   1.00 13.83 ? 49  ASP A CG  1 
ATOM   360  O OD1 . ASP A 1 48  ? -6.112  0.155   1.010   1.00 14.76 ? 49  ASP A OD1 1 
ATOM   361  O OD2 . ASP A 1 48  ? -7.570  -1.407  1.194   1.00 18.99 ? 49  ASP A OD2 1 
ATOM   362  N N   . CYS A 1 49  ? -6.536  0.661   6.094   1.00 10.68 ? 50  CYS A N   1 
ATOM   363  C CA  . CYS A 1 49  ? -6.915  1.097   7.434   1.00 10.80 ? 50  CYS A CA  1 
ATOM   364  C C   . CYS A 1 49  ? -6.095  2.305   7.875   1.00 10.76 ? 50  CYS A C   1 
ATOM   365  O O   . CYS A 1 49  ? -6.592  3.204   8.547   1.00 11.04 ? 50  CYS A O   1 
ATOM   366  C CB  . CYS A 1 49  ? -6.702  -0.033  8.436   1.00 11.20 ? 50  CYS A CB  1 
ATOM   367  S SG  . CYS A 1 49  ? -7.790  -1.470  8.204   1.00 12.44 ? 50  CYS A SG  1 
ATOM   368  N N   . CYS A 1 50  ? -4.822  2.294   7.528   1.00 10.46 ? 51  CYS A N   1 
ATOM   369  C CA  . CYS A 1 50  ? -3.903  3.350   7.903   1.00 10.61 ? 51  CYS A CA  1 
ATOM   370  C C   . CYS A 1 50  ? -4.349  4.671   7.264   1.00 10.77 ? 51  CYS A C   1 
ATOM   371  O O   . CYS A 1 50  ? -4.446  5.703   7.943   1.00 10.89 ? 51  CYS A O   1 
ATOM   372  C CB  . CYS A 1 50  ? -2.479  2.956   7.517   1.00 10.61 ? 51  CYS A CB  1 
ATOM   373  S SG  . CYS A 1 50  ? -1.162  3.901   8.318   1.00 10.53 ? 51  CYS A SG  1 
ATOM   374  N N   . TYR A 1 51  ? -4.670  4.645   5.979   1.00 11.09 ? 52  TYR A N   1 
ATOM   375  C CA  . TYR A 1 51  ? -5.222  5.819   5.322   1.00 11.32 ? 52  TYR A CA  1 
ATOM   376  C C   . TYR A 1 51  ? -6.572  6.192   5.951   1.00 12.39 ? 52  TYR A C   1 
ATOM   377  O O   . TYR A 1 51  ? -6.917  7.374   6.065   1.00 13.06 ? 52  TYR A O   1 
ATOM   378  C CB  . TYR A 1 51  ? -5.408  5.553   3.837   1.00 10.81 ? 52  TYR A CB  1 
ATOM   379  C CG  . TYR A 1 51  ? -4.176  5.699   2.961   1.00 10.99 ? 52  TYR A CG  1 
ATOM   380  C CD1 . TYR A 1 51  ? -2.910  5.964   3.477   1.00 10.10 ? 52  TYR A CD1 1 
ATOM   381  C CD2 . TYR A 1 51  ? -4.302  5.559   1.598   1.00 11.43 ? 52  TYR A CD2 1 
ATOM   382  C CE1 . TYR A 1 51  ? -1.818  6.089   2.634   1.00 10.06 ? 52  TYR A CE1 1 
ATOM   383  C CE2 . TYR A 1 51  ? -3.234  5.675   0.760   1.00 11.70 ? 52  TYR A CE2 1 
ATOM   384  C CZ  . TYR A 1 51  ? -1.992  5.943   1.276   1.00 10.24 ? 52  TYR A CZ  1 
ATOM   385  O OH  . TYR A 1 51  ? -0.924  6.065   0.408   1.00 10.97 ? 52  TYR A OH  1 
ATOM   386  N N   . GLY A 1 52  ? -7.343  5.188   6.363   1.00 13.14 ? 53  GLY A N   1 
ATOM   387  C CA  . GLY A 1 52  ? -8.634  5.404   7.005   1.00 14.27 ? 53  GLY A CA  1 
ATOM   388  C C   . GLY A 1 52  ? -8.521  6.132   8.337   1.00 14.54 ? 53  GLY A C   1 
ATOM   389  O O   . GLY A 1 52  ? -9.489  6.775   8.777   1.00 16.20 ? 53  GLY A O   1 
ATOM   390  N N   . ASN A 1 53  ? -7.370  6.027   8.992   1.00 14.73 ? 54  ASN A N   1 
ATOM   391  C CA  . ASN A 1 53  ? -7.096  6.756   10.230  1.00 15.16 ? 54  ASN A CA  1 
ATOM   392  C C   . ASN A 1 53  ? -6.951  8.267   9.935   1.00 15.05 ? 54  ASN A C   1 
ATOM   393  O O   . ASN A 1 53  ? -6.916  9.065   10.869  1.00 15.57 ? 54  ASN A O   1 
ATOM   394  C CB  . ASN A 1 53  ? -5.787  6.291   10.931  1.00 15.51 ? 54  ASN A CB  1 
ATOM   395  C CG  . ASN A 1 53  ? -5.765  4.794   11.325  1.00 15.96 ? 54  ASN A CG  1 
ATOM   396  O OD1 . ASN A 1 53  ? -6.793  4.220   11.663  1.00 18.71 ? 54  ASN A OD1 1 
ATOM   397  N ND2 . ASN A 1 53  ? -4.566  4.169   11.301  1.00 14.57 ? 54  ASN A ND2 1 
ATOM   398  N N   . LEU A 1 54  ? -6.824  8.640   8.631   1.00 14.46 ? 55  LEU A N   1 
ATOM   399  C CA  . LEU A 1 54  ? -6.579  10.039  8.233   1.00 13.99 ? 55  LEU A CA  1 
ATOM   400  C C   . LEU A 1 54  ? -7.676  10.604  7.325   1.00 14.56 ? 55  LEU A C   1 
ATOM   401  O O   . LEU A 1 54  ? -7.464  10.767  6.122   1.00 13.47 ? 55  LEU A O   1 
ATOM   402  C CB  . LEU A 1 54  ? -5.235  10.131  7.513   1.00 13.95 ? 55  LEU A CB  1 
ATOM   403  C CG  . LEU A 1 54  ? -4.092  9.288   8.110   1.00 14.42 ? 55  LEU A CG  1 
ATOM   404  C CD1 . LEU A 1 54  ? -2.883  9.287   7.198   1.00 14.10 ? 55  LEU A CD1 1 
ATOM   405  C CD2 . LEU A 1 54  ? -3.729  9.815   9.485   1.00 16.44 ? 55  LEU A CD2 1 
ATOM   406  N N   . PRO A 1 55  ? -8.844  10.884  7.932   1.00 15.39 ? 56  PRO A N   1 
ATOM   407  C CA  . PRO A 1 55  ? -10.036 11.389  7.184   1.00 15.79 ? 56  PRO A CA  1 
ATOM   408  C C   . PRO A 1 55  ? -9.816  12.614  6.382   1.00 15.03 ? 56  PRO A C   1 
ATOM   409  O O   . PRO A 1 55  ? -10.173 12.760  5.217   1.00 15.49 ? 56  PRO A O   1 
ATOM   410  C CB  . PRO A 1 55  ? -11.106 11.481  8.231   1.00 16.25 ? 56  PRO A CB  1 
ATOM   411  C CG  . PRO A 1 55  ? -10.799 10.278  9.055   1.00 17.78 ? 56  PRO A CG  1 
ATOM   412  C CD  . PRO A 1 55  ? -9.340  9.924   8.916   1.00 16.28 ? 56  PRO A CD  1 
ATOM   413  N N   . ASP A 1 56  ? -9.174  13.522  7.093   1.00 12.86 ? 59  ASP A N   1 
ATOM   414  C CA  . ASP A 1 56  ? -8.918  14.837  6.630   1.00 13.28 ? 59  ASP A CA  1 
ATOM   415  C C   . ASP A 1 56  ? -7.592  15.007  5.845   1.00 13.00 ? 59  ASP A C   1 
ATOM   416  O O   . ASP A 1 56  ? -7.212  16.122  5.512   1.00 12.79 ? 59  ASP A O   1 
ATOM   417  C CB  . ASP A 1 56  ? -9.113  15.777  7.811   1.00 13.86 ? 59  ASP A CB  1 
ATOM   418  C CG  . ASP A 1 56  ? -10.544 15.700  8.333   1.00 15.30 ? 59  ASP A CG  1 
ATOM   419  O OD1 . ASP A 1 56  ? -10.761 15.949  9.531   1.00 18.54 ? 59  ASP A OD1 1 
ATOM   420  O OD2 . ASP A 1 56  ? -11.443 15.372  7.535   1.00 17.81 ? 59  ASP A OD2 1 
ATOM   421  N N   . CYS A 1 57  ? -6.938  13.922  5.533   1.00 11.35 ? 61  CYS A N   1 
ATOM   422  C CA  . CYS A 1 57  ? -5.728  13.958  4.718   1.00 11.23 ? 61  CYS A CA  1 
ATOM   423  C C   . CYS A 1 57  ? -6.074  13.449  3.339   1.00 11.29 ? 61  CYS A C   1 
ATOM   424  O O   . CYS A 1 57  ? -7.154  12.869  3.150   1.00 12.29 ? 61  CYS A O   1 
ATOM   425  C CB  . CYS A 1 57  ? -4.613  13.123  5.341   1.00 10.73 ? 61  CYS A CB  1 
ATOM   426  S SG  . CYS A 1 57  ? -4.259  13.501  7.088   1.00 10.98 ? 61  CYS A SG  1 
ATOM   427  N N   . ASN A 1 58  ? -5.189  13.634  2.347   1.00 11.04 ? 67  ASN A N   1 
ATOM   428  C CA  . ASN A 1 58  ? -5.438  13.288  0.955   1.00 11.37 ? 67  ASN A CA  1 
ATOM   429  C C   . ASN A 1 58  ? -4.243  12.502  0.422   1.00 12.06 ? 67  ASN A C   1 
ATOM   430  O O   . ASN A 1 58  ? -3.427  13.025  -0.310  1.00 11.91 ? 67  ASN A O   1 
ATOM   431  C CB  . ASN A 1 58  ? -5.729  14.566  0.158   1.00 11.92 ? 67  ASN A CB  1 
ATOM   432  C CG  . ASN A 1 58  ? -7.013  15.235  0.613   1.00 12.56 ? 67  ASN A CG  1 
ATOM   433  O OD1 . ASN A 1 58  ? -8.105  14.846  0.197   1.00 14.45 ? 67  ASN A OD1 1 
ATOM   434  N ND2 . ASN A 1 58  ? -6.898  16.202  1.503   1.00 11.92 ? 67  ASN A ND2 1 
ATOM   435  N N   . PRO A 1 59  ? -4.130  11.236  0.835   1.00 13.02 ? 68  PRO A N   1 
ATOM   436  C CA  . PRO A 1 59  ? -2.972  10.395  0.486   1.00 13.78 ? 68  PRO A CA  1 
ATOM   437  C C   . PRO A 1 59  ? -2.694  10.167  -0.996  1.00 14.25 ? 68  PRO A C   1 
ATOM   438  O O   . PRO A 1 59  ? -1.547  9.881   -1.345  1.00 14.37 ? 68  PRO A O   1 
ATOM   439  C CB  . PRO A 1 59  ? -3.293  9.052   1.153   1.00 14.46 ? 68  PRO A CB  1 
ATOM   440  C CG  . PRO A 1 59  ? -4.311  9.308   2.145   1.00 15.51 ? 68  PRO A CG  1 
ATOM   441  C CD  . PRO A 1 59  ? -5.070  10.526  1.712   1.00 13.25 ? 68  PRO A CD  1 
ATOM   442  N N   . LYS A 1 60  ? -3.694  10.272  -1.857  1.00 13.94 ? 69  LYS A N   1 
ATOM   443  C CA  . LYS A 1 60  ? -3.460  10.059  -3.281  1.00 14.70 ? 69  LYS A CA  1 
ATOM   444  C C   . LYS A 1 60  ? -2.589  11.134  -3.906  1.00 14.14 ? 69  LYS A C   1 
ATOM   445  O O   . LYS A 1 60  ? -1.754  10.854  -4.763  1.00 14.46 ? 69  LYS A O   1 
ATOM   446  C CB  . LYS A 1 60  ? -4.789  10.012  -4.042  1.00 15.40 ? 69  LYS A CB  1 
ATOM   447  C CG  . LYS A 1 60  ? -5.711  8.980   -3.510  1.00 19.37 ? 69  LYS A CG  1 
ATOM   448  C CD  . LYS A 1 60  ? -6.693  8.508   -4.554  1.00 22.86 ? 69  LYS A CD  1 
ATOM   449  C CE  . LYS A 1 60  ? -7.322  7.205   -4.125  1.00 24.49 ? 69  LYS A CE  1 
ATOM   450  N NZ  . LYS A 1 60  ? -8.646  7.014   -4.774  1.00 26.60 ? 69  LYS A NZ  1 
ATOM   451  N N   . SER A 1 61  ? -2.795  12.377  -3.482  1.00 13.28 ? 70  SER A N   1 
ATOM   452  C CA  . SER A 1 61  ? -2.152  13.516  -4.097  1.00 13.16 ? 70  SER A CA  1 
ATOM   453  C C   . SER A 1 61  ? -1.116  14.236  -3.259  1.00 12.08 ? 70  SER A C   1 
ATOM   454  O O   . SER A 1 61  ? -0.205  14.831  -3.817  1.00 13.12 ? 70  SER A O   1 
ATOM   455  C CB  . SER A 1 61  ? -3.214  14.537  -4.499  1.00 13.66 ? 70  SER A CB  1 
ATOM   456  O OG  . SER A 1 61  ? -3.948  14.986  -3.367  1.00 15.54 ? 70  SER A OG  1 
ATOM   457  N N   . ASP A 1 62  ? -1.237  14.199  -1.933  1.00 11.18 ? 71  ASP A N   1 
ATOM   458  C CA  . ASP A 1 62  ? -0.338  14.957  -1.071  1.00 10.58 ? 71  ASP A CA  1 
ATOM   459  C C   . ASP A 1 62  ? 1.036   14.301  -1.077  1.00 10.56 ? 71  ASP A C   1 
ATOM   460  O O   . ASP A 1 62  ? 1.161   13.106  -0.821  1.00 11.34 ? 71  ASP A O   1 
ATOM   461  C CB  . ASP A 1 62  ? -0.926  15.023  0.337   1.00 10.35 ? 71  ASP A CB  1 
ATOM   462  C CG  . ASP A 1 62  ? -0.290  16.076  1.206   1.00 9.23  ? 71  ASP A CG  1 
ATOM   463  O OD1 . ASP A 1 62  ? 0.664   16.767  0.765   1.00 10.54 ? 71  ASP A OD1 1 
ATOM   464  O OD2 . ASP A 1 62  ? -0.716  16.261  2.374   1.00 9.52  ? 71  ASP A OD2 1 
ATOM   465  N N   . ARG A 1 63  ? 2.056   15.094  -1.381  1.00 10.65 ? 72  ARG A N   1 
ATOM   466  C CA  . ARG A 1 63  ? 3.428   14.613  -1.461  1.00 10.85 ? 72  ARG A CA  1 
ATOM   467  C C   . ARG A 1 63  ? 4.174   14.786  -0.142  1.00 10.79 ? 72  ARG A C   1 
ATOM   468  O O   . ARG A 1 63  ? 4.069   15.813  0.517   1.00 11.51 ? 72  ARG A O   1 
ATOM   469  C CB  . ARG A 1 63  ? 4.180   15.392  -2.537  1.00 11.06 ? 72  ARG A CB  1 
ATOM   470  C CG  . ARG A 1 63  ? 3.611   15.235  -3.918  1.00 12.53 ? 72  ARG A CG  1 
ATOM   471  C CD  . ARG A 1 63  ? 4.512   15.783  -5.003  1.00 13.91 ? 72  ARG A CD  1 
ATOM   472  N NE  . ARG A 1 63  ? 3.838   15.850  -6.299  1.00 15.79 ? 72  ARG A NE  1 
ATOM   473  C CZ  . ARG A 1 63  ? 4.445   16.128  -7.448  1.00 17.34 ? 72  ARG A CZ  1 
ATOM   474  N NH1 . ARG A 1 63  ? 3.738   16.184  -8.568  1.00 18.64 ? 72  ARG A NH1 1 
ATOM   475  N NH2 . ARG A 1 63  ? 5.748   16.343  -7.477  1.00 16.79 ? 72  ARG A NH2 1 
ATOM   476  N N   . TYR A 1 64  ? 4.971   13.790  0.207   1.00 11.27 ? 73  TYR A N   1 
ATOM   477  C CA  . TYR A 1 64  ? 5.812   13.839  1.400   1.00 11.70 ? 73  TYR A CA  1 
ATOM   478  C C   . TYR A 1 64  ? 7.251   13.615  0.950   1.00 11.95 ? 73  TYR A C   1 
ATOM   479  O O   . TYR A 1 64  ? 7.501   13.182  -0.167  1.00 13.19 ? 73  TYR A O   1 
ATOM   480  C CB  . TYR A 1 64  ? 5.408   12.758  2.425   1.00 11.30 ? 73  TYR A CB  1 
ATOM   481  C CG  . TYR A 1 64  ? 5.296   11.371  1.828   1.00 10.82 ? 73  TYR A CG  1 
ATOM   482  C CD1 . TYR A 1 64  ? 6.428   10.614  1.551   1.00 10.79 ? 73  TYR A CD1 1 
ATOM   483  C CD2 . TYR A 1 64  ? 4.060   10.821  1.510   1.00 10.43 ? 73  TYR A CD2 1 
ATOM   484  C CE1 . TYR A 1 64  ? 6.330   9.362   0.985   1.00 10.52 ? 73  TYR A CE1 1 
ATOM   485  C CE2 . TYR A 1 64  ? 3.964   9.568   0.941   1.00 9.92  ? 73  TYR A CE2 1 
ATOM   486  C CZ  . TYR A 1 64  ? 5.098   8.845   0.675   1.00 10.58 ? 73  TYR A CZ  1 
ATOM   487  O OH  . TYR A 1 64  ? 5.010   7.591   0.107   1.00 11.34 ? 73  TYR A OH  1 
ATOM   488  N N   . LYS A 1 65  ? 8.194   13.924  1.828   1.00 12.35 ? 74  LYS A N   1 
ATOM   489  C CA  . LYS A 1 65  ? 9.600   13.671  1.544   1.00 12.81 ? 74  LYS A CA  1 
ATOM   490  C C   . LYS A 1 65  ? 10.143  12.606  2.484   1.00 12.44 ? 74  LYS A C   1 
ATOM   491  O O   . LYS A 1 65  ? 9.766   12.535  3.657   1.00 12.68 ? 74  LYS A O   1 
ATOM   492  C CB  . LYS A 1 65  ? 10.445  14.933  1.701   1.00 13.64 ? 74  LYS A CB  1 
ATOM   493  C CG  . LYS A 1 65  ? 10.100  16.071  0.739   1.00 14.94 ? 74  LYS A CG  1 
ATOM   494  C CD  . LYS A 1 65  ? 10.436  15.745  -0.711  1.00 17.90 ? 74  LYS A CD  1 
ATOM   495  C CE  . LYS A 1 65  ? 10.288  16.970  -1.605  1.00 19.06 ? 74  LYS A CE  1 
ATOM   496  N NZ  . LYS A 1 65  ? 10.764  16.701  -2.990  1.00 20.17 ? 74  LYS A NZ  1 
ATOM   497  N N   . TYR A 1 66  ? 11.026  11.779  1.951   1.00 12.80 ? 75  TYR A N   1 
ATOM   498  C CA  . TYR A 1 66  ? 11.685  10.774  2.760   1.00 12.82 ? 75  TYR A CA  1 
ATOM   499  C C   . TYR A 1 66  ? 13.073  10.554  2.200   1.00 13.38 ? 75  TYR A C   1 
ATOM   500  O O   . TYR A 1 66  ? 13.359  10.918  1.056   1.00 13.80 ? 75  TYR A O   1 
ATOM   501  C CB  . TYR A 1 66  ? 10.894  9.459   2.801   1.00 12.73 ? 75  TYR A CB  1 
ATOM   502  C CG  . TYR A 1 66  ? 10.880  8.651   1.523   1.00 12.21 ? 75  TYR A CG  1 
ATOM   503  C CD1 . TYR A 1 66  ? 11.745  7.584   1.336   1.00 12.44 ? 75  TYR A CD1 1 
ATOM   504  C CD2 . TYR A 1 66  ? 9.988   8.944   0.510   1.00 11.52 ? 75  TYR A CD2 1 
ATOM   505  C CE1 . TYR A 1 66  ? 11.715  6.843   0.172   1.00 12.29 ? 75  TYR A CE1 1 
ATOM   506  C CE2 . TYR A 1 66  ? 9.959   8.219   -0.646  1.00 12.78 ? 75  TYR A CE2 1 
ATOM   507  C CZ  . TYR A 1 66  ? 10.820  7.165   -0.814  1.00 12.14 ? 75  TYR A CZ  1 
ATOM   508  O OH  . TYR A 1 66  ? 10.780  6.429   -1.975  1.00 13.62 ? 75  TYR A OH  1 
ATOM   509  N N   . LYS A 1 67  ? 13.944  9.981   3.018   1.00 14.00 ? 76  LYS A N   1 
ATOM   510  C CA  . LYS A 1 67  ? 15.290  9.647   2.594   1.00 14.90 ? 76  LYS A CA  1 
ATOM   511  C C   . LYS A 1 67  ? 15.566  8.215   3.014   1.00 15.74 ? 76  LYS A C   1 
ATOM   512  O O   . LYS A 1 67  ? 14.775  7.589   3.716   1.00 14.84 ? 76  LYS A O   1 
ATOM   513  C CB  . LYS A 1 67  ? 16.314  10.572  3.243   1.00 15.26 ? 76  LYS A CB  1 
ATOM   514  C CG  . LYS A 1 67  ? 16.267  10.557  4.742   1.00 15.64 ? 76  LYS A CG  1 
ATOM   515  C CD  . LYS A 1 67  ? 17.304  11.473  5.348   1.00 17.43 ? 76  LYS A CD  1 
ATOM   516  C CE  . LYS A 1 67  ? 17.057  11.627  6.826   1.00 19.23 ? 76  LYS A CE  1 
ATOM   517  N NZ  . LYS A 1 67  ? 18.062  12.476  7.518   1.00 20.99 ? 76  LYS A NZ  1 
ATOM   518  N N   . ARG A 1 68  ? 16.675  7.701   2.568   1.00 17.71 ? 77  ARG A N   1 
ATOM   519  C CA  . ARG A 1 68  ? 17.067  6.365   2.951   1.00 19.18 ? 77  ARG A CA  1 
ATOM   520  C C   . ARG A 1 68  ? 18.361  6.460   3.716   1.00 19.82 ? 77  ARG A C   1 
ATOM   521  O O   . ARG A 1 68  ? 19.347  7.028   3.227   1.00 20.41 ? 77  ARG A O   1 
ATOM   522  C CB  . ARG A 1 68  ? 17.203  5.412   1.747   1.00 19.82 ? 77  ARG A CB  1 
ATOM   523  C CG  . ARG A 1 68  ? 16.423  5.825   0.485   1.00 21.75 ? 77  ARG A CG  1 
ATOM   524  C CD  . ARG A 1 68  ? 15.111  5.060   0.282   1.00 23.14 ? 77  ARG A CD  1 
ATOM   525  N NE  . ARG A 1 68  ? 15.081  3.708   0.854   1.00 22.46 ? 77  ARG A NE  1 
ATOM   526  C CZ  . ARG A 1 68  ? 14.163  2.746   0.618   1.00 19.90 ? 77  ARG A CZ  1 
ATOM   527  N NH1 . ARG A 1 68  ? 13.158  2.945   -0.214  1.00 23.10 ? 77  ARG A NH1 1 
ATOM   528  N NH2 . ARG A 1 68  ? 14.284  1.583   1.251   1.00 19.10 ? 77  ARG A NH2 1 
ATOM   529  N N   . VAL A 1 69  ? 18.332  5.969   4.925   1.00 20.74 ? 78  VAL A N   1 
ATOM   530  C CA  . VAL A 1 69  ? 19.526  5.910   5.697   1.00 21.46 ? 78  VAL A CA  1 
ATOM   531  C C   . VAL A 1 69  ? 19.926  4.498   5.424   1.00 22.12 ? 78  VAL A C   1 
ATOM   532  O O   . VAL A 1 69  ? 19.271  3.559   5.862   1.00 22.09 ? 78  VAL A O   1 
ATOM   533  C CB  . VAL A 1 69  ? 19.298  6.293   7.170   1.00 21.41 ? 78  VAL A CB  1 
ATOM   534  C CG1 . VAL A 1 69  ? 20.606  6.249   7.946   1.00 22.06 ? 78  VAL A CG1 1 
ATOM   535  C CG2 . VAL A 1 69  ? 18.666  7.672   7.258   1.00 21.20 ? 78  VAL A CG2 1 
ATOM   536  N N   . ASN A 1 70  ? 21.037  4.373   4.699   1.00 23.15 ? 79  ASN A N   1 
ATOM   537  C CA  . ASN A 1 70  ? 21.423  3.073   4.263   1.00 23.58 ? 79  ASN A CA  1 
ATOM   538  C C   . ASN A 1 70  ? 20.179  2.546   3.537   1.00 22.74 ? 79  ASN A C   1 
ATOM   539  O O   . ASN A 1 70  ? 19.754  3.143   2.552   1.00 23.19 ? 79  ASN A O   1 
ATOM   540  C CB  . ASN A 1 70  ? 21.906  2.159   5.393   1.00 24.12 ? 79  ASN A CB  1 
ATOM   541  C CG  . ASN A 1 70  ? 23.353  2.459   5.736   1.00 25.58 ? 79  ASN A CG  1 
ATOM   542  O OD1 . ASN A 1 70  ? 24.287  1.807   5.252   1.00 28.62 ? 79  ASN A OD1 1 
ATOM   543  N ND2 . ASN A 1 70  ? 23.544  3.461   6.590   1.00 27.33 ? 79  ASN A ND2 1 
ATOM   544  N N   . GLY A 1 71  ? 19.608  1.438   3.985   1.00 21.82 ? 80  GLY A N   1 
ATOM   545  C CA  . GLY A 1 71  ? 18.403  0.913   3.369   1.00 20.58 ? 80  GLY A CA  1 
ATOM   546  C C   . GLY A 1 71  ? 17.099  1.352   4.048   1.00 19.10 ? 80  GLY A C   1 
ATOM   547  O O   . GLY A 1 71  ? 16.004  1.204   3.483   1.00 19.00 ? 80  GLY A O   1 
ATOM   548  N N   . ALA A 1 72  ? 17.219  1.908   5.247   1.00 17.29 ? 81  ALA A N   1 
ATOM   549  C CA  . ALA A 1 72  ? 16.046  2.314   6.021   1.00 16.18 ? 81  ALA A CA  1 
ATOM   550  C C   . ALA A 1 72  ? 15.337  3.545   5.469   1.00 15.27 ? 81  ALA A C   1 
ATOM   551  O O   . ALA A 1 72  ? 15.974  4.501   5.055   1.00 15.65 ? 81  ALA A O   1 
ATOM   552  C CB  . ALA A 1 72  ? 16.438  2.553   7.471   1.00 16.25 ? 81  ALA A CB  1 
ATOM   553  N N   . ILE A 1 73  ? 14.009  3.508   5.469   1.00 14.29 ? 82  ILE A N   1 
ATOM   554  C CA  . ILE A 1 73  ? 13.202  4.639   5.046   1.00 13.71 ? 82  ILE A CA  1 
ATOM   555  C C   . ILE A 1 73  ? 13.014  5.554   6.243   1.00 13.27 ? 82  ILE A C   1 
ATOM   556  O O   . ILE A 1 73  ? 12.606  5.112   7.313   1.00 13.58 ? 82  ILE A O   1 
ATOM   557  C CB  . ILE A 1 73  ? 11.836  4.149   4.547   1.00 13.13 ? 82  ILE A CB  1 
ATOM   558  C CG1 . ILE A 1 73  ? 12.016  3.294   3.291   1.00 13.75 ? 82  ILE A CG1 1 
ATOM   559  C CG2 . ILE A 1 73  ? 10.896  5.334   4.296   1.00 13.30 ? 82  ILE A CG2 1 
ATOM   560  C CD1 . ILE A 1 73  ? 10.777  2.541   2.900   1.00 14.09 ? 82  ILE A CD1 1 
ATOM   561  N N   . VAL A 1 74  ? 13.358  6.826   6.075   1.00 13.00 ? 83  VAL A N   1 
ATOM   562  C CA  . VAL A 1 74  ? 13.148  7.822   7.114   1.00 13.07 ? 83  VAL A CA  1 
ATOM   563  C C   . VAL A 1 74  ? 12.260  8.935   6.570   1.00 12.81 ? 83  VAL A C   1 
ATOM   564  O O   . VAL A 1 74  ? 12.660  9.684   5.688   1.00 12.96 ? 83  VAL A O   1 
ATOM   565  C CB  . VAL A 1 74  ? 14.479  8.422   7.614   1.00 13.58 ? 83  VAL A CB  1 
ATOM   566  C CG1 . VAL A 1 74  ? 14.222  9.454   8.676   1.00 14.76 ? 83  VAL A CG1 1 
ATOM   567  C CG2 . VAL A 1 74  ? 15.403  7.326   8.157   1.00 14.86 ? 83  VAL A CG2 1 
ATOM   568  N N   . CYS A 1 75  ? 11.045  9.023   7.085   1.00 12.69 ? 84  CYS A N   1 
ATOM   569  C CA  . CYS A 1 75  ? 10.116  10.058  6.667   1.00 13.17 ? 84  CYS A CA  1 
ATOM   570  C C   . CYS A 1 75  ? 10.612  11.386  7.226   1.00 13.86 ? 84  CYS A C   1 
ATOM   571  O O   . CYS A 1 75  ? 10.887  11.491  8.419   1.00 15.92 ? 84  CYS A O   1 
ATOM   572  C CB  . CYS A 1 75  ? 8.714   9.752   7.190   1.00 13.19 ? 84  CYS A CB  1 
ATOM   573  S SG  . CYS A 1 75  ? 7.927   8.299   6.446   1.00 12.43 ? 84  CYS A SG  1 
ATOM   574  N N   . GLU A 1 76  ? 10.735  12.391  6.367   1.00 13.49 ? 85  GLU A N   1 
ATOM   575  C CA  . GLU A 1 76  ? 11.201  13.710  6.787   1.00 14.58 ? 85  GLU A CA  1 
ATOM   576  C C   . GLU A 1 76  ? 10.003  14.585  7.145   1.00 15.00 ? 85  GLU A C   1 
ATOM   577  O O   . GLU A 1 76  ? 8.892   14.360  6.660   1.00 16.64 ? 85  GLU A O   1 
ATOM   578  C CB  . GLU A 1 76  ? 12.057  14.320  5.679   1.00 14.64 ? 85  GLU A CB  1 
ATOM   579  C CG  . GLU A 1 76  ? 13.374  13.568  5.514   1.00 15.48 ? 85  GLU A CG  1 
ATOM   580  C CD  . GLU A 1 76  ? 14.122  13.915  4.243   1.00 16.53 ? 85  GLU A CD  1 
ATOM   581  O OE1 . GLU A 1 76  ? 13.634  13.557  3.159   1.00 18.06 ? 85  GLU A OE1 1 
ATOM   582  O OE2 . GLU A 1 76  ? 15.217  14.516  4.325   1.00 19.03 ? 85  GLU A OE2 1 
ATOM   583  N N   . LYS A 1 77  ? 10.222  15.585  7.986   1.00 14.98 ? 86  LYS A N   1 
ATOM   584  C CA  . LYS A 1 77  ? 9.120   16.378  8.513   1.00 15.79 ? 86  LYS A CA  1 
ATOM   585  C C   . LYS A 1 77  ? 8.507   17.293  7.464   1.00 15.75 ? 86  LYS A C   1 
ATOM   586  O O   . LYS A 1 77  ? 9.187   18.071  6.814   1.00 16.32 ? 86  LYS A O   1 
ATOM   587  C CB  . LYS A 1 77  ? 9.570   17.184  9.728   1.00 16.38 ? 86  LYS A CB  1 
ATOM   588  C CG  . LYS A 1 77  ? 8.409   17.740  10.550  1.00 18.87 ? 86  LYS A CG  1 
ATOM   589  C CD  . LYS A 1 77  ? 8.861   18.313  11.882  1.00 21.46 ? 86  LYS A CD  1 
ATOM   590  C CE  . LYS A 1 77  ? 7.822   19.270  12.456  1.00 23.48 ? 86  LYS A CE  1 
ATOM   591  N NZ  . LYS A 1 77  ? 6.528   18.607  12.760  1.00 25.36 ? 86  LYS A NZ  1 
ATOM   592  N N   . GLY A 1 78  ? 7.167   17.167  7.256   1.00 12.93 ? 88  GLY A N   1 
ATOM   593  C CA  . GLY A 1 78  ? 6.304   17.989  6.437   1.00 12.48 ? 88  GLY A CA  1 
ATOM   594  C C   . GLY A 1 78  ? 5.131   18.425  7.280   1.00 11.91 ? 88  GLY A C   1 
ATOM   595  O O   . GLY A 1 78  ? 5.267   18.679  8.476   1.00 12.89 ? 88  GLY A O   1 
ATOM   596  N N   . THR A 1 79  ? 3.967   18.512  6.662   1.00 11.27 ? 89  THR A N   1 
ATOM   597  C CA  . THR A 1 79  ? 2.751   18.783  7.417   1.00 10.64 ? 89  THR A CA  1 
ATOM   598  C C   . THR A 1 79  ? 2.399   17.526  8.205   1.00 10.81 ? 89  THR A C   1 
ATOM   599  O O   . THR A 1 79  ? 2.930   16.445  7.940   1.00 10.50 ? 89  THR A O   1 
ATOM   600  C CB  . THR A 1 79  ? 1.590   19.131  6.489   1.00 10.53 ? 89  THR A CB  1 
ATOM   601  O OG1 . THR A 1 79  ? 1.265   17.985  5.683   1.00 10.26 ? 89  THR A OG1 1 
ATOM   602  C CG2 . THR A 1 79  ? 1.948   20.273  5.527   1.00 10.32 ? 89  THR A CG2 1 
ATOM   603  N N   . SER A 1 80  ? 1.475   17.638  9.151   1.00 10.83 ? 90  SER A N   1 
ATOM   604  C CA  . SER A 1 80  ? 1.082   16.462  9.919   1.00 11.39 ? 90  SER A CA  1 
ATOM   605  C C   . SER A 1 80  ? 0.505   15.383  8.997   1.00 10.75 ? 90  SER A C   1 
ATOM   606  O O   . SER A 1 80  ? 0.811   14.199  9.162   1.00 11.09 ? 90  SER A O   1 
ATOM   607  C CB  . SER A 1 80  ? 0.100   16.811  11.044  1.00 12.05 ? 90  SER A CB  1 
ATOM   608  O OG  . SER A 1 80  ? -1.082  17.358  10.571  1.00 17.90 ? 90  SER A OG  1 
ATOM   609  N N   . CYS A 1 81  ? -0.326  15.775  8.047   1.00 9.95  ? 91  CYS A N   1 
ATOM   610  C CA  . CYS A 1 81  ? -0.868  14.811  7.105   1.00 10.29 ? 91  CYS A CA  1 
ATOM   611  C C   . CYS A 1 81  ? 0.252   14.115  6.338   1.00 9.78  ? 91  CYS A C   1 
ATOM   612  O O   . CYS A 1 81  ? 0.236   12.890  6.181   1.00 9.98  ? 91  CYS A O   1 
ATOM   613  C CB  . CYS A 1 81  ? -1.830  15.479  6.124   1.00 10.20 ? 91  CYS A CB  1 
ATOM   614  S SG  . CYS A 1 81  ? -3.530  15.640  6.743   1.00 10.96 ? 91  CYS A SG  1 
ATOM   615  N N   . GLU A 1 82  ? 1.226   14.873  5.856   1.00 9.67  ? 92  GLU A N   1 
ATOM   616  C CA  . GLU A 1 82  ? 2.310   14.281  5.088   1.00 9.53  ? 92  GLU A CA  1 
ATOM   617  C C   . GLU A 1 82  ? 3.098   13.285  5.912   1.00 9.53  ? 92  GLU A C   1 
ATOM   618  O O   . GLU A 1 82  ? 3.433   12.202  5.424   1.00 10.05 ? 92  GLU A O   1 
ATOM   619  C CB  . GLU A 1 82  ? 3.196   15.389  4.533   1.00 9.68  ? 92  GLU A CB  1 
ATOM   620  C CG  . GLU A 1 82  ? 2.508   16.094  3.364   1.00 10.09 ? 92  GLU A CG  1 
ATOM   621  C CD  . GLU A 1 82  ? 3.014   17.483  3.023   1.00 10.59 ? 92  GLU A CD  1 
ATOM   622  O OE1 . GLU A 1 82  ? 3.935   17.983  3.684   1.00 10.07 ? 92  GLU A OE1 1 
ATOM   623  O OE2 . GLU A 1 82  ? 2.463   18.096  2.070   1.00 10.42 ? 92  GLU A OE2 1 
ATOM   624  N N   . ASN A 1 83  ? 3.391   13.632  7.158   1.00 10.01 ? 93  ASN A N   1 
ATOM   625  C CA  . ASN A 1 83  ? 4.131   12.722  8.023   1.00 10.53 ? 93  ASN A CA  1 
ATOM   626  C C   . ASN A 1 83  ? 3.381   11.411  8.218   1.00 10.44 ? 93  ASN A C   1 
ATOM   627  O O   . ASN A 1 83  ? 3.968   10.333  8.145   1.00 10.68 ? 93  ASN A O   1 
ATOM   628  C CB  . ASN A 1 83  ? 4.354   13.356  9.390   1.00 11.31 ? 93  ASN A CB  1 
ATOM   629  C CG  . ASN A 1 83  ? 5.111   14.659  9.321   1.00 11.99 ? 93  ASN A CG  1 
ATOM   630  O OD1 . ASN A 1 83  ? 5.844   14.917  8.370   1.00 14.19 ? 93  ASN A OD1 1 
ATOM   631  N ND2 . ASN A 1 83  ? 4.944   15.488  10.346  1.00 14.88 ? 93  ASN A ND2 1 
ATOM   632  N N   . ARG A 1 84  ? 2.081   11.502  8.456   1.00 9.98  ? 94  ARG A N   1 
ATOM   633  C CA  . ARG A 1 84  ? 1.276   10.317  8.735   1.00 10.12 ? 94  ARG A CA  1 
ATOM   634  C C   . ARG A 1 84  ? 1.078   9.483   7.480   1.00 9.78  ? 94  ARG A C   1 
ATOM   635  O O   . ARG A 1 84  ? 1.116   8.259   7.538   1.00 9.62  ? 94  ARG A O   1 
ATOM   636  C CB  . ARG A 1 84  ? -0.069  10.714  9.349   1.00 10.58 ? 94  ARG A CB  1 
ATOM   637  C CG  . ARG A 1 84  ? 0.063   11.493  10.647  1.00 12.83 ? 94  ARG A CG  1 
ATOM   638  C CD  . ARG A 1 84  ? -1.194  12.294  10.979  1.00 15.88 ? 94  ARG A CD  1 
ATOM   639  N NE  . ARG A 1 84  ? -2.116  11.465  11.749  1.00 17.45 ? 94  ARG A NE  1 
ATOM   640  C CZ  . ARG A 1 84  ? -3.352  11.796  12.077  1.00 18.89 ? 94  ARG A CZ  1 
ATOM   641  N NH1 . ARG A 1 84  ? -3.873  12.952  11.678  1.00 19.95 ? 94  ARG A NH1 1 
ATOM   642  N NH2 . ARG A 1 84  ? -4.067  10.953  12.816  1.00 20.63 ? 94  ARG A NH2 1 
ATOM   643  N N   . ILE A 1 85  ? 0.844   10.132  6.350   1.00 9.58  ? 95  ILE A N   1 
ATOM   644  C CA  . ILE A 1 85  ? 0.763   9.416   5.090   1.00 9.56  ? 95  ILE A CA  1 
ATOM   645  C C   . ILE A 1 85  ? 2.080   8.680   4.810   1.00 9.30  ? 95  ILE A C   1 
ATOM   646  O O   . ILE A 1 85  ? 2.073   7.505   4.441   1.00 9.20  ? 95  ILE A O   1 
ATOM   647  C CB  . ILE A 1 85  ? 0.442   10.372  3.917   1.00 9.46  ? 95  ILE A CB  1 
ATOM   648  C CG1 . ILE A 1 85  ? -0.948  10.969  4.072   1.00 9.80  ? 95  ILE A CG1 1 
ATOM   649  C CG2 . ILE A 1 85  ? 0.599   9.633   2.581   1.00 9.55  ? 95  ILE A CG2 1 
ATOM   650  C CD1 . ILE A 1 85  ? -1.151  12.214  3.229   1.00 10.10 ? 95  ILE A CD1 1 
ATOM   651  N N   . CYS A 1 86  ? 3.213   9.352   4.982   1.00 8.97  ? 96  CYS A N   1 
ATOM   652  C CA  . CYS A 1 86  ? 4.509   8.722   4.772   1.00 9.46  ? 96  CYS A CA  1 
ATOM   653  C C   . CYS A 1 86  ? 4.664   7.470   5.647   1.00 9.52  ? 96  CYS A C   1 
ATOM   654  O O   . CYS A 1 86  ? 5.131   6.434   5.174   1.00 9.52  ? 96  CYS A O   1 
ATOM   655  C CB  . CYS A 1 86  ? 5.640   9.718   5.020   1.00 9.68  ? 96  CYS A CB  1 
ATOM   656  S SG  . CYS A 1 86  ? 7.273   9.040   4.643   1.00 10.85 ? 96  CYS A SG  1 
ATOM   657  N N   . GLU A 1 87  ? 4.298   7.549   6.922   1.00 9.54  ? 97  GLU A N   1 
ATOM   658  C CA  . GLU A 1 87  ? 4.437   6.393   7.801   1.00 9.80  ? 97  GLU A CA  1 
ATOM   659  C C   . GLU A 1 87  ? 3.557   5.234   7.322   1.00 9.69  ? 97  GLU A C   1 
ATOM   660  O O   . GLU A 1 87  ? 3.958   4.069   7.420   1.00 9.98  ? 97  GLU A O   1 
ATOM   661  C CB  . GLU A 1 87  ? 4.147   6.756   9.257   1.00 10.17 ? 97  GLU A CB  1 
ATOM   662  C CG  . GLU A 1 87  ? 5.195   7.680   9.879   1.00 12.27 ? 97  GLU A CG  1 
ATOM   663  C CD  . GLU A 1 87  ? 6.573   7.054   10.004  1.00 13.10 ? 97  GLU A CD  1 
ATOM   664  O OE1 . GLU A 1 87  ? 6.678   5.808   10.054  1.00 15.26 ? 97  GLU A OE1 1 
ATOM   665  O OE2 . GLU A 1 87  ? 7.575   7.806   10.058  1.00 15.25 ? 97  GLU A OE2 1 
ATOM   666  N N   . CYS A 1 88  ? 2.373   5.527   6.811   1.00 9.14  ? 98  CYS A N   1 
ATOM   667  C CA  . CYS A 1 88  ? 1.524   4.470   6.272   1.00 9.17  ? 98  CYS A CA  1 
ATOM   668  C C   . CYS A 1 88  ? 2.177   3.791   5.066   1.00 9.06  ? 98  CYS A C   1 
ATOM   669  O O   . CYS A 1 88  ? 2.154   2.568   4.935   1.00 9.01  ? 98  CYS A O   1 
ATOM   670  C CB  . CYS A 1 88  ? 0.170   5.030   5.825   1.00 8.63  ? 98  CYS A CB  1 
ATOM   671  S SG  . CYS A 1 88  ? -0.959  5.564   7.142   1.00 10.25 ? 98  CYS A SG  1 
ATOM   672  N N   . ASP A 1 89  ? 2.731   4.596   4.166   1.00 8.91  ? 99  ASP A N   1 
ATOM   673  C CA  . ASP A 1 89  ? 3.336   4.082   2.942   1.00 8.91  ? 99  ASP A CA  1 
ATOM   674  C C   . ASP A 1 89  ? 4.599   3.293   3.251   1.00 9.27  ? 99  ASP A C   1 
ATOM   675  O O   . ASP A 1 89  ? 4.793   2.213   2.705   1.00 8.89  ? 99  ASP A O   1 
ATOM   676  C CB  . ASP A 1 89  ? 3.631   5.223   1.964   1.00 9.21  ? 99  ASP A CB  1 
ATOM   677  C CG  . ASP A 1 89  ? 2.396   5.772   1.308   1.00 9.22  ? 99  ASP A CG  1 
ATOM   678  O OD1 . ASP A 1 89  ? 1.272   5.316   1.603   1.00 9.00  ? 99  ASP A OD1 1 
ATOM   679  O OD2 . ASP A 1 89  ? 2.500   6.654   0.430   1.00 9.95  ? 99  ASP A OD2 1 
ATOM   680  N N   . LYS A 1 90  ? 5.450   3.835   4.114   1.00 9.13  ? 100 LYS A N   1 
ATOM   681  C CA  . LYS A 1 90  ? 6.659   3.148   4.570   1.00 9.31  ? 100 LYS A CA  1 
ATOM   682  C C   . LYS A 1 90  ? 6.324   1.751   5.104   1.00 9.48  ? 100 LYS A C   1 
ATOM   683  O O   . LYS A 1 90  ? 6.964   0.753   4.747   1.00 9.66  ? 100 LYS A O   1 
ATOM   684  C CB  . LYS A 1 90  ? 7.321   3.975   5.678   1.00 9.52  ? 100 LYS A CB  1 
ATOM   685  C CG  . LYS A 1 90  ? 8.460   3.266   6.400   1.00 9.81  ? 100 LYS A CG  1 
ATOM   686  C CD  . LYS A 1 90  ? 9.105   4.154   7.445   1.00 10.43 ? 100 LYS A CD  1 
ATOM   687  C CE  . LYS A 1 90  ? 10.095  3.376   8.282   1.00 11.39 ? 100 LYS A CE  1 
ATOM   688  N NZ  . LYS A 1 90  ? 10.717  4.205   9.342   1.00 13.70 ? 100 LYS A NZ  1 
ATOM   689  N N   . ALA A 1 91  ? 5.332   1.678   5.980   1.00 9.06  ? 101 ALA A N   1 
ATOM   690  C CA  . ALA A 1 91  ? 4.947   0.403   6.559   1.00 9.10  ? 101 ALA A CA  1 
ATOM   691  C C   . ALA A 1 91  ? 4.507   -0.580  5.476   1.00 8.78  ? 101 ALA A C   1 
ATOM   692  O O   . ALA A 1 91  ? 4.898   -1.746  5.497   1.00 9.11  ? 101 ALA A O   1 
ATOM   693  C CB  . ALA A 1 91  ? 3.848   0.595   7.592   1.00 9.07  ? 101 ALA A CB  1 
ATOM   694  N N   . ALA A 1 92  ? 3.694   -0.127  4.536   1.00 9.25  ? 102 ALA A N   1 
ATOM   695  C CA  . ALA A 1 92  ? 3.232   -1.000  3.462   1.00 9.43  ? 102 ALA A CA  1 
ATOM   696  C C   . ALA A 1 92  ? 4.383   -1.500  2.593   1.00 9.77  ? 102 ALA A C   1 
ATOM   697  O O   . ALA A 1 92  ? 4.414   -2.675  2.227   1.00 9.78  ? 102 ALA A O   1 
ATOM   698  C CB  . ALA A 1 92  ? 2.195   -0.288  2.615   1.00 9.34  ? 102 ALA A CB  1 
ATOM   699  N N   . ALA A 1 93  ? 5.322   -0.623  2.258   1.00 10.10 ? 103 ALA A N   1 
ATOM   700  C CA  . ALA A 1 93  ? 6.458   -1.010  1.438   1.00 10.63 ? 103 ALA A CA  1 
ATOM   701  C C   . ALA A 1 93  ? 7.312   -2.055  2.156   1.00 11.15 ? 103 ALA A C   1 
ATOM   702  O O   . ALA A 1 93  ? 7.743   -3.037  1.547   1.00 11.14 ? 103 ALA A O   1 
ATOM   703  C CB  . ALA A 1 93  ? 7.278   0.205   1.069   1.00 11.19 ? 103 ALA A CB  1 
ATOM   704  N N   . ILE A 1 94  ? 7.575   -1.846  3.436   1.00 11.05 ? 104 ILE A N   1 
ATOM   705  C CA  . ILE A 1 94  ? 8.285   -2.832  4.241   1.00 11.55 ? 104 ILE A CA  1 
ATOM   706  C C   . ILE A 1 94  ? 7.505   -4.147  4.290   1.00 11.13 ? 104 ILE A C   1 
ATOM   707  O O   . ILE A 1 94  ? 8.079   -5.229  4.149   1.00 11.65 ? 104 ILE A O   1 
ATOM   708  C CB  . ILE A 1 94  ? 8.511   -2.270  5.653   1.00 11.66 ? 104 ILE A CB  1 
ATOM   709  C CG1 . ILE A 1 94  ? 9.533   -1.129  5.594   1.00 13.17 ? 104 ILE A CG1 1 
ATOM   710  C CG2 . ILE A 1 94  ? 8.922   -3.372  6.617   1.00 12.86 ? 104 ILE A CG2 1 
ATOM   711  C CD1 . ILE A 1 94  ? 9.649   -0.333  6.876   1.00 14.41 ? 104 ILE A CD1 1 
ATOM   712  N N   . CYS A 1 95  ? 6.201   -4.056  4.498   1.00 10.44 ? 105 CYS A N   1 
ATOM   713  C CA  . CYS A 1 95  ? 5.352   -5.237  4.544   1.00 10.28 ? 105 CYS A CA  1 
ATOM   714  C C   . CYS A 1 95  ? 5.411   -6.007  3.220   1.00 10.24 ? 105 CYS A C   1 
ATOM   715  O O   . CYS A 1 95  ? 5.520   -7.234  3.217   1.00 10.34 ? 105 CYS A O   1 
ATOM   716  C CB  . CYS A 1 95  ? 3.934   -4.816  4.913   1.00 10.05 ? 105 CYS A CB  1 
ATOM   717  S SG  . CYS A 1 95  ? 2.778   -6.159  5.191   1.00 11.19 ? 105 CYS A SG  1 
ATOM   718  N N   . PHE A 1 96  ? 5.342   -5.309  2.094   1.00 10.38 ? 106 PHE A N   1 
ATOM   719  C CA  . PHE A 1 96  ? 5.449   -6.001  0.807   1.00 10.53 ? 106 PHE A CA  1 
ATOM   720  C C   . PHE A 1 96  ? 6.789   -6.733  0.706   1.00 10.71 ? 106 PHE A C   1 
ATOM   721  O O   . PHE A 1 96  ? 6.840   -7.880  0.253   1.00 11.14 ? 106 PHE A O   1 
ATOM   722  C CB  . PHE A 1 96  ? 5.327   -5.049  -0.381  1.00 10.89 ? 106 PHE A CB  1 
ATOM   723  C CG  . PHE A 1 96  ? 3.965   -4.432  -0.568  1.00 10.56 ? 106 PHE A CG  1 
ATOM   724  C CD1 . PHE A 1 96  ? 2.793   -5.106  -0.263  1.00 11.53 ? 106 PHE A CD1 1 
ATOM   725  C CD2 . PHE A 1 96  ? 3.873   -3.158  -1.102  1.00 11.89 ? 106 PHE A CD2 1 
ATOM   726  C CE1 . PHE A 1 96  ? 1.564   -4.508  -0.481  1.00 11.88 ? 106 PHE A CE1 1 
ATOM   727  C CE2 . PHE A 1 96  ? 2.650   -2.554  -1.302  1.00 13.16 ? 106 PHE A CE2 1 
ATOM   728  C CZ  . PHE A 1 96  ? 1.501   -3.228  -1.009  1.00 12.56 ? 106 PHE A CZ  1 
ATOM   729  N N   . ARG A 1 97  ? 7.870   -6.082  1.124   1.00 10.89 ? 107 ARG A N   1 
ATOM   730  C CA  . ARG A 1 97  ? 9.204   -6.692  1.100   1.00 11.63 ? 107 ARG A CA  1 
ATOM   731  C C   . ARG A 1 97  ? 9.273   -7.937  1.979   1.00 11.75 ? 107 ARG A C   1 
ATOM   732  O O   . ARG A 1 97  ? 9.861   -8.948  1.587   1.00 12.47 ? 107 ARG A O   1 
ATOM   733  C CB  . ARG A 1 97  ? 10.257  -5.682  1.553   1.00 11.99 ? 107 ARG A CB  1 
ATOM   734  C CG  . ARG A 1 97  ? 11.677  -6.227  1.568   1.00 14.04 ? 107 ARG A CG  1 
ATOM   735  C CD  . ARG A 1 97  ? 12.199  -6.476  0.200   1.00 15.71 ? 107 ARG A CD  1 
ATOM   736  N NE  . ARG A 1 97  ? 13.480  -7.171  0.212   1.00 18.54 ? 107 ARG A NE  1 
ATOM   737  C CZ  . ARG A 1 97  ? 13.615  -8.489  0.255   1.00 20.29 ? 107 ARG A CZ  1 
ATOM   738  N NH1 . ARG A 1 97  ? 14.831  -9.023  0.236   1.00 22.13 ? 107 ARG A NH1 1 
ATOM   739  N NH2 . ARG A 1 97  ? 12.553  -9.278  0.332   1.00 20.37 ? 107 ARG A NH2 1 
ATOM   740  N N   . GLN A 1 98  ? 8.692   -7.857  3.166   1.00 11.76 ? 108 GLN A N   1 
ATOM   741  C CA  . GLN A 1 98  ? 8.668   -8.961  4.111   1.00 12.37 ? 108 GLN A CA  1 
ATOM   742  C C   . GLN A 1 98  ? 7.842   -10.144 3.620   1.00 12.57 ? 108 GLN A C   1 
ATOM   743  O O   . GLN A 1 98  ? 7.988   -11.259 4.118   1.00 14.06 ? 108 GLN A O   1 
ATOM   744  C CB  . GLN A 1 98  ? 8.119   -8.461  5.453   1.00 12.85 ? 108 GLN A CB  1 
ATOM   745  C CG  . GLN A 1 98  ? 8.242   -9.421  6.608   1.00 14.70 ? 108 GLN A CG  1 
ATOM   746  C CD  . GLN A 1 98  ? 8.332   -8.682  7.913   1.00 17.38 ? 108 GLN A CD  1 
ATOM   747  O OE1 . GLN A 1 98  ? 9.224   -8.919  8.718   1.00 20.35 ? 108 GLN A OE1 1 
ATOM   748  N NE2 . GLN A 1 98  ? 7.513   -7.732  8.324   1.00 15.57 ? 108 GLN A NE2 1 
ATOM   749  N N   . ASN A 1 99  ? 6.983   -9.916  2.638   1.00 12.31 ? 109 ASN A N   1 
ATOM   750  C CA  . ASN A 1 99  ? 6.114   -10.981 2.184   1.00 11.98 ? 109 ASN A CA  1 
ATOM   751  C C   . ASN A 1 99  ? 6.478   -11.580 0.829   1.00 12.11 ? 109 ASN A C   1 
ATOM   752  O O   . ASN A 1 99  ? 6.047   -12.682 0.486   1.00 12.08 ? 109 ASN A O   1 
ATOM   753  C CB  . ASN A 1 99  ? 4.669   -10.444 2.171   1.00 11.65 ? 109 ASN A CB  1 
ATOM   754  C CG  . ASN A 1 99  ? 4.172   -10.212 3.572   1.00 11.77 ? 109 ASN A CG  1 
ATOM   755  O OD1 . ASN A 1 99  ? 3.979   -11.164 4.328   1.00 12.04 ? 109 ASN A OD1 1 
ATOM   756  N ND2 . ASN A 1 99  ? 3.978   -8.941  3.938   1.00 11.62 ? 109 ASN A ND2 1 
ATOM   757  N N   . LEU A 1 100 ? 7.268   -10.833 0.085   1.00 12.93 ? 110 LEU A N   1 
ATOM   758  C CA  . LEU A 1 100 ? 7.644   -11.243 -1.274  1.00 14.39 ? 110 LEU A CA  1 
ATOM   759  C C   . LEU A 1 100 ? 7.723   -12.756 -1.432  1.00 15.20 ? 110 LEU A C   1 
ATOM   760  O O   . LEU A 1 100 ? 7.408   -13.292 -2.497  1.00 16.16 ? 110 LEU A O   1 
ATOM   761  C CB  . LEU A 1 100 ? 8.963   -10.626 -1.688  1.00 15.07 ? 110 LEU A CB  1 
ATOM   762  C CG  . LEU A 1 100 ? 8.884   -9.232  -2.254  1.00 15.62 ? 110 LEU A CG  1 
ATOM   763  C CD1 . LEU A 1 100 ? 10.261  -8.733  -2.674  1.00 16.28 ? 110 LEU A CD1 1 
ATOM   764  C CD2 . LEU A 1 100 ? 7.897   -9.182  -3.416  1.00 15.68 ? 110 LEU A CD2 1 
ATOM   765  N N   . ASN A 1 101 ? 8.151   -13.435 -0.372  1.00 15.92 ? 111 ASN A N   1 
ATOM   766  C CA  . ASN A 1 101 ? 8.300   -14.885 -0.377  1.00 16.82 ? 111 ASN A CA  1 
ATOM   767  C C   . ASN A 1 101 ? 6.997   -15.651 -0.592  1.00 16.45 ? 111 ASN A C   1 
ATOM   768  O O   . ASN A 1 101 ? 7.035   -16.829 -0.931  1.00 18.19 ? 111 ASN A O   1 
ATOM   769  C CB  . ASN A 1 101 ? 9.032   -15.371 0.884   1.00 17.28 ? 111 ASN A CB  1 
ATOM   770  C CG  . ASN A 1 101 ? 8.250   -15.144 2.178   1.00 18.61 ? 111 ASN A CG  1 
ATOM   771  O OD1 . ASN A 1 101 ? 8.523   -15.802 3.189   1.00 23.04 ? 111 ASN A OD1 1 
ATOM   772  N ND2 . ASN A 1 101 ? 7.308   -14.216 2.171   1.00 19.63 ? 111 ASN A ND2 1 
ATOM   773  N N   . THR A 1 102 ? 5.852   -15.011 -0.383  1.00 15.35 ? 112 THR A N   1 
ATOM   774  C CA  . THR A 1 102 ? 4.567   -15.666 -0.647  1.00 14.77 ? 112 THR A CA  1 
ATOM   775  C C   . THR A 1 102 ? 3.707   -14.924 -1.664  1.00 14.22 ? 112 THR A C   1 
ATOM   776  O O   . THR A 1 102 ? 2.569   -15.303 -1.881  1.00 14.35 ? 112 THR A O   1 
ATOM   777  C CB  . THR A 1 102 ? 3.743   -15.889 0.637   1.00 14.80 ? 112 THR A CB  1 
ATOM   778  O OG1 . THR A 1 102 ? 3.490   -14.635 1.295   1.00 14.93 ? 112 THR A OG1 1 
ATOM   779  C CG2 . THR A 1 102 ? 4.501   -16.746 1.651   1.00 15.45 ? 112 THR A CG2 1 
ATOM   780  N N   . TYR A 1 103 ? 4.236   -13.866 -2.267  1.00 13.58 ? 113 TYR A N   1 
ATOM   781  C CA  . TYR A 1 103 ? 3.510   -13.150 -3.310  1.00 13.86 ? 113 TYR A CA  1 
ATOM   782  C C   . TYR A 1 103 ? 3.105   -14.165 -4.393  1.00 14.34 ? 113 TYR A C   1 
ATOM   783  O O   . TYR A 1 103 ? 3.931   -14.989 -4.804  1.00 14.53 ? 113 TYR A O   1 
ATOM   784  C CB  . TYR A 1 103 ? 4.407   -12.063 -3.910  1.00 13.57 ? 113 TYR A CB  1 
ATOM   785  C CG  . TYR A 1 103 ? 3.748   -11.277 -5.027  1.00 13.41 ? 113 TYR A CG  1 
ATOM   786  C CD1 . TYR A 1 103 ? 3.631   -11.812 -6.306  1.00 14.33 ? 113 TYR A CD1 1 
ATOM   787  C CD2 . TYR A 1 103 ? 3.250   -10.004 -4.803  1.00 13.18 ? 113 TYR A CD2 1 
ATOM   788  C CE1 . TYR A 1 103 ? 3.024   -11.111 -7.321  1.00 14.01 ? 113 TYR A CE1 1 
ATOM   789  C CE2 . TYR A 1 103 ? 2.633   -9.289  -5.818  1.00 13.29 ? 113 TYR A CE2 1 
ATOM   790  C CZ  . TYR A 1 103 ? 2.524   -9.846  -7.073  1.00 13.96 ? 113 TYR A CZ  1 
ATOM   791  O OH  . TYR A 1 103 ? 1.920   -9.134  -8.089  1.00 14.67 ? 113 TYR A OH  1 
ATOM   792  N N   . SER A 1 104 ? 1.859   -14.105 -4.860  1.00 14.53 ? 114 SER A N   1 
ATOM   793  C CA  . SER A 1 104 ? 1.384   -15.021 -5.899  1.00 15.74 ? 114 SER A CA  1 
ATOM   794  C C   . SER A 1 104 ? 0.696   -14.298 -7.040  1.00 16.08 ? 114 SER A C   1 
ATOM   795  O O   . SER A 1 104 ? -0.320  -13.623 -6.854  1.00 14.85 ? 114 SER A O   1 
ATOM   796  C CB  . SER A 1 104 ? 0.407   -16.036 -5.338  1.00 15.83 ? 114 SER A CB  1 
ATOM   797  O OG  . SER A 1 104 ? 0.055   -16.960 -6.351  1.00 20.39 ? 114 SER A OG  1 
ATOM   798  N N   . LYS A 1 105 ? 1.218   -14.499 -8.240  1.00 17.44 ? 115 LYS A N   1 
ATOM   799  C CA  . LYS A 1 105 ? 0.646   -13.877 -9.424  1.00 18.35 ? 115 LYS A CA  1 
ATOM   800  C C   . LYS A 1 105 ? -0.831  -14.242 -9.645  1.00 18.51 ? 115 LYS A C   1 
ATOM   801  O O   . LYS A 1 105 ? -1.552  -13.476 -10.283 1.00 19.01 ? 115 LYS A O   1 
ATOM   802  C CB  . LYS A 1 105 ? 1.458   -14.248 -10.667 1.00 19.16 ? 115 LYS A CB  1 
ATOM   803  C CG  . LYS A 1 105 ? 2.793   -13.544 -10.774 1.00 21.33 ? 115 LYS A CG  1 
ATOM   804  C CD  . LYS A 1 105 ? 3.525   -13.973 -12.043 1.00 23.98 ? 115 LYS A CD  1 
ATOM   805  C CE  . LYS A 1 105 ? 4.228   -12.812 -12.724 1.00 25.71 ? 115 LYS A CE  1 
ATOM   806  N NZ  . LYS A 1 105 ? 4.691   -13.152 -14.101 1.00 28.06 ? 115 LYS A NZ  1 
ATOM   807  N N   . LYS A 1 106 ? -1.285  -15.385 -9.136  1.00 18.46 ? 116 LYS A N   1 
ATOM   808  C CA  . LYS A 1 106 ? -2.682  -15.788 -9.296  1.00 18.97 ? 116 LYS A CA  1 
ATOM   809  C C   . LYS A 1 106 ? -3.659  -14.784 -8.687  1.00 18.46 ? 116 LYS A C   1 
ATOM   810  O O   . LYS A 1 106 ? -4.842  -14.795 -9.027  1.00 19.16 ? 116 LYS A O   1 
ATOM   811  C CB  . LYS A 1 106 ? -2.955  -17.177 -8.707  1.00 19.58 ? 116 LYS A CB  1 
ATOM   812  C CG  . LYS A 1 106 ? -3.038  -17.227 -7.177  1.00 21.16 ? 116 LYS A CG  1 
ATOM   813  C CD  . LYS A 1 106 ? -3.063  -18.649 -6.642  1.00 24.02 ? 116 LYS A CD  1 
ATOM   814  C CE  . LYS A 1 106 ? -2.420  -18.730 -5.268  1.00 25.23 ? 116 LYS A CE  1 
ATOM   815  N NZ  . LYS A 1 106 ? -0.958  -19.024 -5.347  1.00 27.17 ? 116 LYS A NZ  1 
ATOM   816  N N   . TYR A 1 107 ? -3.171  -13.926 -7.792  1.00 17.39 ? 117 TYR A N   1 
ATOM   817  C CA  . TYR A 1 107 ? -4.021  -12.924 -7.153  1.00 16.60 ? 117 TYR A CA  1 
ATOM   818  C C   . TYR A 1 107 ? -4.023  -11.578 -7.889  1.00 16.17 ? 117 TYR A C   1 
ATOM   819  O O   . TYR A 1 107 ? -4.732  -10.667 -7.493  1.00 15.51 ? 117 TYR A O   1 
ATOM   820  C CB  . TYR A 1 107 ? -3.644  -12.742 -5.676  1.00 16.58 ? 117 TYR A CB  1 
ATOM   821  C CG  . TYR A 1 107 ? -3.942  -13.958 -4.834  1.00 16.41 ? 117 TYR A CG  1 
ATOM   822  C CD1 . TYR A 1 107 ? -5.185  -14.587 -4.864  1.00 16.82 ? 117 TYR A CD1 1 
ATOM   823  C CD2 . TYR A 1 107 ? -2.970  -14.489 -3.999  1.00 16.73 ? 117 TYR A CD2 1 
ATOM   824  C CE1 . TYR A 1 107 ? -5.441  -15.710 -4.089  1.00 17.81 ? 117 TYR A CE1 1 
ATOM   825  C CE2 . TYR A 1 107 ? -3.227  -15.597 -3.218  1.00 18.12 ? 117 TYR A CE2 1 
ATOM   826  C CZ  . TYR A 1 107 ? -4.461  -16.204 -3.275  1.00 18.06 ? 117 TYR A CZ  1 
ATOM   827  O OH  . TYR A 1 107 ? -4.732  -17.308 -2.503  1.00 20.68 ? 117 TYR A OH  1 
ATOM   828  N N   . MET A 1 108 ? -3.245  -11.439 -8.960  1.00 16.29 ? 118 MET A N   1 
ATOM   829  C CA  . MET A 1 108 ? -3.329  -10.228 -9.780  1.00 16.98 ? 118 MET A CA  1 
ATOM   830  C C   . MET A 1 108 ? -4.676  -10.211 -10.523 1.00 16.62 ? 118 MET A C   1 
ATOM   831  O O   . MET A 1 108 ? -5.122  -11.246 -11.025 1.00 17.42 ? 118 MET A O   1 
ATOM   832  C CB  . MET A 1 108 ? -2.184  -10.174 -10.789 1.00 17.14 ? 118 MET A CB  1 
ATOM   833  C CG  . MET A 1 108 ? -0.849  -9.755  -10.177 1.00 18.54 ? 118 MET A CG  1 
ATOM   834  S SD  . MET A 1 108 ? 0.587   -10.146 -11.194 1.00 21.99 ? 118 MET A SD  1 
ATOM   835  C CE  . MET A 1 108 ? 0.235   -9.235  -12.633 1.00 23.28 ? 118 MET A CE  1 
ATOM   836  N N   . LEU A 1 109 ? -5.304  -9.040  -10.611 1.00 17.11 ? 119 LEU A N   1 
ATOM   837  C CA  . LEU A 1 109 ? -6.606  -8.889  -11.274 1.00 17.15 ? 119 LEU A CA  1 
ATOM   838  C C   . LEU A 1 109 ? -7.660  -9.775  -10.610 1.00 17.09 ? 119 LEU A C   1 
ATOM   839  O O   . LEU A 1 109 ? -8.568  -10.285 -11.266 1.00 18.13 ? 119 LEU A O   1 
ATOM   840  C CB  . LEU A 1 109 ? -6.500  -9.181  -12.784 1.00 16.89 ? 119 LEU A CB  1 
ATOM   841  C CG  . LEU A 1 109 ? -5.523  -8.283  -13.555 1.00 18.19 ? 119 LEU A CG  1 
ATOM   842  C CD1 . LEU A 1 109 ? -5.449  -8.659  -15.028 1.00 19.23 ? 119 LEU A CD1 1 
ATOM   843  C CD2 . LEU A 1 109 ? -5.889  -6.815  -13.406 1.00 19.63 ? 119 LEU A CD2 1 
ATOM   844  N N   . TYR A 1 110 ? -7.562  -9.940  -9.296  1.00 16.38 ? 120 TYR A N   1 
ATOM   845  C CA  . TYR A 1 110 ? -8.482  -10.810 -8.571  1.00 15.73 ? 120 TYR A CA  1 
ATOM   846  C C   . TYR A 1 110 ? -9.901  -10.245 -8.668  1.00 15.34 ? 120 TYR A C   1 
ATOM   847  O O   . TYR A 1 110 ? -10.113 -9.050  -8.429  1.00 15.49 ? 120 TYR A O   1 
ATOM   848  C CB  . TYR A 1 110 ? -8.034  -10.941 -7.113  1.00 15.89 ? 120 TYR A CB  1 
ATOM   849  C CG  . TYR A 1 110 ? -8.649  -12.102 -6.384  1.00 16.40 ? 120 TYR A CG  1 
ATOM   850  C CD1 . TYR A 1 110 ? -8.309  -13.412 -6.703  1.00 17.72 ? 120 TYR A CD1 1 
ATOM   851  C CD2 . TYR A 1 110 ? -9.560  -11.891 -5.371  1.00 16.85 ? 120 TYR A CD2 1 
ATOM   852  C CE1 . TYR A 1 110 ? -8.866  -14.473 -6.031  1.00 17.27 ? 120 TYR A CE1 1 
ATOM   853  C CE2 . TYR A 1 110 ? -10.122 -12.937 -4.689  1.00 17.26 ? 120 TYR A CE2 1 
ATOM   854  C CZ  . TYR A 1 110 ? -9.780  -14.230 -5.018  1.00 17.60 ? 120 TYR A CZ  1 
ATOM   855  O OH  . TYR A 1 110 ? -10.349 -15.270 -4.322  1.00 19.16 ? 120 TYR A OH  1 
ATOM   856  N N   . PRO A 1 111 ? -10.881 -11.068 -9.036  1.00 14.86 ? 121 PRO A N   1 
ATOM   857  C CA  . PRO A 1 111 ? -12.238 -10.544 -9.232  1.00 14.36 ? 121 PRO A CA  1 
ATOM   858  C C   . PRO A 1 111 ? -12.959 -10.195 -7.939  1.00 13.93 ? 121 PRO A C   1 
ATOM   859  O O   . PRO A 1 111 ? -12.895 -10.932 -6.951  1.00 14.00 ? 121 PRO A O   1 
ATOM   860  C CB  . PRO A 1 111 ? -12.939 -11.679 -9.975  1.00 14.48 ? 121 PRO A CB  1 
ATOM   861  C CG  . PRO A 1 111 ? -12.271 -12.874 -9.458  1.00 15.74 ? 121 PRO A CG  1 
ATOM   862  C CD  . PRO A 1 111 ? -10.812 -12.505 -9.358  1.00 15.56 ? 121 PRO A CD  1 
ATOM   863  N N   . ASP A 1 112 ? -13.637 -9.047  -7.964  1.00 13.49 ? 122 ASP A N   1 
ATOM   864  C CA  . ASP A 1 112 ? -14.378 -8.555  -6.854  1.00 14.05 ? 122 ASP A CA  1 
ATOM   865  C C   . ASP A 1 112 ? -15.397 -9.531  -6.196  1.00 14.04 ? 122 ASP A C   1 
ATOM   866  O O   . ASP A 1 112 ? -15.511 -9.520  -4.971  1.00 14.39 ? 122 ASP A O   1 
ATOM   867  C CB  . ASP A 1 112 ? -15.130 -7.285  -7.277  1.00 14.69 ? 122 ASP A CB  1 
ATOM   868  C CG  . ASP A 1 112 ? -15.944 -6.665  -6.164  1.00 15.84 ? 122 ASP A CG  1 
ATOM   869  O OD1 . ASP A 1 112 ? -17.113 -7.039  -6.008  1.00 17.28 ? 122 ASP A OD1 1 
ATOM   870  O OD2 . ASP A 1 112 ? -15.395 -5.808  -5.450  1.00 19.37 ? 122 ASP A OD2 1 
ATOM   871  N N   . PHE A 1 113 ? -16.112 -10.334 -6.977  1.00 14.86 ? 124 PHE A N   1 
ATOM   872  C CA  . PHE A 1 113 ? -17.113 -11.189 -6.317  1.00 15.53 ? 124 PHE A CA  1 
ATOM   873  C C   . PHE A 1 113 ? -16.523 -12.223 -5.362  1.00 15.96 ? 124 PHE A C   1 
ATOM   874  O O   . PHE A 1 113 ? -17.232 -12.753 -4.508  1.00 16.42 ? 124 PHE A O   1 
ATOM   875  C CB  . PHE A 1 113 ? -18.005 -11.862 -7.371  1.00 15.94 ? 124 PHE A CB  1 
ATOM   876  C CG  . PHE A 1 113 ? -17.431 -13.113 -7.942  1.00 16.55 ? 124 PHE A CG  1 
ATOM   877  C CD1 . PHE A 1 113 ? -16.402 -13.067 -8.866  1.00 16.76 ? 124 PHE A CD1 1 
ATOM   878  C CD2 . PHE A 1 113 ? -17.925 -14.349 -7.557  1.00 18.74 ? 124 PHE A CD2 1 
ATOM   879  C CE1 . PHE A 1 113 ? -15.876 -14.223 -9.395  1.00 17.72 ? 124 PHE A CE1 1 
ATOM   880  C CE2 . PHE A 1 113 ? -17.399 -15.507 -8.077  1.00 19.55 ? 124 PHE A CE2 1 
ATOM   881  C CZ  . PHE A 1 113 ? -16.374 -15.448 -8.996  1.00 19.70 ? 124 PHE A CZ  1 
ATOM   882  N N   . LEU A 1 114 ? -15.232 -12.517 -5.480  1.00 16.58 ? 125 LEU A N   1 
ATOM   883  C CA  . LEU A 1 114 ? -14.573 -13.441 -4.554  1.00 17.32 ? 125 LEU A CA  1 
ATOM   884  C C   . LEU A 1 114 ? -14.127 -12.756 -3.249  1.00 17.79 ? 125 LEU A C   1 
ATOM   885  O O   . LEU A 1 114 ? -13.479 -13.380 -2.403  1.00 18.95 ? 125 LEU A O   1 
ATOM   886  C CB  . LEU A 1 114 ? -13.401 -14.131 -5.240  1.00 17.58 ? 125 LEU A CB  1 
ATOM   887  C CG  . LEU A 1 114 ? -13.867 -15.060 -6.369  1.00 18.94 ? 125 LEU A CG  1 
ATOM   888  C CD1 . LEU A 1 114 ? -12.682 -15.640 -7.097  1.00 19.55 ? 125 LEU A CD1 1 
ATOM   889  C CD2 . LEU A 1 114 ? -14.768 -16.168 -5.841  1.00 21.08 ? 125 LEU A CD2 1 
ATOM   890  N N   . CYS A 1 115 ? -14.509 -11.495 -3.082  1.00 18.08 ? 126 CYS A N   1 
ATOM   891  C CA  . CYS A 1 115 ? -14.184 -10.719 -1.887  1.00 18.74 ? 126 CYS A CA  1 
ATOM   892  C C   . CYS A 1 115 ? -15.472 -10.264 -1.206  1.00 20.33 ? 126 CYS A C   1 
ATOM   893  O O   . CYS A 1 115 ? -16.069 -9.278  -1.629  1.00 20.99 ? 126 CYS A O   1 
ATOM   894  C CB  . CYS A 1 115 ? -13.374 -9.495  -2.282  1.00 18.38 ? 126 CYS A CB  1 
ATOM   895  S SG  . CYS A 1 115 ? -11.836 -9.893  -3.129  1.00 15.75 ? 126 CYS A SG  1 
ATOM   896  N N   . LYS A 1 116 ? -15.886 -10.959 -0.149  1.00 22.11 ? 127 LYS A N   1 
ATOM   897  C CA  . LYS A 1 116 ? -17.155 -10.652 0.510   1.00 23.61 ? 127 LYS A CA  1 
ATOM   898  C C   . LYS A 1 116 ? -16.998 -10.535 2.016   1.00 24.32 ? 127 LYS A C   1 
ATOM   899  O O   . LYS A 1 116 ? -16.199 -11.250 2.617   1.00 24.77 ? 127 LYS A O   1 
ATOM   900  C CB  . LYS A 1 116 ? -18.195 -11.757 0.248   1.00 24.14 ? 127 LYS A CB  1 
ATOM   901  C CG  . LYS A 1 116 ? -18.042 -12.526 -1.060  1.00 25.94 ? 127 LYS A CG  1 
ATOM   902  C CD  . LYS A 1 116 ? -18.394 -14.013 -0.900  1.00 27.93 ? 127 LYS A CD  1 
ATOM   903  C CE  . LYS A 1 116 ? -19.798 -14.339 -1.359  1.00 29.14 ? 127 LYS A CE  1 
ATOM   904  N NZ  . LYS A 1 116 ? -19.868 -15.716 -1.926  1.00 30.49 ? 127 LYS A NZ  1 
ATOM   905  N N   . GLY A 1 117 ? -17.774 -9.647  2.625   1.00 25.19 ? 128 GLY A N   1 
ATOM   906  C CA  . GLY A 1 117 ? -17.791 -9.537  4.069   1.00 25.74 ? 128 GLY A CA  1 
ATOM   907  C C   . GLY A 1 117 ? -16.933 -8.408  4.574   1.00 26.29 ? 128 GLY A C   1 
ATOM   908  O O   . GLY A 1 117 ? -15.962 -8.010  3.936   1.00 26.58 ? 128 GLY A O   1 
ATOM   909  N N   . GLU A 1 118 ? -17.302 -7.885  5.735   1.00 26.81 ? 129 GLU A N   1 
ATOM   910  C CA  . GLU A 1 118 ? -16.547 -6.810  6.340   1.00 26.94 ? 129 GLU A CA  1 
ATOM   911  C C   . GLU A 1 118 ? -15.518 -7.377  7.281   1.00 26.19 ? 129 GLU A C   1 
ATOM   912  O O   . GLU A 1 118 ? -15.758 -8.369  7.968   1.00 26.58 ? 129 GLU A O   1 
ATOM   913  C CB  . GLU A 1 118 ? -17.450 -5.850  7.103   1.00 27.44 ? 129 GLU A CB  1 
ATOM   914  C CG  . GLU A 1 118 ? -17.517 -4.467  6.485   1.00 29.09 ? 129 GLU A CG  1 
ATOM   915  C CD  . GLU A 1 118 ? -16.205 -3.712  6.583   1.00 30.98 ? 129 GLU A CD  1 
ATOM   916  O OE1 . GLU A 1 118 ? -16.067 -2.872  7.497   1.00 33.06 ? 129 GLU A OE1 1 
ATOM   917  O OE2 . GLU A 1 118 ? -15.314 -3.951  5.740   1.00 32.89 ? 129 GLU A OE2 1 
ATOM   918  N N   . LEU A 1 119 ? -14.361 -6.736  7.284   1.00 25.18 ? 130 LEU A N   1 
ATOM   919  C CA  . LEU A 1 119 ? -13.287 -7.085  8.178   1.00 24.33 ? 130 LEU A CA  1 
ATOM   920  C C   . LEU A 1 119 ? -12.938 -5.765  8.820   1.00 22.90 ? 130 LEU A C   1 
ATOM   921  O O   . LEU A 1 119 ? -12.545 -4.820  8.136   1.00 22.64 ? 130 LEU A O   1 
ATOM   922  C CB  . LEU A 1 119 ? -12.115 -7.650  7.393   1.00 24.84 ? 130 LEU A CB  1 
ATOM   923  C CG  . LEU A 1 119 ? -11.243 -8.645  8.140   1.00 26.38 ? 130 LEU A CG  1 
ATOM   924  C CD1 . LEU A 1 119 ? -10.399 -9.417  7.155   1.00 27.26 ? 130 LEU A CD1 1 
ATOM   925  C CD2 . LEU A 1 119 ? -10.381 -7.940  9.157   1.00 26.95 ? 130 LEU A CD2 1 
ATOM   926  N N   . LYS A 1 120 ? -13.113 -5.679  10.130  1.00 21.07 ? 131 LYS A N   1 
ATOM   927  C CA  . LYS A 1 120 ? -12.878 -4.426  10.820  1.00 20.04 ? 131 LYS A CA  1 
ATOM   928  C C   . LYS A 1 120 ? -11.392 -4.147  10.984  1.00 18.71 ? 131 LYS A C   1 
ATOM   929  O O   . LYS A 1 120 ? -10.586 -5.053  11.181  1.00 16.77 ? 131 LYS A O   1 
ATOM   930  C CB  . LYS A 1 120 ? -13.576 -4.425  12.172  1.00 20.07 ? 131 LYS A CB  1 
ATOM   931  C CG  . LYS A 1 120 ? -15.079 -4.562  12.052  1.00 21.23 ? 131 LYS A CG  1 
ATOM   932  C CD  . LYS A 1 120 ? -15.757 -4.511  13.407  1.00 22.05 ? 131 LYS A CD  1 
ATOM   933  C CE  . LYS A 1 120 ? -17.233 -4.851  13.289  1.00 22.76 ? 131 LYS A CE  1 
ATOM   934  N NZ  . LYS A 1 120 ? -17.935 -4.841  14.603  1.00 23.04 ? 131 LYS A NZ  1 
ATOM   935  N N   . CYS A 1 121 ? -11.038 -2.837  10.795  1.00 16.45 ? 133 CYS A N   1 
ATOM   936  C CA  . CYS A 1 121 ? -9.673  -2.411  11.064  1.00 16.66 ? 133 CYS A CA  1 
ATOM   937  C C   . CYS A 1 121 ? -9.299  -2.508  12.538  1.00 17.29 ? 133 CYS A C   1 
ATOM   938  O O   . CYS A 1 121 ? -8.131  -2.742  12.818  1.00 17.97 ? 133 CYS A O   1 
ATOM   939  C CB  . CYS A 1 121 ? -9.496  -0.968  10.598  1.00 16.13 ? 133 CYS A CB  1 
ATOM   940  S SG  . CYS A 1 121 ? -9.594  -0.773  8.806   1.00 15.09 ? 133 CYS A SG  1 
ATOM   941  O OXT . CYS A 1 121 ? -10.176 -2.308  13.394  1.00 19.48 ? 133 CYS A OXT 1 
ATOM   942  N N   . PHE B 2 1   ? -0.899  5.800   -14.323 0.30 33.12 ? 1   PHE I N   1 
ATOM   943  C CA  . PHE B 2 1   ? -0.617  7.009   -13.555 0.30 33.09 ? 1   PHE I CA  1 
ATOM   944  C C   . PHE B 2 1   ? -1.626  7.188   -12.427 0.30 33.00 ? 1   PHE I C   1 
ATOM   945  O O   . PHE B 2 1   ? -1.606  8.194   -11.720 0.30 33.06 ? 1   PHE I O   1 
ATOM   946  C CB  . PHE B 2 1   ? -0.582  8.207   -14.475 0.30 33.12 ? 1   PHE I CB  1 
ATOM   947  C CG  . PHE B 2 1   ? 0.484   9.248   -14.223 0.30 33.22 ? 1   PHE I CG  1 
ATOM   948  C CD1 . PHE B 2 1   ? 1.844   8.954   -14.032 0.30 33.33 ? 1   PHE I CD1 1 
ATOM   949  C CD2 . PHE B 2 1   ? 0.090   10.579  -14.172 0.30 33.29 ? 1   PHE I CD2 1 
ATOM   950  C CE1 . PHE B 2 1   ? 2.756   9.995   -13.844 0.30 33.39 ? 1   PHE I CE1 1 
ATOM   951  C CE2 . PHE B 2 1   ? 0.987   11.598  -13.992 0.30 33.33 ? 1   PHE I CE2 1 
ATOM   952  C CZ  . PHE B 2 1   ? 2.322   11.303  -13.838 0.30 33.40 ? 1   PHE I CZ  1 
ATOM   953  N N   . LEU B 2 2   ? -2.504  6.228   -12.271 0.30 32.86 ? 2   LEU I N   1 
ATOM   954  C CA  . LEU B 2 2   ? -3.342  6.139   -11.111 0.30 32.74 ? 2   LEU I CA  1 
ATOM   955  C C   . LEU B 2 2   ? -3.116  4.676   -10.886 0.30 32.50 ? 2   LEU I C   1 
ATOM   956  O O   . LEU B 2 2   ? -2.513  4.024   -11.735 0.30 32.61 ? 2   LEU I O   1 
ATOM   957  C CB  . LEU B 2 2   ? -4.829  6.467   -11.284 0.30 32.79 ? 2   LEU I CB  1 
ATOM   958  C CG  . LEU B 2 2   ? -5.604  6.696   -9.965  0.30 32.97 ? 2   LEU I CG  1 
ATOM   959  C CD1 . LEU B 2 2   ? -4.672  6.554   -8.775  0.30 33.23 ? 2   LEU I CD1 1 
ATOM   960  C CD2 . LEU B 2 2   ? -6.281  8.059   -9.950  0.30 33.13 ? 2   LEU I CD2 1 
ATOM   961  N N   . SER B 2 3   ? -3.559  4.123   -9.778  0.30 32.24 ? 3   SER I N   1 
ATOM   962  C CA  . SER B 2 3   ? -3.266  2.701   -9.627  0.30 32.02 ? 3   SER I CA  1 
ATOM   963  C C   . SER B 2 3   ? -3.625  2.119   -8.283  0.30 31.77 ? 3   SER I C   1 
ATOM   964  O O   . SER B 2 3   ? -3.663  0.899   -8.166  0.30 31.84 ? 3   SER I O   1 
ATOM   965  C CB  . SER B 2 3   ? -1.779  2.452   -9.892  0.30 32.04 ? 3   SER I CB  1 
ATOM   966  O OG  . SER B 2 3   ? -1.200  1.686   -8.852  0.30 32.08 ? 3   SER I OG  1 
ATOM   967  N N   . THR B 2 4   ? -3.893  2.917   -7.268  0.30 31.46 ? 4   THR I N   1 
ATOM   968  C CA  . THR B 2 4   ? -4.102  2.252   -6.009  0.30 31.16 ? 4   THR I CA  1 
ATOM   969  C C   . THR B 2 4   ? -5.171  2.879   -5.130  0.30 30.90 ? 4   THR I C   1 
ATOM   970  O O   . THR B 2 4   ? -5.018  3.993   -4.634  0.30 30.97 ? 4   THR I O   1 
ATOM   971  C CB  . THR B 2 4   ? -2.785  2.182   -5.248  0.30 31.16 ? 4   THR I CB  1 
ATOM   972  O OG1 . THR B 2 4   ? -1.779  1.609   -6.091  0.30 31.22 ? 4   THR I OG1 1 
ATOM   973  C CG2 . THR B 2 4   ? -2.933  1.352   -3.985  0.30 31.01 ? 4   THR I CG2 1 
ATOM   974  N N   . LYS B 2 5   ? -6.243  2.146   -4.942  0.30 30.59 ? 5   LYS I N   1 
ATOM   975  C CA  . LYS B 2 5   ? -7.173  2.599   -3.961  0.30 30.26 ? 5   LYS I CA  1 
ATOM   976  C C   . LYS B 2 5   ? -6.697  1.993   -2.653  0.30 30.28 ? 5   LYS I C   1 
ATOM   977  O O   . LYS B 2 5   ? -5.882  1.076   -2.636  0.30 30.24 ? 5   LYS I O   1 
ATOM   978  C CB  . LYS B 2 5   ? -8.590  2.133   -4.215  0.30 30.11 ? 5   LYS I CB  1 
ATOM   979  C CG  . LYS B 2 5   ? -9.543  2.443   -3.078  0.30 29.43 ? 5   LYS I CG  1 
ATOM   980  C CD  . LYS B 2 5   ? -10.530 3.513   -3.474  0.30 28.58 ? 5   LYS I CD  1 
ATOM   981  C CE  . LYS B 2 5   ? -11.928 3.142   -3.005  0.30 28.11 ? 5   LYS I CE  1 
ATOM   982  N NZ  . LYS B 2 5   ? -12.439 1.917   -3.666  0.30 27.97 ? 5   LYS I NZ  1 
HETATM 983  S S   . SO4 C 3 .   ? 2.561   12.915  -7.866  1.00 53.87 ? 301 SO4 A S   1 
HETATM 984  O O1  . SO4 C 3 .   ? 1.170   12.500  -7.721  1.00 53.81 ? 301 SO4 A O1  1 
HETATM 985  O O2  . SO4 C 3 .   ? 3.038   12.614  -9.212  1.00 54.03 ? 301 SO4 A O2  1 
HETATM 986  O O3  . SO4 C 3 .   ? 2.641   14.354  -7.642  1.00 53.84 ? 301 SO4 A O3  1 
HETATM 987  O O4  . SO4 C 3 .   ? 3.397   12.212  -6.898  1.00 53.35 ? 301 SO4 A O4  1 
HETATM 988  S S   . SO4 D 3 .   ? -2.249  -16.845 4.848   1.00 80.10 ? 302 SO4 A S   1 
HETATM 989  O O1  . SO4 D 3 .   ? -1.982  -18.263 4.635   1.00 80.25 ? 302 SO4 A O1  1 
HETATM 990  O O2  . SO4 D 3 .   ? -3.291  -16.402 3.926   1.00 80.15 ? 302 SO4 A O2  1 
HETATM 991  O O3  . SO4 D 3 .   ? -2.696  -16.635 6.222   1.00 80.29 ? 302 SO4 A O3  1 
HETATM 992  O O4  . SO4 D 3 .   ? -1.030  -16.078 4.613   1.00 80.27 ? 302 SO4 A O4  1 
HETATM 993  S S   . SO4 E 3 .   ? 8.475   14.391  -5.460  1.00 20.37 ? 303 SO4 A S   1 
HETATM 994  O O1  . SO4 E 3 .   ? 9.054   14.555  -4.128  1.00 21.45 ? 303 SO4 A O1  1 
HETATM 995  O O2  . SO4 E 3 .   ? 9.497   13.944  -6.400  1.00 21.55 ? 303 SO4 A O2  1 
HETATM 996  O O3  . SO4 E 3 .   ? 7.425   13.381  -5.420  1.00 20.25 ? 303 SO4 A O3  1 
HETATM 997  O O4  . SO4 E 3 .   ? 7.942   15.671  -5.915  1.00 21.20 ? 303 SO4 A O4  1 
HETATM 998  S S   . SO4 F 3 .   ? 3.927   -17.179 -8.524  1.00 36.49 ? 304 SO4 A S   1 
HETATM 999  O O1  . SO4 F 3 .   ? 2.857   -17.802 -7.756  1.00 36.68 ? 304 SO4 A O1  1 
HETATM 1000 O O2  . SO4 F 3 .   ? 3.912   -17.700 -9.888  1.00 36.99 ? 304 SO4 A O2  1 
HETATM 1001 O O3  . SO4 F 3 .   ? 3.729   -15.733 -8.540  1.00 35.75 ? 304 SO4 A O3  1 
HETATM 1002 O O4  . SO4 F 3 .   ? 5.216   -17.478 -7.898  1.00 36.83 ? 304 SO4 A O4  1 
HETATM 1003 O O   . HOH G 4 .   ? 0.902   8.707   -0.477  1.00 11.19 ? 305 HOH A O   1 
HETATM 1004 O O   . HOH G 4 .   ? -6.255  17.876  7.704   1.00 11.44 ? 306 HOH A O   1 
HETATM 1005 O O   . HOH G 4 .   ? -0.652  18.492  3.860   1.00 9.83  ? 307 HOH A O   1 
HETATM 1006 O O   . HOH G 4 .   ? 0.723   -1.968  5.404   1.00 10.76 ? 308 HOH A O   1 
HETATM 1007 O O   . HOH G 4 .   ? 0.374   0.636   6.229   1.00 9.95  ? 309 HOH A O   1 
HETATM 1008 O O   . HOH G 4 .   ? -3.212  15.493  3.019   1.00 10.59 ? 310 HOH A O   1 
HETATM 1009 O O   . HOH G 4 .   ? 1.798   -12.739 0.061   1.00 12.00 ? 311 HOH A O   1 
HETATM 1010 O O   . HOH G 4 .   ? -5.320  17.394  3.616   1.00 11.59 ? 312 HOH A O   1 
HETATM 1011 O O   . HOH G 4 .   ? 0.323   20.555  2.175   1.00 11.33 ? 313 HOH A O   1 
HETATM 1012 O O   . HOH G 4 .   ? 5.983   3.243   9.255   1.00 11.69 ? 314 HOH A O   1 
HETATM 1013 O O   . HOH G 4 .   ? 0.727   20.370  9.707   1.00 12.76 ? 315 HOH A O   1 
HETATM 1014 O O   . HOH G 4 .   ? 2.174   2.663   9.650   1.00 11.48 ? 316 HOH A O   1 
HETATM 1015 O O   . HOH G 4 .   ? -1.772  18.295  8.288   1.00 14.73 ? 317 HOH A O   1 
HETATM 1016 O O   . HOH G 4 .   ? 0.890   -8.637  6.091   1.00 12.31 ? 318 HOH A O   1 
HETATM 1017 O O   . HOH G 4 .   ? 4.880   -14.125 3.490   1.00 14.96 ? 319 HOH A O   1 
HETATM 1018 O O   . HOH G 4 .   ? 1.960   17.902  -2.245  1.00 13.57 ? 320 HOH A O   1 
HETATM 1019 O O   . HOH G 4 .   ? -0.226  -10.309 7.866   1.00 14.10 ? 321 HOH A O   1 
HETATM 1020 O O   . HOH G 4 .   ? 0.373   7.129   10.046  1.00 13.41 ? 322 HOH A O   1 
HETATM 1021 O O   . HOH G 4 .   ? 4.759   -8.685  -1.577  1.00 12.05 ? 323 HOH A O   1 
HETATM 1022 O O   . HOH G 4 .   ? 10.240  7.284   9.230   1.00 15.31 ? 324 HOH A O   1 
HETATM 1023 O O   . HOH G 4 .   ? 4.798   20.629  2.955   1.00 14.37 ? 325 HOH A O   1 
HETATM 1024 O O   . HOH G 4 .   ? 0.707   -15.398 2.766   1.00 17.28 ? 326 HOH A O   1 
HETATM 1025 O O   . HOH G 4 .   ? 3.435   -8.755  7.342   1.00 13.92 ? 327 HOH A O   1 
HETATM 1026 O O   . HOH G 4 .   ? 6.081   17.680  0.506   1.00 16.56 ? 328 HOH A O   1 
HETATM 1027 O O   . HOH G 4 .   ? -7.413  -1.682  15.238  1.00 16.27 ? 329 HOH A O   1 
HETATM 1028 O O   . HOH G 4 .   ? -7.135  13.188  9.190   1.00 16.60 ? 330 HOH A O   1 
HETATM 1029 O O   . HOH G 4 .   ? -0.030  -16.221 -1.704  1.00 17.07 ? 331 HOH A O   1 
HETATM 1030 O O   . HOH G 4 .   ? 6.263   -5.824  -11.629 1.00 17.53 ? 332 HOH A O   1 
HETATM 1031 O O   . HOH G 4 .   ? 0.228   17.474  -4.270  1.00 15.42 ? 333 HOH A O   1 
HETATM 1032 O O   . HOH G 4 .   ? -6.139  -13.047 5.503   1.00 16.18 ? 334 HOH A O   1 
HETATM 1033 O O   . HOH G 4 .   ? -18.874 -8.354  -7.484  1.00 18.73 ? 335 HOH A O   1 
HETATM 1034 O O   . HOH G 4 .   ? 8.699   4.426   11.347  1.00 18.61 ? 336 HOH A O   1 
HETATM 1035 O O   . HOH G 4 .   ? 12.829  16.680  8.509   1.00 19.51 ? 337 HOH A O   1 
HETATM 1036 O O   . HOH G 4 .   ? -1.483  6.889   -2.251  1.00 19.34 ? 338 HOH A O   1 
HETATM 1037 O O   . HOH G 4 .   ? 16.857  14.958  6.530   1.00 18.25 ? 339 HOH A O   1 
HETATM 1038 O O   . HOH G 4 .   ? 3.881   -9.312  -10.035 1.00 19.48 ? 340 HOH A O   1 
HETATM 1039 O O   . HOH G 4 .   ? 11.739  18.421  6.711   1.00 21.24 ? 341 HOH A O   1 
HETATM 1040 O O   . HOH G 4 .   ? 11.493  12.129  -1.038  1.00 19.70 ? 342 HOH A O   1 
HETATM 1041 O O   . HOH G 4 .   ? -0.026  15.713  -10.868 1.00 31.75 ? 343 HOH A O   1 
HETATM 1042 O O   . HOH G 4 .   ? -2.732  6.650   10.057  1.00 18.84 ? 344 HOH A O   1 
HETATM 1043 O O   . HOH G 4 .   ? -2.018  -6.376  -8.987  1.00 20.43 ? 345 HOH A O   1 
HETATM 1044 O O   . HOH G 4 .   ? 9.079   7.453   -3.709  1.00 17.50 ? 346 HOH A O   1 
HETATM 1045 O O   . HOH G 4 .   ? 13.644  -1.369  6.239   1.00 25.29 ? 347 HOH A O   1 
HETATM 1046 O O   . HOH G 4 .   ? 7.455   15.516  4.089   1.00 21.04 ? 348 HOH A O   1 
HETATM 1047 O O   . HOH G 4 .   ? -8.760  17.636  10.942  1.00 21.31 ? 349 HOH A O   1 
HETATM 1048 O O   . HOH G 4 .   ? 6.074   -9.126  10.289  1.00 19.12 ? 350 HOH A O   1 
HETATM 1049 O O   . HOH G 4 .   ? 7.488   12.368  5.508   1.00 19.36 ? 351 HOH A O   1 
HETATM 1050 O O   . HOH G 4 .   ? -6.844  -13.325 -9.997  1.00 22.76 ? 352 HOH A O   1 
HETATM 1051 O O   . HOH G 4 .   ? 3.294   15.162  12.636  1.00 25.94 ? 353 HOH A O   1 
HETATM 1052 O O   . HOH G 4 .   ? 0.982   17.474  -9.052  1.00 21.83 ? 354 HOH A O   1 
HETATM 1053 O O   . HOH G 4 .   ? 7.250   11.174  -1.290  1.00 25.05 ? 355 HOH A O   1 
HETATM 1054 O O   . HOH G 4 .   ? -3.015  15.510  10.293  1.00 26.20 ? 356 HOH A O   1 
HETATM 1055 O O   . HOH G 4 .   ? 1.665   19.876  -0.382  1.00 18.80 ? 357 HOH A O   1 
HETATM 1056 O O   . HOH G 4 .   ? 12.129  13.581  -5.457  1.00 47.39 ? 358 HOH A O   1 
HETATM 1057 O O   . HOH G 4 .   ? 10.541  -7.588  -10.877 1.00 29.81 ? 359 HOH A O   1 
HETATM 1058 O O   . HOH G 4 .   ? 10.100  -11.850 1.664   1.00 21.62 ? 360 HOH A O   1 
HETATM 1059 O O   . HOH G 4 .   ? 12.530  -8.991  8.779   1.00 24.60 ? 361 HOH A O   1 
HETATM 1060 O O   . HOH G 4 .   ? -7.617  -5.527  -5.441  1.00 22.05 ? 362 HOH A O   1 
HETATM 1061 O O   . HOH G 4 .   ? 4.052   -12.354 7.252   1.00 22.49 ? 363 HOH A O   1 
HETATM 1062 O O   . HOH G 4 .   ? 7.766   12.663  9.354   1.00 24.16 ? 364 HOH A O   1 
HETATM 1063 O O   . HOH G 4 .   ? 0.611   -13.712 8.665   1.00 23.32 ? 365 HOH A O   1 
HETATM 1064 O O   . HOH G 4 .   ? 20.844  -1.106  5.853   1.00 29.09 ? 366 HOH A O   1 
HETATM 1065 O O   . HOH G 4 .   ? -9.147  2.969   9.559   1.00 20.23 ? 367 HOH A O   1 
HETATM 1066 O O   . HOH G 4 .   ? 13.106  -4.492  -10.978 1.00 24.84 ? 368 HOH A O   1 
HETATM 1067 O O   . HOH G 4 .   ? 6.774   17.070  -10.337 1.00 32.44 ? 369 HOH A O   1 
HETATM 1068 O O   . HOH G 4 .   ? -14.043 -7.816  11.720  1.00 28.51 ? 370 HOH A O   1 
HETATM 1069 O O   . HOH G 4 .   ? 13.787  -2.309  3.832   1.00 24.05 ? 371 HOH A O   1 
HETATM 1070 O O   . HOH G 4 .   ? 14.038  4.287   9.717   1.00 32.85 ? 372 HOH A O   1 
HETATM 1071 O O   . HOH G 4 .   ? -13.292 -4.955  4.969   1.00 21.55 ? 373 HOH A O   1 
HETATM 1072 O O   . HOH G 4 .   ? 23.752  -0.786  5.017   1.00 32.55 ? 374 HOH A O   1 
HETATM 1073 O O   . HOH G 4 .   ? 1.960   -11.298 -14.474 1.00 25.75 ? 375 HOH A O   1 
HETATM 1074 O O   . HOH G 4 .   ? -4.293  -1.895  -12.042 1.00 24.00 ? 376 HOH A O   1 
HETATM 1075 O O   . HOH G 4 .   ? -9.480  -17.650 -5.063  1.00 29.86 ? 377 HOH A O   1 
HETATM 1076 O O   . HOH G 4 .   ? -6.443  -17.367 0.504   1.00 26.03 ? 378 HOH A O   1 
HETATM 1077 O O   . HOH G 4 .   ? 9.616   10.096  -3.972  1.00 20.63 ? 379 HOH A O   1 
HETATM 1078 O O   . HOH G 4 .   ? 15.076  14.149  1.018   1.00 23.60 ? 380 HOH A O   1 
HETATM 1079 O O   . HOH G 4 .   ? -2.968  -17.530 1.534   1.00 26.60 ? 381 HOH A O   1 
HETATM 1080 O O   . HOH G 4 .   ? 4.575   18.417  11.035  1.00 23.34 ? 382 HOH A O   1 
HETATM 1081 O O   . HOH G 4 .   ? -19.642 -11.778 3.541   1.00 47.52 ? 383 HOH A O   1 
HETATM 1082 O O   . HOH G 4 .   ? 9.831   -4.603  -12.244 1.00 27.27 ? 384 HOH A O   1 
HETATM 1083 O O   . HOH G 4 .   ? 14.299  5.126   -6.495  1.00 31.41 ? 385 HOH A O   1 
HETATM 1084 O O   . HOH G 4 .   ? 5.904   12.874  -10.245 1.00 40.61 ? 386 HOH A O   1 
HETATM 1085 O O   . HOH G 4 .   ? -5.458  4.008   13.632  1.00 24.63 ? 387 HOH A O   1 
HETATM 1086 O O   . HOH G 4 .   ? -6.659  9.374   4.138   1.00 23.13 ? 388 HOH A O   1 
HETATM 1087 O O   . HOH G 4 .   ? 10.164  19.637  -3.544  1.00 32.19 ? 389 HOH A O   1 
HETATM 1088 O O   . HOH G 4 .   ? 7.549   -10.418 -11.436 1.00 38.76 ? 390 HOH A O   1 
HETATM 1089 O O   . HOH G 4 .   ? -11.880 -12.652 7.691   1.00 29.18 ? 391 HOH A O   1 
HETATM 1090 O O   . HOH G 4 .   ? 9.193   12.313  -2.430  1.00 20.60 ? 392 HOH A O   1 
HETATM 1091 O O   . HOH G 4 .   ? 8.296   -13.442 5.693   1.00 24.02 ? 393 HOH A O   1 
HETATM 1092 O O   . HOH G 4 .   ? -12.011 -2.617  6.456   1.00 26.08 ? 394 HOH A O   1 
HETATM 1093 O O   . HOH G 4 .   ? -12.648 -5.856  -1.839  1.00 26.50 ? 395 HOH A O   1 
HETATM 1094 O O   . HOH G 4 .   ? 12.259  -12.091 0.233   1.00 26.77 ? 396 HOH A O   1 
HETATM 1095 O O   . HOH G 4 .   ? 3.574   10.739  11.628  1.00 29.02 ? 397 HOH A O   1 
HETATM 1096 O O   . HOH G 4 .   ? 17.664  9.097   -0.015  1.00 29.99 ? 398 HOH A O   1 
HETATM 1097 O O   . HOH G 4 .   ? -9.100  -15.230 1.855   1.00 35.06 ? 399 HOH A O   1 
HETATM 1098 O O   . HOH G 4 .   ? 6.608   -15.684 5.058   1.00 32.51 ? 400 HOH A O   1 
HETATM 1099 O O   . HOH G 4 .   ? -8.652  12.164  -0.451  1.00 30.28 ? 401 HOH A O   1 
HETATM 1100 O O   . HOH G 4 .   ? 0.497   -17.707 -8.634  1.00 29.56 ? 402 HOH A O   1 
HETATM 1101 O O   . HOH G 4 .   ? -10.639 -7.739  -5.988  1.00 26.35 ? 403 HOH A O   1 
HETATM 1102 O O   . HOH G 4 .   ? -18.023 -15.470 -3.677  1.00 36.77 ? 404 HOH A O   1 
HETATM 1103 O O   . HOH G 4 .   ? -12.431 -15.740 -1.850  1.00 35.94 ? 405 HOH A O   1 
HETATM 1104 O O   . HOH G 4 .   ? -11.837 -13.350 0.353   1.00 24.71 ? 406 HOH A O   1 
HETATM 1105 O O   . HOH G 4 .   ? 20.922  4.445   0.876   1.00 31.62 ? 407 HOH A O   1 
HETATM 1106 O O   . HOH G 4 .   ? -21.777 -17.471 -4.194  1.00 45.75 ? 408 HOH A O   1 
HETATM 1107 O O   . HOH G 4 .   ? 19.843  14.419  8.928   1.00 25.50 ? 409 HOH A O   1 
HETATM 1108 O O   . HOH G 4 .   ? -13.006 -0.725  10.239  1.00 34.94 ? 410 HOH A O   1 
HETATM 1109 O O   . HOH G 4 .   ? 10.042  0.673   10.395  1.00 18.16 ? 411 HOH A O   1 
HETATM 1110 O O   . HOH G 4 .   ? 20.555  11.178  7.634   1.00 33.04 ? 412 HOH A O   1 
HETATM 1111 O O   . HOH G 4 .   ? 4.054   -9.975  -12.635 1.00 27.53 ? 413 HOH A O   1 
HETATM 1112 O O   . HOH G 4 .   ? 16.569  -7.658  1.367   1.00 31.96 ? 414 HOH A O   1 
HETATM 1113 O O   . HOH G 4 .   ? 13.352  15.707  -2.977  1.00 32.12 ? 415 HOH A O   1 
HETATM 1114 O O   . HOH G 4 .   ? 14.680  16.963  1.054   1.00 36.82 ? 416 HOH A O   1 
HETATM 1115 O O   . HOH G 4 .   ? -4.263  -12.251 -13.515 1.00 31.06 ? 417 HOH A O   1 
HETATM 1116 O O   . HOH G 4 .   ? -9.333  -18.573 -1.465  1.00 37.93 ? 418 HOH A O   1 
HETATM 1117 O O   . HOH G 4 .   ? -13.941 -10.573 8.157   1.00 37.48 ? 419 HOH A O   1 
HETATM 1118 O O   . HOH G 4 .   ? -12.235 14.181  11.007  1.00 33.27 ? 420 HOH A O   1 
HETATM 1119 O O   . HOH G 4 .   ? 14.507  7.299   -2.265  1.00 58.02 ? 421 HOH A O   1 
HETATM 1120 O O   . HOH G 4 .   ? -2.614  -5.671  -12.038 1.00 34.00 ? 422 HOH A O   1 
HETATM 1121 O O   . HOH G 4 .   ? 6.849   10.482  10.613  1.00 28.89 ? 423 HOH A O   1 
HETATM 1122 O O   . HOH G 4 .   ? 12.298  12.335  10.394  1.00 29.13 ? 424 HOH A O   1 
HETATM 1123 O O   . HOH G 4 .   ? -10.779 -7.160  12.860  1.00 31.71 ? 425 HOH A O   1 
HETATM 1124 O O   . HOH G 4 .   ? -11.783 7.019   7.500   1.00 26.40 ? 426 HOH A O   1 
HETATM 1125 O O   . HOH G 4 .   ? -18.785 -9.586  -3.646  1.00 59.54 ? 427 HOH A O   1 
HETATM 1126 O O   . HOH G 4 .   ? -15.601 -1.429  11.311  1.00 48.50 ? 428 HOH A O   1 
HETATM 1127 O O   . HOH G 4 .   ? 22.929  6.201   3.359   1.00 42.91 ? 429 HOH A O   1 
HETATM 1128 O O   . HOH G 4 .   ? -19.760 -8.224  1.379   1.00 44.50 ? 430 HOH A O   1 
HETATM 1129 O O   . HOH G 4 .   ? -8.716  9.895   12.861  1.00 53.05 ? 431 HOH A O   1 
HETATM 1130 O O   . HOH G 4 .   ? 12.953  19.540  -2.044  1.00 43.09 ? 432 HOH A O   1 
HETATM 1131 O O   . HOH G 4 .   ? 9.817   17.040  4.518   1.00 50.25 ? 433 HOH A O   1 
HETATM 1132 O O   . HOH G 4 .   ? 9.674   -12.169 7.613   1.00 43.41 ? 434 HOH A O   1 
HETATM 1133 O O   . HOH G 4 .   ? -8.944  5.347   13.297  1.00 37.20 ? 435 HOH A O   1 
HETATM 1134 O O   . HOH G 4 .   ? 14.459  13.059  9.320   1.00 34.84 ? 436 HOH A O   1 
HETATM 1135 O O   . HOH G 4 .   ? -8.992  8.347   4.489   1.00 43.37 ? 437 HOH A O   1 
HETATM 1136 O O   . HOH G 4 .   ? 11.161  10.107  10.785  1.00 41.66 ? 438 HOH A O   1 
HETATM 1137 O O   . HOH G 4 .   ? 22.828  7.029   5.818   1.00 65.10 ? 439 HOH A O   1 
HETATM 1138 O O   . HOH G 4 .   ? -0.333  -17.510 -11.878 1.00 45.82 ? 440 HOH A O   1 
HETATM 1139 O O   . HOH G 4 .   ? 22.863  3.381   9.109   1.00 48.38 ? 441 HOH A O   1 
HETATM 1140 O O   . HOH G 4 .   ? -16.982 -3.625  -4.667  1.00 42.25 ? 442 HOH A O   1 
HETATM 1141 O O   . HOH G 4 .   ? 15.588  11.124  -1.031  1.00 39.25 ? 443 HOH A O   1 
HETATM 1142 O O   . HOH G 4 .   ? -6.878  -15.923 3.317   1.00 31.41 ? 444 HOH A O   1 
HETATM 1143 O O   . HOH G 4 .   ? -0.677  -18.553 -2.775  1.00 36.64 ? 445 HOH A O   1 
HETATM 1144 O O   . HOH G 4 .   ? 19.932  2.643   8.682   1.00 33.93 ? 446 HOH A O   1 
HETATM 1145 O O   . HOH G 4 .   ? -6.923  12.252  11.942  1.00 69.56 ? 447 HOH A O   1 
HETATM 1146 O O   . HOH G 4 .   ? 19.762  10.061  2.592   1.00 42.02 ? 448 HOH A O   1 
HETATM 1147 O O   . HOH G 4 .   ? 20.841  7.445   0.915   1.00 36.91 ? 449 HOH A O   1 
HETATM 1148 O O   . HOH G 4 .   ? -5.757  10.709  15.700  1.00 37.87 ? 450 HOH A O   1 
HETATM 1149 O O   . HOH G 4 .   ? 0.479   -20.330 -7.465  1.00 41.75 ? 451 HOH A O   1 
HETATM 1150 O O   . HOH G 4 .   ? 20.542  9.756   4.755   1.00 38.65 ? 452 HOH A O   1 
HETATM 1151 O O   . HOH G 4 .   ? -15.068 -2.985  -2.443  1.00 59.17 ? 453 HOH A O   1 
HETATM 1152 O O   . HOH G 4 .   ? -12.131 -5.698  -5.285  1.00 40.57 ? 454 HOH A O   1 
HETATM 1153 O O   . HOH G 4 .   ? -3.267  11.490  16.374  1.00 34.07 ? 455 HOH A O   1 
HETATM 1154 O O   . HOH G 4 .   ? 6.963   -16.536 -10.670 1.00 52.16 ? 456 HOH A O   1 
HETATM 1155 O O   . HOH G 4 .   ? 9.489   14.667  -8.924  1.00 37.91 ? 457 HOH A O   1 
HETATM 1156 O O   . HOH G 4 .   ? 6.103   12.399  -7.444  1.00 24.85 ? 458 HOH A O   1 
HETATM 1157 O O   . HOH G 4 .   ? 7.297   9.947   -7.370  1.00 24.32 ? 459 HOH A O   1 
HETATM 1158 O O   . HOH G 4 .   ? 9.463   10.939  -6.532  1.00 26.19 ? 460 HOH A O   1 
HETATM 1159 O O   . HOH G 4 .   ? 3.201   4.003   -10.236 1.00 20.32 ? 461 HOH A O   1 
HETATM 1160 O O   . HOH G 4 .   ? 5.332   5.424   -9.279  1.00 21.19 ? 462 HOH A O   1 
HETATM 1161 O O   . HOH G 4 .   ? 15.307  15.465  8.473   1.00 23.41 ? 463 HOH A O   1 
HETATM 1162 O O   . HOH G 4 .   ? 0.667   15.040  -6.322  1.00 20.81 ? 464 HOH A O   1 
HETATM 1163 O O   . HOH G 4 .   ? 6.303   1.316   -9.357  1.00 16.83 ? 465 HOH A O   1 
HETATM 1164 O O   . HOH G 4 .   ? -10.846 2.404   7.547   1.00 23.61 ? 466 HOH A O   1 
HETATM 1165 O O   . HOH G 4 .   ? -9.117  6.485   3.069   1.00 33.44 ? 467 HOH A O   1 
HETATM 1166 O O   . HOH G 4 .   ? 7.700   3.136   -11.005 1.00 31.43 ? 468 HOH A O   1 
HETATM 1167 O O   . HOH G 4 .   ? 4.304   1.459   -13.773 1.00 30.46 ? 469 HOH A O   1 
HETATM 1168 O O   . HOH G 4 .   ? 5.283   20.465  10.597  1.00 30.32 ? 470 HOH A O   1 
HETATM 1169 O O   . HOH G 4 .   ? 4.063   1.539   -11.034 1.00 15.55 ? 471 HOH A O   1 
HETATM 1170 O O   . HOH G 4 .   ? 6.291   -11.315 8.587   1.00 25.78 ? 472 HOH A O   1 
HETATM 1171 O O   . HOH G 4 .   ? 10.891  9.083   -10.459 1.00 43.91 ? 473 HOH A O   1 
HETATM 1172 O O   . HOH G 4 .   ? 8.227   14.393  11.548  1.00 39.41 ? 474 HOH A O   1 
HETATM 1173 O O   . HOH G 4 .   ? 2.678   -15.712 4.625   1.00 26.71 ? 475 HOH A O   1 
HETATM 1174 O O   . HOH G 4 .   ? -0.380  -17.378 8.396   1.00 34.74 ? 476 HOH A O   1 
HETATM 1175 O O   . HOH G 4 .   ? -15.472 -10.468 6.202   1.00 59.18 ? 477 HOH A O   1 
HETATM 1176 O O   . HOH G 4 .   ? -9.973  0.795   5.435   1.00 23.50 ? 478 HOH A O   1 
HETATM 1177 O O   . HOH G 4 .   ? 7.132   16.172  13.495  1.00 45.80 ? 479 HOH A O   1 
HETATM 1178 O O   . HOH G 4 .   ? 0.189   -17.361 0.915   1.00 24.70 ? 480 HOH A O   1 
HETATM 1179 O O   . HOH G 4 .   ? -9.464  -1.870  5.250   1.00 20.24 ? 481 HOH A O   1 
HETATM 1180 O O   . HOH G 4 .   ? 0.587   0.555   9.016   1.00 10.35 ? 482 HOH A O   1 
HETATM 1181 O O   . HOH G 4 .   ? -5.699  15.831  9.492   1.00 20.12 ? 483 HOH A O   1 
HETATM 1182 O O   . HOH G 4 .   ? -7.947  8.350   2.112   1.00 34.03 ? 484 HOH A O   1 
HETATM 1183 O O   . HOH G 4 .   ? 6.813   22.351  11.650  1.00 27.91 ? 485 HOH A O   1 
HETATM 1184 O O   . HOH G 4 .   ? 17.251  12.787  0.080   1.00 29.56 ? 486 HOH A O   1 
HETATM 1185 O O   . HOH G 4 .   ? 16.939  -1.295  5.773   1.00 34.37 ? 487 HOH A O   1 
HETATM 1186 O O   . HOH G 4 .   ? -19.936 -11.832 -4.057  1.00 48.35 ? 488 HOH A O   1 
HETATM 1187 O O   . HOH G 4 .   ? -0.054  10.328  -7.137  1.00 19.88 ? 489 HOH A O   1 
HETATM 1188 O O   . HOH G 4 .   ? -1.658  12.606  -7.753  1.00 30.52 ? 490 HOH A O   1 
HETATM 1189 O O   . HOH G 4 .   ? -21.138 -8.818  -6.415  1.00 31.36 ? 491 HOH A O   1 
HETATM 1190 O O   . HOH G 4 .   ? -13.953 -13.088 1.862   1.00 37.80 ? 492 HOH A O   1 
HETATM 1191 O O   . HOH G 4 .   ? 2.028   -11.446 9.043   1.00 21.10 ? 493 HOH A O   1 
HETATM 1192 O O   . HOH G 4 .   ? -8.866  10.516  2.529   1.00 39.74 ? 494 HOH A O   1 
HETATM 1193 O O   . HOH G 4 .   ? -16.571 -8.108  10.741  1.00 45.97 ? 495 HOH A O   1 
HETATM 1194 O O   . HOH G 4 .   ? 13.655  13.710  -1.318  1.00 24.48 ? 496 HOH A O   1 
HETATM 1195 O O   . HOH G 4 .   ? 12.786  1.252   6.662   1.00 20.26 ? 497 HOH A O   1 
HETATM 1196 O O   . HOH G 4 .   ? 17.316  6.807   -2.819  1.00 40.30 ? 498 HOH A O   1 
HETATM 1197 O O   . HOH G 4 .   ? -0.744  -15.113 -13.645 1.00 40.27 ? 499 HOH A O   1 
HETATM 1198 O O   . HOH G 4 .   ? 19.854  5.324   -1.362  1.00 30.46 ? 500 HOH A O   1 
HETATM 1199 O O   . HOH G 4 .   ? -15.323 -12.415 4.678   1.00 46.91 ? 501 HOH A O   1 
HETATM 1200 O O   . HOH G 4 .   ? -2.960  3.162   -1.693  1.00 28.84 ? 502 HOH A O   1 
HETATM 1201 O O   . HOH G 4 .   ? -12.365 4.257   6.490   1.00 32.80 ? 503 HOH A O   1 
HETATM 1202 O O   . HOH G 4 .   ? -8.688  3.714   3.210   1.00 20.84 ? 504 HOH A O   1 
HETATM 1203 O O   . HOH G 4 .   ? -7.810  -0.946  -1.348  1.00 28.14 ? 505 HOH A O   1 
HETATM 1204 O O   . HOH G 4 .   ? 17.426  -1.279  8.545   1.00 37.92 ? 506 HOH A O   1 
HETATM 1205 O O   . HOH G 4 .   ? 19.307  12.437  -1.819  1.00 55.93 ? 507 HOH A O   1 
HETATM 1206 O O   . HOH G 4 .   ? 6.184   14.072  13.950  1.00 45.40 ? 508 HOH A O   1 
HETATM 1207 O O   . HOH G 4 .   ? -16.281 -1.821  -0.451  1.00 42.63 ? 509 HOH A O   1 
HETATM 1208 O O   . HOH G 4 .   ? -11.379 8.123   5.286   1.00 36.03 ? 510 HOH A O   1 
HETATM 1209 O O   . HOH G 4 .   ? 6.132   14.455  5.597   1.00 22.07 ? 511 HOH A O   1 
HETATM 1210 O O   . HOH G 4 .   ? -0.831  18.114  -6.613  1.00 20.72 ? 512 HOH A O   1 
HETATM 1211 O O   . HOH G 4 .   ? 21.410  11.615  3.325   1.00 35.42 ? 513 HOH A O   1 
HETATM 1212 O O   . HOH G 4 .   ? 12.718  1.237   9.638   1.00 43.71 ? 514 HOH A O   1 
HETATM 1213 O O   . HOH G 4 .   ? 6.743   -12.956 -7.916  1.00 29.82 ? 515 HOH A O   1 
HETATM 1214 O O   . HOH G 4 .   ? 22.674  9.542   6.232   1.00 39.17 ? 516 HOH A O   1 
HETATM 1215 O O   . HOH G 4 .   ? 13.481  -7.605  -2.629  1.00 35.76 ? 517 HOH A O   1 
HETATM 1216 O O   . HOH G 4 .   ? 3.655   13.664  -11.783 1.00 38.96 ? 518 HOH A O   1 
HETATM 1217 O O   . HOH G 4 .   ? 1.165   13.458  -10.774 1.00 49.27 ? 519 HOH A O   1 
HETATM 1218 O O   . HOH G 4 .   ? 17.283  5.115   10.228  1.00 44.75 ? 520 HOH A O   1 
HETATM 1219 O O   . HOH G 4 .   ? 11.833  7.854   11.310  1.00 35.23 ? 521 HOH A O   1 
HETATM 1220 O O   . HOH G 4 .   ? 13.849  6.010   11.902  1.00 40.19 ? 522 HOH A O   1 
HETATM 1221 O O   . HOH G 4 .   ? -2.357  15.291  13.558  1.00 38.34 ? 523 HOH A O   1 
HETATM 1222 O O   . HOH G 4 .   ? -3.633  17.424  12.397  1.00 48.74 ? 524 HOH A O   1 
HETATM 1223 O O   . HOH G 4 .   ? -7.184  -18.853 -2.858  1.00 37.71 ? 525 HOH A O   1 
HETATM 1224 O O   . HOH G 4 .   ? -15.264 -6.037  -2.884  1.00 47.35 ? 526 HOH A O   1 
HETATM 1225 O O   . HOH G 4 .   ? -3.385  -0.411  0.162   1.00 16.45 ? 527 HOH A O   1 
HETATM 1226 O O   . HOH G 4 .   ? 2.384   5.201   -12.801 1.00 34.01 ? 528 HOH A O   1 
HETATM 1227 O O   . HOH G 4 .   ? -5.241  2.665   -0.154  1.00 34.40 ? 529 HOH A O   1 
HETATM 1228 O O   . HOH G 4 .   ? -10.687 0.759   0.644   1.00 34.20 ? 530 HOH A O   1 
HETATM 1229 O O   . HOH G 4 .   ? -0.759  -0.743  -3.936  1.00 39.64 ? 531 HOH A O   1 
HETATM 1230 O O   . HOH H 4 .   ? -13.125 -0.511  -3.431  1.00 54.25 ? 126 HOH I O   1 
HETATM 1231 O O   . HOH H 4 .   ? -1.166  8.880   -9.162  1.00 31.38 ? 224 HOH I O   1 
HETATM 1232 O O   . HOH H 4 .   ? -3.912  5.911   -2.836  1.00 33.06 ? 226 HOH I O   1 
HETATM 1233 O O   . HOH H 4 .   ? -0.480  5.996   -9.941  1.00 25.53 ? 227 HOH I O   1 
HETATM 1234 O O   . HOH H 4 .   ? 0.921   4.067   -8.502  1.00 32.49 ? 228 HOH I O   1 
# 
